data_8WGO
#
_entry.id   8WGO
#
_cell.length_a   1.00
_cell.length_b   1.00
_cell.length_c   1.00
_cell.angle_alpha   90.00
_cell.angle_beta   90.00
_cell.angle_gamma   90.00
#
_symmetry.space_group_name_H-M   'P 1'
#
loop_
_entity.id
_entity.type
_entity.pdbx_description
1 polymer 'Protein kinase domain-containing protein'
2 polymer 'SapB/AmfS family lantipeptide'
3 non-polymer 'MAGNESIUM ION'
4 non-polymer "5'-GUANOSINE-DIPHOSPHATE-MONOTHIOPHOSPHATE"
5 non-polymer 'PHOSPHATE ION'
6 water water
#
loop_
_entity_poly.entity_id
_entity_poly.type
_entity_poly.pdbx_seq_one_letter_code
_entity_poly.pdbx_strand_id
1 'polypeptide(L)'
;MDYNFNLEHPFFFTNNDYSTDTSIKYQASLPFNWHEVMNNDEWVYQYPIGKFVERQGWKIHISSEYNSSHELLQDVAKIC
HEMRIPFKHLSTEDKFIMRNGKLVSRGFSGKFITCYPNQNELESVLQRLESALKQYNGPYILSDKRWDEAPIYLRYGVFR
PSRDDEKKVAIDELIVGDEVVKDERLPVFKIPKGIVPPDFLNKWLDKKDKKQGDFPFIIDNAIRFSNSGGIYNARLKEDG
KKIILKEARPYTGLGFDGTYSSEKLASECKALKILNEWSEAPKIYWHGKIWEHTFLGIEHMKGVPLNRWVTNNFPLYEVV
DKTKDYLLRVSKIVEKLIDLTNKFHSENVYHQDLHLGNILVKDEDEISIIDWEQAVFSNDEKVVHKVAAPGFRAWRETLP
SEIDWYGIRQIAHYLYMPLVTTSDLTYNYVSQTRIEGKKLFESLGYTREHIDYVESLLSYLDSKCPQIENISRKKVLKPM
HEIRTIESEQDIQDFIIKLLRGFTLTYGQWRKEFQSRFFPVHYYGLNFNQGIAFSDLAILWSYQQLAKKVKNFKFDDYYE
IRTQVINEAVNNFKKSSLSGLFDGKIGTIWLIYEFGEIDRAVELFTTHFIEIFENSQNKNLYSGQAGILLVGLYFLSKGE
IDNKLGEEILIRLREYTLNYIENPETFCKVGASDVQSNDPYENFGGLLYGHAGVAWLFGEAYKLTGESIYKNGLELAVDK
ELVAYKVDSNNSLQYSQGHRLLPYLATGSAGLLLLINRNKEILSSKYLKYLTSLERATDVVFCVLPGLFNGFCGLEVANN
IYSDIDDNFSGQKKLIEQLYRYLCVIEEGFVIAGDNGLKITTDIASGFAGVAIGLVSIMDNKLTILPQI
;
A,B
2 'polypeptide(L)' FQGMAEEVLNLQLVSVQVDETDEVDGMRFSTFSTNRCGN(UNK)(UNK)(UNK)(UNK)(UNK)(UNK) C
#
# COMPACT_ATOMS: atom_id res chain seq x y z
N MET A 1 -17.74 -0.33 7.80
CA MET A 1 -17.61 -1.76 8.00
C MET A 1 -18.21 -2.47 6.84
N ASP A 2 -18.59 -3.71 7.03
CA ASP A 2 -19.25 -4.44 5.96
C ASP A 2 -18.51 -4.26 4.65
N TYR A 3 -17.38 -4.92 4.50
CA TYR A 3 -16.58 -4.80 3.30
C TYR A 3 -17.04 -5.68 2.18
N ASN A 4 -16.12 -6.19 1.37
CA ASN A 4 -16.42 -7.17 0.31
C ASN A 4 -16.78 -6.58 -1.05
N PHE A 5 -18.03 -6.19 -1.30
CA PHE A 5 -18.47 -5.55 -2.55
C PHE A 5 -17.20 -5.23 -3.20
N ASN A 6 -16.62 -4.16 -2.76
CA ASN A 6 -15.28 -3.90 -3.17
C ASN A 6 -14.65 -3.45 -1.89
N LEU A 7 -15.16 -2.39 -1.27
CA LEU A 7 -14.66 -2.04 0.07
C LEU A 7 -15.22 -0.88 0.85
N GLU A 8 -14.42 -0.44 1.80
CA GLU A 8 -14.83 0.64 2.62
C GLU A 8 -14.24 1.81 2.03
N HIS A 9 -13.71 2.68 2.85
CA HIS A 9 -12.99 3.85 2.46
C HIS A 9 -14.01 4.98 2.34
N PRO A 10 -13.71 6.17 2.91
CA PRO A 10 -14.60 7.32 2.70
C PRO A 10 -14.60 7.77 1.25
N PHE A 11 -15.67 8.47 0.89
CA PHE A 11 -15.96 8.96 -0.46
C PHE A 11 -15.79 7.65 -1.22
N PHE A 12 -14.86 7.63 -2.17
CA PHE A 12 -14.82 6.82 -3.38
C PHE A 12 -14.83 5.33 -3.06
N PHE A 13 -15.17 4.53 -4.06
CA PHE A 13 -14.84 3.12 -4.02
C PHE A 13 -13.39 2.90 -4.43
N THR A 14 -12.92 1.67 -4.23
CA THR A 14 -11.56 1.31 -4.62
C THR A 14 -11.50 -0.19 -4.87
N ASN A 15 -10.37 -0.63 -5.41
CA ASN A 15 -10.16 -2.03 -5.73
C ASN A 15 -9.86 -2.83 -4.47
N ASN A 16 -9.72 -4.15 -4.63
CA ASN A 16 -9.54 -5.06 -3.50
C ASN A 16 -8.06 -5.18 -3.12
N ASP A 17 -7.48 -4.03 -2.74
CA ASP A 17 -6.11 -3.97 -2.28
C ASP A 17 -5.94 -3.01 -1.12
N TYR A 18 -6.97 -2.87 -0.28
CA TYR A 18 -6.98 -1.85 0.76
C TYR A 18 -6.95 -2.42 2.18
N SER A 19 -7.29 -3.70 2.36
CA SER A 19 -7.22 -4.34 3.67
C SER A 19 -5.76 -4.64 4.00
N THR A 20 -5.13 -3.72 4.74
CA THR A 20 -3.67 -3.71 4.84
C THR A 20 -3.11 -4.40 6.09
N ASP A 21 -3.46 -3.91 7.27
CA ASP A 21 -2.53 -4.06 8.39
C ASP A 21 -3.32 -3.91 9.71
N THR A 22 -2.63 -3.57 10.81
CA THR A 22 -3.11 -3.33 12.19
C THR A 22 -3.96 -4.48 12.74
N SER A 23 -3.30 -5.64 12.84
CA SER A 23 -3.69 -6.71 13.75
C SER A 23 -2.45 -7.56 14.04
N ILE A 24 -2.37 -8.07 15.26
CA ILE A 24 -1.19 -8.83 15.68
C ILE A 24 -1.21 -10.21 15.04
N LYS A 25 -0.03 -10.75 14.80
CA LYS A 25 0.14 -11.98 14.05
C LYS A 25 0.21 -13.18 14.98
N TYR A 26 0.57 -14.33 14.42
CA TYR A 26 0.51 -15.57 15.18
C TYR A 26 1.90 -16.12 15.52
N GLN A 27 2.81 -16.18 14.53
CA GLN A 27 4.27 -16.21 14.75
C GLN A 27 4.72 -17.45 15.54
N ALA A 28 4.66 -18.61 14.88
CA ALA A 28 4.70 -19.92 15.53
C ALA A 28 6.10 -20.49 15.71
N SER A 29 7.13 -19.65 15.93
CA SER A 29 8.42 -20.01 16.56
C SER A 29 9.18 -21.09 15.80
N LEU A 30 9.69 -20.70 14.63
CA LEU A 30 10.44 -21.60 13.75
C LEU A 30 11.74 -22.07 14.38
N PRO A 31 12.04 -23.38 14.33
CA PRO A 31 13.39 -23.86 14.69
C PRO A 31 14.33 -23.81 13.52
N PHE A 32 15.53 -24.37 13.68
CA PHE A 32 16.46 -24.50 12.56
C PHE A 32 16.09 -25.73 11.72
N ASN A 33 16.77 -25.84 10.56
CA ASN A 33 16.56 -26.88 9.54
C ASN A 33 15.13 -26.89 8.99
N TRP A 34 14.44 -25.76 9.07
CA TRP A 34 13.07 -25.62 8.55
C TRP A 34 12.96 -24.30 7.78
N HIS A 35 11.78 -23.94 7.35
CA HIS A 35 11.56 -22.71 6.58
C HIS A 35 10.07 -22.36 6.59
N GLU A 36 9.65 -21.12 6.46
CA GLU A 36 8.27 -20.65 6.53
C GLU A 36 8.08 -19.85 5.22
N VAL A 37 7.00 -20.09 4.50
CA VAL A 37 6.73 -19.43 3.22
C VAL A 37 5.38 -18.73 3.33
N MET A 38 5.38 -17.41 3.17
CA MET A 38 4.15 -16.63 3.09
C MET A 38 3.80 -16.49 1.61
N ASN A 39 2.71 -17.10 1.19
CA ASN A 39 2.42 -17.27 -0.23
C ASN A 39 1.20 -16.48 -0.69
N ASN A 40 0.04 -16.68 -0.07
CA ASN A 40 -1.22 -16.11 -0.54
C ASN A 40 -1.72 -15.01 0.37
N ASP A 41 -0.81 -14.41 1.15
CA ASP A 41 -1.06 -13.35 2.13
C ASP A 41 -2.05 -13.76 3.23
N GLU A 42 -2.29 -15.04 3.40
CA GLU A 42 -3.21 -15.59 4.39
C GLU A 42 -2.59 -16.73 5.20
N TRP A 43 -1.74 -17.52 4.59
CA TRP A 43 -1.18 -18.68 5.23
C TRP A 43 0.33 -18.78 5.20
N VAL A 44 1.01 -19.24 6.24
CA VAL A 44 2.45 -19.46 6.27
C VAL A 44 2.70 -20.97 6.34
N TYR A 45 3.52 -21.47 5.42
CA TYR A 45 3.67 -22.90 5.20
C TYR A 45 5.11 -23.28 5.52
N GLN A 46 5.28 -24.33 6.32
CA GLN A 46 6.58 -24.69 6.89
C GLN A 46 7.05 -26.03 6.32
N TYR A 47 8.15 -26.10 5.61
CA TYR A 47 8.51 -27.39 5.12
C TYR A 47 9.72 -27.92 5.75
N PRO A 48 9.68 -29.15 6.16
CA PRO A 48 10.92 -29.77 6.66
C PRO A 48 11.89 -29.92 5.50
N ILE A 49 13.15 -29.53 5.69
CA ILE A 49 14.09 -29.45 4.58
C ILE A 49 14.57 -30.85 4.22
N GLY A 50 14.31 -31.26 2.98
CA GLY A 50 14.75 -32.56 2.51
C GLY A 50 13.83 -33.70 2.88
N LYS A 51 12.53 -33.57 2.59
CA LYS A 51 11.58 -34.65 2.81
C LYS A 51 10.59 -34.70 1.67
N PHE A 52 10.46 -35.87 1.05
CA PHE A 52 9.47 -36.07 0.01
C PHE A 52 8.08 -36.25 0.60
N VAL A 53 7.11 -35.53 0.05
CA VAL A 53 5.72 -35.63 0.46
C VAL A 53 4.92 -36.26 -0.68
N GLU A 54 3.80 -36.87 -0.34
CA GLU A 54 3.01 -37.63 -1.30
C GLU A 54 1.77 -36.85 -1.74
N ARG A 55 1.49 -36.89 -3.04
CA ARG A 55 0.31 -36.24 -3.58
C ARG A 55 -0.95 -36.96 -3.12
N GLN A 56 -2.05 -36.21 -3.00
CA GLN A 56 -3.30 -36.60 -2.34
C GLN A 56 -2.98 -37.06 -0.91
N GLY A 57 -3.77 -37.99 -0.39
CA GLY A 57 -3.66 -38.43 0.99
C GLY A 57 -4.81 -37.93 1.83
N TRP A 58 -4.58 -37.91 3.14
CA TRP A 58 -5.59 -37.50 4.12
C TRP A 58 -5.09 -36.27 4.87
N LYS A 59 -5.73 -35.13 4.63
CA LYS A 59 -5.41 -33.91 5.36
C LYS A 59 -5.98 -33.99 6.78
N ILE A 60 -5.47 -33.11 7.64
CA ILE A 60 -5.92 -33.00 9.02
C ILE A 60 -6.35 -31.56 9.25
N HIS A 61 -7.60 -31.37 9.69
CA HIS A 61 -8.16 -30.05 9.92
C HIS A 61 -8.33 -29.84 11.42
N ILE A 62 -7.78 -28.73 11.92
CA ILE A 62 -7.84 -28.38 13.34
C ILE A 62 -8.55 -27.03 13.45
N SER A 63 -9.56 -26.97 14.31
CA SER A 63 -10.35 -25.77 14.51
C SER A 63 -9.98 -25.12 15.85
N SER A 64 -10.57 -23.95 16.10
CA SER A 64 -10.21 -23.17 17.28
C SER A 64 -11.34 -22.21 17.63
N GLU A 65 -11.33 -21.77 18.89
CA GLU A 65 -12.13 -20.64 19.32
C GLU A 65 -11.24 -19.41 19.43
N TYR A 66 -11.87 -18.25 19.66
CA TYR A 66 -11.11 -16.99 19.64
C TYR A 66 -10.30 -16.78 20.91
N ASN A 67 -10.80 -17.22 22.06
CA ASN A 67 -10.14 -16.90 23.33
C ASN A 67 -8.86 -17.70 23.52
N SER A 68 -8.88 -18.98 23.16
CA SER A 68 -7.74 -19.87 23.33
C SER A 68 -7.12 -20.26 22.00
N SER A 69 -7.06 -19.30 21.06
CA SER A 69 -6.47 -19.57 19.75
C SER A 69 -4.95 -19.63 19.81
N HIS A 70 -4.34 -18.86 20.70
CA HIS A 70 -2.88 -18.78 20.77
C HIS A 70 -2.24 -20.00 21.43
N GLU A 71 -3.03 -20.85 22.08
CA GLU A 71 -2.46 -22.01 22.76
C GLU A 71 -2.36 -23.23 21.85
N LEU A 72 -3.24 -23.32 20.83
CA LEU A 72 -3.17 -24.42 19.89
C LEU A 72 -1.91 -24.37 19.04
N LEU A 73 -1.40 -23.18 18.72
CA LEU A 73 -0.14 -23.12 18.00
C LEU A 73 1.01 -23.61 18.86
N GLN A 74 1.06 -23.23 20.14
CA GLN A 74 2.14 -23.68 21.00
C GLN A 74 1.97 -25.13 21.45
N ASP A 75 0.79 -25.73 21.25
CA ASP A 75 0.59 -27.13 21.58
C ASP A 75 0.53 -28.04 20.35
N VAL A 76 0.55 -27.49 19.14
CA VAL A 76 0.55 -28.30 17.93
C VAL A 76 1.89 -28.15 17.22
N ALA A 77 2.48 -26.95 17.23
CA ALA A 77 3.81 -26.78 16.67
C ALA A 77 4.88 -27.48 17.51
N LYS A 78 4.65 -27.59 18.83
CA LYS A 78 5.57 -28.36 19.66
C LYS A 78 5.49 -29.84 19.32
N ILE A 79 4.31 -30.32 18.95
CA ILE A 79 4.15 -31.70 18.50
C ILE A 79 4.80 -31.90 17.13
N CYS A 80 4.61 -30.94 16.22
CA CYS A 80 5.04 -31.14 14.83
C CYS A 80 6.50 -30.80 14.59
N HIS A 81 7.14 -30.04 15.49
CA HIS A 81 8.55 -29.71 15.29
C HIS A 81 9.44 -30.89 15.60
N GLU A 82 9.15 -31.65 16.65
CA GLU A 82 9.66 -33.01 16.74
C GLU A 82 8.93 -33.85 15.71
N MET A 83 9.59 -34.93 15.27
CA MET A 83 9.41 -35.64 13.98
C MET A 83 9.53 -34.90 12.65
N ARG A 84 8.60 -35.16 11.71
CA ARG A 84 8.58 -34.38 10.46
C ARG A 84 7.17 -34.33 9.90
N ILE A 85 6.39 -33.32 10.29
CA ILE A 85 5.06 -33.07 9.76
C ILE A 85 4.98 -31.63 9.29
N PRO A 86 4.76 -31.37 8.01
CA PRO A 86 4.55 -29.98 7.55
C PRO A 86 3.11 -29.53 7.76
N PHE A 87 2.97 -28.26 8.17
CA PHE A 87 1.66 -27.70 8.46
C PHE A 87 1.63 -26.23 8.03
N LYS A 88 0.42 -25.71 7.85
CA LYS A 88 0.25 -24.29 7.60
C LYS A 88 -0.97 -23.77 8.37
N HIS A 89 -0.93 -22.49 8.71
CA HIS A 89 -1.95 -21.86 9.54
C HIS A 89 -2.12 -20.41 9.12
N LEU A 90 -3.13 -19.76 9.69
CA LEU A 90 -3.44 -18.37 9.37
C LEU A 90 -2.38 -17.43 9.93
N SER A 91 -2.28 -16.26 9.31
CA SER A 91 -1.24 -15.29 9.64
C SER A 91 -1.76 -14.16 10.53
N THR A 92 -2.81 -13.45 10.10
CA THR A 92 -3.31 -12.29 10.81
C THR A 92 -4.59 -12.65 11.56
N GLU A 93 -4.91 -11.83 12.56
CA GLU A 93 -6.10 -12.07 13.36
C GLU A 93 -7.38 -11.67 12.64
N ASP A 94 -7.31 -10.70 11.73
CA ASP A 94 -8.50 -10.24 11.00
C ASP A 94 -9.08 -11.33 10.12
N LYS A 95 -8.21 -12.11 9.48
CA LYS A 95 -8.68 -13.25 8.71
C LYS A 95 -9.17 -14.39 9.59
N PHE A 96 -8.75 -14.45 10.85
CA PHE A 96 -9.38 -15.37 11.80
C PHE A 96 -10.76 -14.89 12.22
N ILE A 97 -10.96 -13.57 12.30
CA ILE A 97 -12.32 -13.02 12.52
C ILE A 97 -13.20 -13.35 11.32
N MET A 98 -12.68 -13.14 10.12
CA MET A 98 -13.46 -13.30 8.90
C MET A 98 -13.72 -14.77 8.55
N ARG A 99 -12.82 -15.67 8.93
CA ARG A 99 -12.98 -17.07 8.57
C ARG A 99 -14.10 -17.73 9.38
N ASN A 100 -14.25 -17.36 10.64
CA ASN A 100 -15.32 -17.87 11.48
C ASN A 100 -16.49 -16.90 11.59
N GLY A 101 -16.50 -15.84 10.80
CA GLY A 101 -17.49 -14.79 10.93
C GLY A 101 -18.83 -15.09 10.31
N LYS A 102 -19.49 -14.03 9.83
CA LYS A 102 -20.85 -14.13 9.29
C LYS A 102 -20.88 -14.13 7.77
N LEU A 103 -19.87 -13.56 7.11
CA LEU A 103 -19.94 -13.27 5.69
C LEU A 103 -19.57 -14.46 4.80
N VAL A 104 -18.63 -15.30 5.22
CA VAL A 104 -18.07 -16.33 4.35
C VAL A 104 -19.06 -17.48 4.15
N SER A 105 -18.80 -18.30 3.14
CA SER A 105 -19.66 -19.42 2.81
C SER A 105 -19.47 -20.56 3.82
N ARG A 106 -20.37 -21.53 3.76
CA ARG A 106 -20.33 -22.66 4.68
C ARG A 106 -19.24 -23.66 4.34
N GLY A 107 -18.67 -23.59 3.13
CA GLY A 107 -17.57 -24.48 2.78
C GLY A 107 -16.29 -24.15 3.52
N PHE A 108 -15.94 -22.85 3.58
CA PHE A 108 -14.72 -22.40 4.24
C PHE A 108 -15.11 -21.78 5.59
N SER A 109 -15.21 -22.63 6.60
CA SER A 109 -15.64 -22.19 7.93
C SER A 109 -14.89 -22.98 8.99
N GLY A 110 -13.96 -22.32 9.67
CA GLY A 110 -13.29 -22.90 10.82
C GLY A 110 -11.90 -23.46 10.55
N LYS A 111 -11.43 -23.44 9.30
CA LYS A 111 -10.10 -23.93 8.98
C LYS A 111 -9.06 -22.98 9.58
N PHE A 112 -8.30 -23.47 10.56
CA PHE A 112 -7.32 -22.61 11.21
C PHE A 112 -5.91 -23.19 11.19
N ILE A 113 -5.76 -24.49 11.40
CA ILE A 113 -4.48 -25.19 11.23
C ILE A 113 -4.73 -26.42 10.39
N THR A 114 -3.96 -26.58 9.31
CA THR A 114 -4.04 -27.75 8.46
C THR A 114 -2.70 -28.47 8.49
N CYS A 115 -2.71 -29.76 8.81
CA CYS A 115 -1.52 -30.57 8.86
C CYS A 115 -1.45 -31.48 7.65
N TYR A 116 -0.23 -31.89 7.28
CA TYR A 116 0.02 -32.77 6.14
C TYR A 116 0.83 -33.99 6.59
N PRO A 117 0.18 -34.97 7.21
CA PRO A 117 0.90 -36.21 7.54
C PRO A 117 1.09 -37.05 6.29
N ASN A 118 2.12 -37.89 6.32
CA ASN A 118 2.34 -38.84 5.25
C ASN A 118 1.44 -40.06 5.44
N GLN A 119 1.51 -40.98 4.47
CA GLN A 119 0.59 -42.12 4.49
C GLN A 119 0.95 -43.13 5.57
N ASN A 120 2.25 -43.37 5.78
CA ASN A 120 2.66 -44.44 6.69
C ASN A 120 2.95 -43.96 8.11
N GLU A 121 2.70 -42.69 8.43
CA GLU A 121 2.97 -42.17 9.76
C GLU A 121 1.80 -41.41 10.36
N LEU A 122 0.59 -41.62 9.83
CA LEU A 122 -0.59 -40.94 10.34
C LEU A 122 -1.06 -41.49 11.68
N GLU A 123 -0.69 -42.74 12.00
CA GLU A 123 -1.12 -43.40 13.23
C GLU A 123 -0.59 -42.68 14.46
N SER A 124 0.73 -42.45 14.49
CA SER A 124 1.35 -41.77 15.61
C SER A 124 0.92 -40.31 15.70
N VAL A 125 0.66 -39.69 14.55
CA VAL A 125 0.20 -38.30 14.51
C VAL A 125 -1.16 -38.17 15.18
N LEU A 126 -2.11 -39.03 14.82
CA LEU A 126 -3.44 -38.92 15.42
C LEU A 126 -3.46 -39.42 16.85
N GLN A 127 -2.68 -40.46 17.17
CA GLN A 127 -2.63 -40.97 18.53
C GLN A 127 -1.93 -39.99 19.48
N ARG A 128 -1.03 -39.16 18.95
CA ARG A 128 -0.43 -38.13 19.78
C ARG A 128 -1.32 -36.90 19.89
N LEU A 129 -1.99 -36.52 18.79
CA LEU A 129 -2.79 -35.30 18.80
C LEU A 129 -4.10 -35.49 19.54
N GLU A 130 -4.57 -36.74 19.70
CA GLU A 130 -5.78 -36.97 20.49
C GLU A 130 -5.52 -36.71 21.98
N SER A 131 -4.38 -37.17 22.50
CA SER A 131 -4.03 -36.93 23.89
C SER A 131 -3.32 -35.60 24.11
N ALA A 132 -2.94 -34.91 23.03
CA ALA A 132 -2.24 -33.65 23.16
C ALA A 132 -3.15 -32.51 23.61
N LEU A 133 -4.23 -32.24 22.87
CA LEU A 133 -5.04 -31.06 23.17
C LEU A 133 -6.05 -31.35 24.28
N LYS A 134 -7.07 -32.16 23.98
CA LYS A 134 -7.99 -32.81 24.92
C LYS A 134 -8.89 -31.85 25.73
N GLN A 135 -8.66 -30.53 25.64
CA GLN A 135 -9.40 -29.62 26.50
C GLN A 135 -9.97 -28.44 25.73
N TYR A 136 -9.36 -28.11 24.59
CA TYR A 136 -9.84 -26.99 23.79
C TYR A 136 -10.96 -27.44 22.87
N ASN A 137 -11.67 -26.46 22.32
CA ASN A 137 -12.86 -26.74 21.52
C ASN A 137 -13.09 -25.63 20.51
N GLY A 138 -13.90 -25.95 19.49
CA GLY A 138 -14.18 -25.02 18.42
C GLY A 138 -15.35 -25.45 17.56
N PRO A 139 -15.59 -24.74 16.47
CA PRO A 139 -16.69 -25.09 15.55
C PRO A 139 -16.44 -26.40 14.83
N TYR A 140 -17.51 -26.91 14.23
CA TYR A 140 -17.49 -28.27 13.69
C TYR A 140 -16.73 -28.40 12.38
N ILE A 141 -16.67 -27.32 11.58
CA ILE A 141 -16.18 -27.29 10.20
C ILE A 141 -16.96 -28.27 9.32
N LEU A 142 -17.82 -27.74 8.45
CA LEU A 142 -18.59 -28.59 7.56
C LEU A 142 -17.68 -29.19 6.48
N SER A 143 -18.26 -30.13 5.71
CA SER A 143 -17.58 -30.96 4.70
C SER A 143 -16.45 -31.79 5.27
N ASP A 144 -16.50 -32.13 6.56
CA ASP A 144 -15.48 -32.96 7.20
C ASP A 144 -16.16 -33.88 8.22
N LYS A 145 -15.36 -34.72 8.85
CA LYS A 145 -15.85 -35.64 9.87
C LYS A 145 -14.99 -35.52 11.12
N ARG A 146 -15.63 -35.62 12.28
CA ARG A 146 -14.96 -35.45 13.56
C ARG A 146 -14.19 -36.71 13.95
N TRP A 147 -13.19 -36.53 14.81
CA TRP A 147 -12.61 -37.60 15.59
C TRP A 147 -13.45 -37.78 16.86
N ASP A 148 -12.93 -38.46 17.87
CA ASP A 148 -13.77 -38.87 19.00
C ASP A 148 -14.18 -37.68 19.87
N GLU A 149 -13.21 -36.97 20.46
CA GLU A 149 -13.52 -35.88 21.38
C GLU A 149 -12.57 -34.70 21.21
N ALA A 150 -12.09 -34.47 19.99
CA ALA A 150 -11.05 -33.49 19.71
C ALA A 150 -11.46 -32.61 18.55
N PRO A 151 -10.80 -31.45 18.37
CA PRO A 151 -11.02 -30.65 17.15
C PRO A 151 -10.33 -31.17 15.90
N ILE A 152 -9.86 -32.41 15.91
CA ILE A 152 -9.22 -33.01 14.75
C ILE A 152 -10.30 -33.40 13.73
N TYR A 153 -10.11 -33.00 12.47
CA TYR A 153 -11.02 -33.36 11.40
C TYR A 153 -10.24 -33.89 10.21
N LEU A 154 -10.86 -34.77 9.44
CA LEU A 154 -10.20 -35.46 8.34
C LEU A 154 -10.89 -35.15 7.01
N ARG A 155 -10.10 -35.26 5.94
CA ARG A 155 -10.57 -35.03 4.58
C ARG A 155 -9.57 -35.63 3.60
N TYR A 156 -10.07 -36.16 2.50
CA TYR A 156 -9.24 -36.55 1.37
C TYR A 156 -9.18 -35.39 0.38
N GLY A 157 -8.00 -34.80 0.22
CA GLY A 157 -7.85 -33.65 -0.65
C GLY A 157 -6.52 -33.64 -1.39
N VAL A 158 -6.15 -32.48 -1.92
CA VAL A 158 -4.91 -32.33 -2.67
C VAL A 158 -3.89 -31.62 -1.78
N PHE A 159 -2.62 -32.01 -1.90
CA PHE A 159 -1.56 -31.45 -1.07
C PHE A 159 -0.83 -30.29 -1.74
N ARG A 160 -0.46 -30.45 -3.00
CA ARG A 160 0.50 -29.57 -3.65
C ARG A 160 0.33 -29.71 -5.15
N PRO A 161 0.82 -28.74 -5.95
CA PRO A 161 0.77 -28.88 -7.41
C PRO A 161 1.65 -30.01 -7.92
N SER A 162 1.49 -30.29 -9.22
CA SER A 162 2.02 -31.51 -9.82
C SER A 162 3.55 -31.52 -9.87
N ARG A 163 4.12 -32.70 -9.63
CA ARG A 163 5.55 -32.91 -9.69
C ARG A 163 6.06 -32.88 -11.12
N ASP A 164 7.36 -32.67 -11.27
CA ASP A 164 8.01 -32.72 -12.58
C ASP A 164 8.15 -34.14 -13.10
N ASP A 165 8.21 -35.12 -12.20
CA ASP A 165 8.38 -36.52 -12.57
C ASP A 165 7.06 -37.29 -12.53
N GLU A 166 5.94 -36.59 -12.74
CA GLU A 166 4.62 -37.20 -12.69
C GLU A 166 3.77 -36.55 -13.78
N LYS A 167 2.69 -37.22 -14.15
CA LYS A 167 1.77 -36.70 -15.15
C LYS A 167 1.12 -35.40 -14.68
N LYS A 168 0.88 -34.49 -15.64
CA LYS A 168 0.40 -33.16 -15.31
C LYS A 168 -1.06 -33.21 -14.95
N VAL A 169 -1.35 -33.04 -13.66
CA VAL A 169 -2.70 -33.10 -13.11
C VAL A 169 -3.03 -31.74 -12.53
N ALA A 170 -4.19 -31.20 -12.87
CA ALA A 170 -4.60 -29.89 -12.40
C ALA A 170 -4.94 -29.92 -10.90
N ILE A 171 -5.08 -28.72 -10.34
CA ILE A 171 -5.35 -28.57 -8.92
C ILE A 171 -6.74 -29.09 -8.56
N ASP A 172 -7.70 -28.91 -9.46
CA ASP A 172 -9.10 -29.23 -9.19
C ASP A 172 -9.44 -30.70 -9.36
N GLU A 173 -8.49 -31.54 -9.76
CA GLU A 173 -8.79 -32.93 -10.07
C GLU A 173 -7.84 -33.86 -9.34
N LEU A 174 -8.31 -35.08 -9.09
CA LEU A 174 -7.58 -36.11 -8.37
C LEU A 174 -7.06 -37.17 -9.34
N ILE A 175 -6.42 -38.21 -8.80
CA ILE A 175 -5.75 -39.22 -9.62
C ILE A 175 -6.24 -40.63 -9.31
N VAL A 176 -7.49 -40.76 -8.85
CA VAL A 176 -8.01 -42.07 -8.48
C VAL A 176 -8.27 -42.91 -9.73
N GLY A 177 -7.72 -44.13 -9.74
CA GLY A 177 -7.74 -44.97 -10.92
C GLY A 177 -6.89 -44.37 -12.04
N ASP A 178 -7.31 -44.64 -13.27
CA ASP A 178 -6.74 -44.00 -14.44
C ASP A 178 -7.51 -42.75 -14.85
N GLU A 179 -8.52 -42.36 -14.08
CA GLU A 179 -9.40 -41.25 -14.39
C GLU A 179 -9.06 -40.06 -13.51
N VAL A 180 -9.34 -38.86 -14.01
CA VAL A 180 -9.27 -37.65 -13.21
C VAL A 180 -10.69 -37.28 -12.77
N VAL A 181 -10.83 -36.92 -11.50
CA VAL A 181 -12.13 -36.67 -10.89
C VAL A 181 -12.09 -35.30 -10.23
N LYS A 182 -12.98 -34.41 -10.66
CA LYS A 182 -13.06 -33.09 -10.05
C LYS A 182 -13.78 -33.19 -8.70
N ASP A 183 -13.16 -32.64 -7.66
CA ASP A 183 -13.79 -32.64 -6.35
C ASP A 183 -14.83 -31.55 -6.25
N GLU A 184 -15.65 -31.64 -5.21
CA GLU A 184 -16.71 -30.68 -4.95
C GLU A 184 -16.65 -30.23 -3.50
N ARG A 185 -17.17 -29.03 -3.25
CA ARG A 185 -17.25 -28.48 -1.90
C ARG A 185 -18.71 -28.27 -1.55
N LEU A 186 -19.33 -29.33 -1.05
CA LEU A 186 -20.67 -29.46 -0.50
C LEU A 186 -20.58 -29.56 1.02
N PRO A 187 -21.54 -29.00 1.75
CA PRO A 187 -21.43 -28.95 3.23
C PRO A 187 -21.44 -30.31 3.93
N VAL A 188 -21.90 -31.38 3.28
CA VAL A 188 -21.93 -32.69 3.90
C VAL A 188 -20.68 -33.47 3.50
N PHE A 189 -20.39 -34.51 4.28
CA PHE A 189 -19.19 -35.31 4.05
C PHE A 189 -19.50 -36.45 3.08
N LYS A 190 -18.70 -36.55 2.02
CA LYS A 190 -18.81 -37.63 1.05
C LYS A 190 -17.42 -38.16 0.73
N ILE A 191 -17.30 -39.48 0.65
CA ILE A 191 -16.07 -40.13 0.21
C ILE A 191 -15.97 -39.91 -1.29
N PRO A 192 -14.88 -39.29 -1.78
CA PRO A 192 -14.84 -38.87 -3.21
C PRO A 192 -14.60 -39.99 -4.21
N LYS A 193 -15.71 -40.66 -4.56
CA LYS A 193 -15.81 -41.61 -5.67
C LYS A 193 -14.88 -42.82 -5.51
N GLY A 194 -15.13 -43.58 -4.45
CA GLY A 194 -14.57 -44.92 -4.33
C GLY A 194 -13.08 -45.02 -4.06
N ILE A 195 -12.48 -44.03 -3.41
CA ILE A 195 -11.10 -44.14 -2.97
C ILE A 195 -11.07 -45.06 -1.75
N VAL A 196 -10.24 -46.11 -1.84
CA VAL A 196 -10.20 -47.15 -0.82
C VAL A 196 -9.53 -46.63 0.45
N PRO A 197 -10.22 -46.66 1.59
CA PRO A 197 -9.59 -46.23 2.85
C PRO A 197 -8.60 -47.27 3.34
N PRO A 198 -7.69 -46.88 4.24
CA PRO A 198 -6.88 -47.89 4.93
C PRO A 198 -7.70 -48.73 5.90
N ASP A 199 -7.10 -49.81 6.41
CA ASP A 199 -7.84 -50.79 7.19
C ASP A 199 -8.28 -50.25 8.55
N PHE A 200 -7.55 -49.27 9.10
CA PHE A 200 -7.90 -48.74 10.41
C PHE A 200 -9.03 -47.73 10.35
N LEU A 201 -9.27 -47.12 9.18
CA LEU A 201 -10.32 -46.12 9.05
C LEU A 201 -11.71 -46.73 8.83
N ASN A 202 -11.78 -48.04 8.56
CA ASN A 202 -13.08 -48.67 8.35
C ASN A 202 -13.89 -48.74 9.63
N LYS A 203 -13.23 -48.85 10.78
CA LYS A 203 -13.94 -48.81 12.05
C LYS A 203 -14.45 -47.41 12.34
N TRP A 204 -13.67 -46.39 12.00
CA TRP A 204 -14.05 -45.02 12.31
C TRP A 204 -15.15 -44.51 11.38
N LEU A 205 -15.13 -44.95 10.11
CA LEU A 205 -16.20 -44.60 9.19
C LEU A 205 -17.47 -45.37 9.49
N ASP A 206 -17.41 -46.70 9.41
CA ASP A 206 -18.61 -47.54 9.48
C ASP A 206 -18.90 -47.86 10.95
N LYS A 207 -19.53 -46.91 11.63
CA LYS A 207 -20.05 -47.12 12.97
C LYS A 207 -21.27 -46.23 13.17
N LYS A 208 -22.17 -46.66 14.06
CA LYS A 208 -23.43 -45.96 14.26
C LYS A 208 -23.70 -45.85 15.75
N ASP A 209 -24.18 -44.68 16.18
CA ASP A 209 -24.52 -44.43 17.57
C ASP A 209 -25.98 -44.80 17.82
N LYS A 210 -26.51 -44.34 18.96
CA LYS A 210 -27.87 -44.67 19.35
C LYS A 210 -28.89 -44.01 18.43
N LYS A 211 -29.97 -44.74 18.14
CA LYS A 211 -31.00 -44.30 17.20
C LYS A 211 -32.26 -43.82 17.92
N GLN A 212 -32.10 -43.13 19.04
CA GLN A 212 -33.24 -42.55 19.75
C GLN A 212 -33.67 -41.30 18.99
N GLY A 213 -34.72 -41.42 18.19
CA GLY A 213 -35.17 -40.33 17.36
C GLY A 213 -36.40 -39.61 17.89
N ASP A 214 -36.22 -38.39 18.37
CA ASP A 214 -37.33 -37.58 18.88
C ASP A 214 -37.11 -36.10 18.57
N PHE A 215 -37.44 -35.71 17.34
CA PHE A 215 -37.24 -34.35 16.86
C PHE A 215 -38.58 -33.63 16.86
N PRO A 216 -38.79 -32.63 17.72
CA PRO A 216 -40.09 -31.98 17.79
C PRO A 216 -40.28 -30.85 16.78
N PHE A 217 -39.92 -31.09 15.52
CA PHE A 217 -40.02 -30.09 14.48
C PHE A 217 -40.27 -30.78 13.14
N ILE A 218 -41.09 -30.14 12.31
CA ILE A 218 -41.36 -30.59 10.95
C ILE A 218 -40.93 -29.45 10.03
N ILE A 219 -39.70 -29.51 9.54
CA ILE A 219 -39.13 -28.44 8.74
C ILE A 219 -39.70 -28.53 7.34
N ASP A 220 -40.30 -27.42 6.87
CA ASP A 220 -40.89 -27.36 5.54
C ASP A 220 -39.95 -26.69 4.54
N ASN A 221 -39.57 -25.44 4.80
CA ASN A 221 -38.67 -24.71 3.91
C ASN A 221 -37.55 -24.05 4.68
N ALA A 222 -36.76 -23.23 4.00
CA ALA A 222 -35.68 -22.47 4.63
C ALA A 222 -35.48 -21.20 3.82
N ILE A 223 -35.79 -20.04 4.43
CA ILE A 223 -35.80 -18.81 3.66
C ILE A 223 -34.38 -18.31 3.37
N ARG A 224 -33.42 -18.49 4.28
CA ARG A 224 -32.01 -18.04 4.03
C ARG A 224 -31.00 -18.68 4.93
N PHE A 225 -29.82 -19.11 4.42
CA PHE A 225 -28.77 -19.81 5.14
C PHE A 225 -27.62 -18.84 5.40
N SER A 226 -26.84 -19.16 6.44
CA SER A 226 -25.71 -18.33 6.83
C SER A 226 -24.66 -19.21 7.49
N ASN A 227 -23.56 -18.58 7.90
CA ASN A 227 -22.50 -19.32 8.59
C ASN A 227 -22.94 -19.75 9.98
N SER A 228 -23.76 -18.93 10.64
CA SER A 228 -24.25 -19.29 11.97
C SER A 228 -25.28 -20.41 11.89
N GLY A 229 -26.11 -20.41 10.85
CA GLY A 229 -27.12 -21.44 10.68
C GLY A 229 -28.11 -21.09 9.59
N GLY A 230 -29.41 -21.27 9.89
CA GLY A 230 -30.44 -20.95 8.93
C GLY A 230 -31.72 -20.59 9.63
N ILE A 231 -32.63 -19.94 8.93
CA ILE A 231 -33.88 -19.52 9.47
C ILE A 231 -35.04 -20.20 8.78
N TYR A 232 -35.50 -21.27 9.37
CA TYR A 232 -36.41 -22.23 8.77
C TYR A 232 -37.85 -21.82 9.02
N ASN A 233 -38.76 -22.46 8.28
CA ASN A 233 -40.19 -22.31 8.46
C ASN A 233 -40.76 -23.70 8.77
N ALA A 234 -41.27 -23.88 9.98
CA ALA A 234 -41.66 -25.20 10.45
C ALA A 234 -42.97 -25.10 11.22
N ARG A 235 -43.41 -26.22 11.76
CA ARG A 235 -44.60 -26.30 12.60
C ARG A 235 -44.28 -27.11 13.84
N LEU A 236 -44.90 -26.72 14.96
CA LEU A 236 -44.76 -27.49 16.20
C LEU A 236 -45.52 -28.81 16.09
N LYS A 237 -45.05 -29.81 16.84
CA LYS A 237 -45.70 -31.11 16.88
C LYS A 237 -46.53 -31.32 18.14
N GLU A 238 -46.93 -30.24 18.81
CA GLU A 238 -47.82 -30.39 19.97
C GLU A 238 -49.24 -30.65 19.50
N ASP A 239 -49.87 -29.65 18.88
CA ASP A 239 -51.05 -29.90 18.06
C ASP A 239 -50.85 -29.33 16.66
N GLY A 240 -50.56 -28.03 16.59
CA GLY A 240 -50.46 -27.31 15.34
C GLY A 240 -49.39 -26.24 15.36
N LYS A 241 -49.81 -25.01 15.00
CA LYS A 241 -49.09 -23.74 15.10
C LYS A 241 -47.96 -23.61 14.07
N LYS A 242 -47.85 -22.44 13.46
CA LYS A 242 -46.78 -22.13 12.52
C LYS A 242 -45.69 -21.38 13.27
N ILE A 243 -44.46 -21.89 13.20
CA ILE A 243 -43.37 -21.39 14.03
C ILE A 243 -42.25 -20.95 13.10
N ILE A 244 -41.48 -19.96 13.52
CA ILE A 244 -40.30 -19.49 12.81
C ILE A 244 -39.09 -20.01 13.57
N LEU A 245 -38.29 -20.85 12.91
CA LEU A 245 -37.21 -21.57 13.56
C LEU A 245 -35.89 -20.86 13.35
N LYS A 246 -35.13 -20.67 14.43
CA LYS A 246 -33.80 -20.10 14.39
C LYS A 246 -32.81 -21.07 15.01
N GLU A 247 -31.58 -21.08 14.50
CA GLU A 247 -30.55 -21.94 15.02
C GLU A 247 -29.21 -21.20 15.00
N ALA A 248 -28.28 -21.70 15.80
CA ALA A 248 -26.96 -21.06 15.90
C ALA A 248 -25.95 -22.13 16.32
N ARG A 249 -25.07 -22.51 15.39
CA ARG A 249 -24.03 -23.48 15.69
C ARG A 249 -23.06 -22.92 16.74
N PRO A 250 -22.50 -23.77 17.60
CA PRO A 250 -21.63 -23.25 18.66
C PRO A 250 -20.29 -22.80 18.12
N TYR A 251 -19.74 -21.78 18.78
CA TYR A 251 -18.42 -21.21 18.51
C TYR A 251 -18.28 -20.70 17.08
N THR A 252 -19.33 -20.09 16.54
CA THR A 252 -19.28 -19.45 15.23
C THR A 252 -20.21 -18.24 15.24
N GLY A 253 -20.34 -17.58 14.10
CA GLY A 253 -21.08 -16.33 14.03
C GLY A 253 -20.39 -15.21 14.78
N LEU A 254 -19.06 -15.12 14.64
CA LEU A 254 -18.25 -14.24 15.46
C LEU A 254 -18.12 -12.86 14.84
N GLY A 255 -18.15 -11.84 15.69
CA GLY A 255 -17.95 -10.47 15.28
C GLY A 255 -16.58 -9.95 15.69
N PHE A 256 -16.34 -8.68 15.35
CA PHE A 256 -15.03 -8.07 15.61
C PHE A 256 -14.77 -7.86 17.09
N ASP A 257 -15.80 -7.65 17.89
CA ASP A 257 -15.69 -7.75 19.34
C ASP A 257 -16.04 -9.17 19.76
N GLY A 258 -15.47 -9.61 20.88
CA GLY A 258 -15.74 -10.96 21.33
C GLY A 258 -17.11 -11.33 21.89
N THR A 259 -17.99 -11.75 20.99
CA THR A 259 -19.42 -11.93 21.22
C THR A 259 -19.92 -12.89 20.14
N TYR A 260 -20.54 -14.00 20.53
CA TYR A 260 -20.86 -15.04 19.57
C TYR A 260 -22.35 -14.98 19.23
N SER A 261 -22.80 -15.93 18.39
CA SER A 261 -24.18 -15.94 17.96
C SER A 261 -25.12 -16.38 19.08
N SER A 262 -24.63 -17.22 19.99
CA SER A 262 -25.46 -17.69 21.09
C SER A 262 -25.81 -16.57 22.06
N GLU A 263 -24.89 -15.62 22.26
CA GLU A 263 -25.17 -14.47 23.13
C GLU A 263 -26.25 -13.57 22.53
N LYS A 264 -26.19 -13.33 21.22
CA LYS A 264 -27.24 -12.57 20.54
C LYS A 264 -28.58 -13.30 20.59
N LEU A 265 -28.54 -14.63 20.44
CA LEU A 265 -29.76 -15.43 20.48
C LEU A 265 -30.39 -15.40 21.87
N ALA A 266 -29.56 -15.47 22.92
CA ALA A 266 -30.06 -15.38 24.28
C ALA A 266 -30.58 -13.99 24.60
N SER A 267 -29.96 -12.95 24.03
CA SER A 267 -30.48 -11.59 24.18
C SER A 267 -31.85 -11.44 23.52
N GLU A 268 -32.03 -12.04 22.35
CA GLU A 268 -33.35 -12.09 21.71
C GLU A 268 -34.37 -12.81 22.57
N CYS A 269 -33.97 -13.93 23.17
CA CYS A 269 -34.89 -14.73 23.97
C CYS A 269 -35.30 -13.99 25.24
N LYS A 270 -34.36 -13.30 25.89
CA LYS A 270 -34.68 -12.49 27.05
C LYS A 270 -35.56 -11.29 26.70
N ALA A 271 -35.26 -10.63 25.57
CA ALA A 271 -36.02 -9.45 25.16
C ALA A 271 -37.46 -9.80 24.80
N LEU A 272 -37.68 -10.95 24.19
CA LEU A 272 -39.05 -11.38 23.96
C LEU A 272 -39.67 -12.05 25.18
N LYS A 273 -38.87 -12.45 26.18
CA LYS A 273 -39.47 -12.84 27.45
C LYS A 273 -40.05 -11.65 28.20
N ILE A 274 -39.37 -10.49 28.13
CA ILE A 274 -39.85 -9.30 28.84
C ILE A 274 -41.15 -8.79 28.20
N LEU A 275 -41.17 -8.69 26.87
CA LEU A 275 -42.33 -8.17 26.15
C LEU A 275 -43.31 -9.30 25.81
N ASN A 276 -43.88 -9.90 26.85
CA ASN A 276 -44.72 -11.09 26.71
C ASN A 276 -46.19 -10.77 26.97
N GLU A 277 -46.60 -9.52 26.74
CA GLU A 277 -48.02 -9.20 26.87
C GLU A 277 -48.52 -8.26 25.78
N TRP A 278 -47.72 -7.99 24.74
CA TRP A 278 -48.11 -7.08 23.66
C TRP A 278 -48.44 -7.90 22.41
N SER A 279 -49.57 -7.58 21.79
CA SER A 279 -49.93 -8.23 20.54
C SER A 279 -49.05 -7.79 19.40
N GLU A 280 -48.56 -6.55 19.45
CA GLU A 280 -47.68 -5.97 18.44
C GLU A 280 -46.19 -6.19 18.76
N ALA A 281 -45.84 -7.44 19.08
CA ALA A 281 -44.51 -7.91 19.40
C ALA A 281 -44.57 -9.43 19.40
N PRO A 282 -43.58 -10.12 18.83
CA PRO A 282 -43.65 -11.58 18.73
C PRO A 282 -43.44 -12.24 20.09
N LYS A 283 -43.93 -13.48 20.19
CA LYS A 283 -43.85 -14.28 21.40
C LYS A 283 -43.04 -15.54 21.14
N ILE A 284 -42.57 -16.15 22.22
CA ILE A 284 -41.73 -17.35 22.15
C ILE A 284 -42.58 -18.56 22.55
N TYR A 285 -42.59 -19.58 21.69
CA TYR A 285 -43.27 -20.82 21.99
C TYR A 285 -42.34 -21.93 22.45
N TRP A 286 -41.06 -21.87 22.09
CA TRP A 286 -40.12 -22.92 22.46
C TRP A 286 -38.70 -22.38 22.50
N HIS A 287 -37.97 -22.75 23.55
CA HIS A 287 -36.53 -22.56 23.63
C HIS A 287 -35.91 -23.87 24.10
N GLY A 288 -34.83 -24.28 23.45
CA GLY A 288 -34.23 -25.55 23.79
C GLY A 288 -32.81 -25.64 23.28
N LYS A 289 -32.24 -26.83 23.42
CA LYS A 289 -30.87 -27.12 22.99
C LYS A 289 -30.85 -28.54 22.43
N ILE A 290 -30.99 -28.65 21.12
CA ILE A 290 -30.94 -29.94 20.44
C ILE A 290 -29.50 -30.18 20.00
N TRP A 291 -28.94 -31.31 20.44
CA TRP A 291 -27.51 -31.64 20.35
C TRP A 291 -27.00 -30.30 20.87
N GLU A 292 -26.17 -29.61 20.08
CA GLU A 292 -25.47 -28.44 20.57
C GLU A 292 -25.75 -27.19 19.72
N HIS A 293 -26.91 -27.13 19.07
CA HIS A 293 -27.20 -26.02 18.17
C HIS A 293 -28.21 -25.01 18.69
N THR A 294 -28.85 -25.27 19.84
CA THR A 294 -29.63 -24.31 20.64
C THR A 294 -30.74 -23.64 19.83
N PHE A 295 -31.71 -24.46 19.45
CA PHE A 295 -32.79 -24.00 18.58
C PHE A 295 -33.73 -23.04 19.32
N LEU A 296 -34.28 -22.08 18.58
CA LEU A 296 -35.26 -21.13 19.10
C LEU A 296 -36.42 -21.01 18.11
N GLY A 297 -37.64 -21.05 18.64
CA GLY A 297 -38.83 -20.86 17.83
C GLY A 297 -39.69 -19.72 18.31
N ILE A 298 -39.96 -18.75 17.42
CA ILE A 298 -40.78 -17.59 17.75
C ILE A 298 -41.92 -17.52 16.75
N GLU A 299 -42.99 -16.84 17.14
CA GLU A 299 -44.23 -16.83 16.36
C GLU A 299 -44.05 -16.01 15.08
N HIS A 300 -44.90 -16.33 14.11
CA HIS A 300 -44.82 -15.70 12.81
C HIS A 300 -45.86 -14.61 12.61
N MET A 301 -45.38 -13.37 12.48
CA MET A 301 -46.25 -12.23 12.26
C MET A 301 -46.69 -12.17 10.80
N LYS A 302 -47.74 -11.40 10.56
CA LYS A 302 -48.33 -11.25 9.24
C LYS A 302 -48.17 -9.83 8.73
N GLY A 303 -48.18 -9.68 7.42
CA GLY A 303 -48.16 -8.39 6.77
C GLY A 303 -47.01 -8.29 5.79
N VAL A 304 -46.87 -7.11 5.21
CA VAL A 304 -45.79 -6.81 4.26
C VAL A 304 -44.83 -5.85 4.95
N PRO A 305 -43.54 -5.85 4.60
CA PRO A 305 -42.62 -4.86 5.18
C PRO A 305 -42.90 -3.46 4.66
N LEU A 306 -42.39 -2.48 5.39
CA LEU A 306 -42.61 -1.07 5.08
C LEU A 306 -41.91 -0.66 3.78
N ASN A 307 -40.85 -1.35 3.39
CA ASN A 307 -40.15 -1.05 2.15
C ASN A 307 -41.04 -1.30 0.93
N ARG A 308 -41.80 -2.40 0.93
CA ARG A 308 -42.75 -2.63 -0.14
C ARG A 308 -43.99 -1.76 0.00
N TRP A 309 -44.36 -1.40 1.23
CA TRP A 309 -45.53 -0.56 1.44
C TRP A 309 -45.32 0.86 0.92
N VAL A 310 -44.08 1.36 1.00
CA VAL A 310 -43.76 2.67 0.44
C VAL A 310 -43.94 2.66 -1.08
N THR A 311 -43.40 1.63 -1.75
CA THR A 311 -43.57 1.54 -3.20
C THR A 311 -44.99 1.17 -3.61
N ASN A 312 -45.79 0.64 -2.69
CA ASN A 312 -47.19 0.35 -2.99
C ASN A 312 -48.13 1.50 -2.66
N ASN A 313 -47.68 2.52 -1.93
CA ASN A 313 -48.58 3.61 -1.56
C ASN A 313 -48.02 5.01 -1.81
N PHE A 314 -46.77 5.15 -2.26
CA PHE A 314 -46.32 6.49 -2.62
C PHE A 314 -46.90 6.88 -3.98
N PRO A 315 -47.33 8.13 -4.15
CA PRO A 315 -47.79 8.56 -5.48
C PRO A 315 -46.61 8.76 -6.43
N LEU A 316 -46.42 7.82 -7.35
CA LEU A 316 -45.39 7.94 -8.36
C LEU A 316 -45.92 8.61 -9.64
N TYR A 317 -47.22 8.82 -9.72
CA TYR A 317 -47.86 9.47 -10.85
C TYR A 317 -48.91 10.44 -10.33
N GLU A 318 -49.31 11.37 -11.19
CA GLU A 318 -50.38 12.29 -10.82
C GLU A 318 -51.76 11.65 -10.90
N VAL A 319 -51.88 10.47 -11.50
CA VAL A 319 -53.16 9.80 -11.65
C VAL A 319 -53.24 8.49 -10.88
N VAL A 320 -52.15 8.04 -10.26
CA VAL A 320 -52.17 6.76 -9.57
C VAL A 320 -52.90 6.84 -8.23
N ASP A 321 -53.00 8.03 -7.64
CA ASP A 321 -53.62 8.21 -6.35
C ASP A 321 -54.90 9.02 -6.50
N LYS A 322 -55.98 8.54 -5.88
CA LYS A 322 -57.28 9.17 -5.93
C LYS A 322 -57.70 9.59 -4.54
N THR A 323 -58.61 10.59 -4.49
CA THR A 323 -59.20 11.22 -3.28
C THR A 323 -58.20 11.53 -2.17
N LYS A 324 -56.96 11.86 -2.57
CA LYS A 324 -55.83 12.24 -1.70
C LYS A 324 -55.57 11.12 -0.71
N ASP A 325 -55.60 11.38 0.60
CA ASP A 325 -55.54 10.37 1.68
C ASP A 325 -54.24 9.57 1.64
N TYR A 326 -53.13 10.28 1.79
CA TYR A 326 -51.84 9.60 1.97
C TYR A 326 -51.06 10.12 3.17
N LEU A 327 -51.12 11.43 3.43
CA LEU A 327 -50.28 12.01 4.47
C LEU A 327 -50.81 11.68 5.87
N LEU A 328 -52.12 11.52 6.01
CA LEU A 328 -52.70 11.18 7.31
C LEU A 328 -52.33 9.76 7.73
N ARG A 329 -52.22 8.84 6.76
CA ARG A 329 -51.73 7.49 7.06
C ARG A 329 -50.27 7.52 7.52
N VAL A 330 -49.47 8.40 6.90
CA VAL A 330 -48.07 8.58 7.29
C VAL A 330 -48.00 9.12 8.72
N SER A 331 -48.84 10.10 9.06
CA SER A 331 -48.87 10.64 10.41
C SER A 331 -49.34 9.62 11.44
N LYS A 332 -50.31 8.78 11.07
CA LYS A 332 -50.75 7.70 11.96
C LYS A 332 -49.64 6.68 12.22
N ILE A 333 -48.89 6.31 11.16
CA ILE A 333 -47.80 5.35 11.32
C ILE A 333 -46.68 5.93 12.16
N VAL A 334 -46.38 7.22 11.98
CA VAL A 334 -45.36 7.89 12.78
C VAL A 334 -45.80 7.99 14.25
N GLU A 335 -47.09 8.24 14.48
CA GLU A 335 -47.62 8.26 15.85
C GLU A 335 -47.53 6.90 16.52
N LYS A 336 -47.82 5.83 15.75
CA LYS A 336 -47.65 4.47 16.27
C LYS A 336 -46.19 4.19 16.60
N LEU A 337 -45.26 4.64 15.76
CA LEU A 337 -43.84 4.43 16.02
C LEU A 337 -43.38 5.16 17.27
N ILE A 338 -43.87 6.39 17.46
CA ILE A 338 -43.55 7.16 18.68
C ILE A 338 -44.09 6.46 19.92
N ASP A 339 -45.35 6.00 19.86
CA ASP A 339 -45.97 5.32 21.00
C ASP A 339 -45.24 4.03 21.34
N LEU A 340 -44.89 3.24 20.32
CA LEU A 340 -44.16 1.99 20.55
C LEU A 340 -42.78 2.25 21.14
N THR A 341 -42.04 3.23 20.59
CA THR A 341 -40.69 3.53 21.06
C THR A 341 -40.70 3.99 22.52
N ASN A 342 -41.66 4.86 22.87
CA ASN A 342 -41.80 5.27 24.27
C ASN A 342 -42.20 4.11 25.18
N LYS A 343 -43.07 3.20 24.71
CA LYS A 343 -43.52 2.11 25.57
C LYS A 343 -42.40 1.10 25.84
N PHE A 344 -41.61 0.71 24.83
CA PHE A 344 -40.55 -0.22 25.20
C PHE A 344 -39.28 0.49 25.67
N HIS A 345 -39.20 1.83 25.58
CA HIS A 345 -38.15 2.51 26.32
C HIS A 345 -38.49 2.68 27.78
N SER A 346 -39.79 2.70 28.12
CA SER A 346 -40.19 2.73 29.53
C SER A 346 -39.92 1.40 30.23
N GLU A 347 -39.85 0.29 29.49
CA GLU A 347 -39.63 -1.03 30.06
C GLU A 347 -38.16 -1.41 30.12
N ASN A 348 -37.26 -0.46 29.83
CA ASN A 348 -35.81 -0.61 29.95
C ASN A 348 -35.25 -1.71 29.04
N VAL A 349 -35.76 -1.76 27.82
CA VAL A 349 -35.14 -2.53 26.75
C VAL A 349 -34.87 -1.57 25.59
N TYR A 350 -33.91 -1.93 24.75
CA TYR A 350 -33.46 -1.06 23.67
C TYR A 350 -33.21 -1.92 22.43
N HIS A 351 -33.95 -1.65 21.36
CA HIS A 351 -33.99 -2.56 20.22
C HIS A 351 -32.74 -2.44 19.35
N GLN A 352 -32.18 -1.24 19.23
CA GLN A 352 -30.86 -0.92 18.71
C GLN A 352 -30.63 -1.24 17.24
N ASP A 353 -31.65 -1.69 16.50
CA ASP A 353 -31.51 -1.91 15.06
C ASP A 353 -32.87 -1.66 14.43
N LEU A 354 -33.11 -0.44 13.98
CA LEU A 354 -34.43 -0.03 13.48
C LEU A 354 -34.27 0.49 12.04
N HIS A 355 -34.56 -0.37 11.07
CA HIS A 355 -34.54 0.01 9.67
C HIS A 355 -35.80 -0.51 8.99
N LEU A 356 -35.81 -0.44 7.65
CA LEU A 356 -37.02 -0.75 6.88
C LEU A 356 -37.36 -2.24 6.88
N GLY A 357 -36.43 -3.11 7.22
CA GLY A 357 -36.67 -4.53 7.19
C GLY A 357 -37.33 -5.13 8.42
N ASN A 358 -37.62 -4.32 9.44
CA ASN A 358 -38.19 -4.81 10.68
C ASN A 358 -39.65 -4.44 10.89
N ILE A 359 -40.05 -3.24 10.48
CA ILE A 359 -41.44 -2.81 10.65
C ILE A 359 -42.31 -3.53 9.62
N LEU A 360 -43.25 -4.32 10.10
CA LEU A 360 -44.17 -5.07 9.24
C LEU A 360 -45.55 -4.44 9.33
N VAL A 361 -46.09 -4.04 8.19
CA VAL A 361 -47.40 -3.40 8.12
C VAL A 361 -48.41 -4.43 7.68
N LYS A 362 -49.35 -4.77 8.56
CA LYS A 362 -50.40 -5.72 8.26
C LYS A 362 -51.62 -4.97 7.72
N ASP A 363 -52.76 -5.65 7.67
CA ASP A 363 -54.00 -5.04 7.21
C ASP A 363 -54.47 -3.96 8.20
N GLU A 364 -55.13 -2.94 7.65
CA GLU A 364 -55.70 -1.80 8.38
C GLU A 364 -54.63 -0.99 9.13
N ASP A 365 -53.41 -0.97 8.58
CA ASP A 365 -52.31 -0.08 8.97
C ASP A 365 -51.93 -0.24 10.44
N GLU A 366 -51.42 -1.43 10.77
CA GLU A 366 -50.90 -1.71 12.10
C GLU A 366 -49.48 -2.25 11.97
N ILE A 367 -48.57 -1.73 12.79
CA ILE A 367 -47.17 -2.10 12.71
C ILE A 367 -46.83 -3.13 13.77
N SER A 368 -45.72 -3.83 13.57
CA SER A 368 -45.25 -4.84 14.52
C SER A 368 -43.75 -4.99 14.33
N ILE A 369 -42.98 -4.59 15.34
CA ILE A 369 -41.52 -4.60 15.24
C ILE A 369 -41.01 -6.00 15.52
N ILE A 370 -40.17 -6.53 14.62
CA ILE A 370 -39.57 -7.84 14.77
C ILE A 370 -38.05 -7.70 14.78
N ASP A 371 -37.41 -8.85 14.83
CA ASP A 371 -35.98 -8.99 14.83
C ASP A 371 -35.28 -8.24 15.95
N TRP A 372 -35.54 -8.67 17.17
CA TRP A 372 -34.94 -8.14 18.41
C TRP A 372 -33.63 -8.84 18.72
N GLU A 373 -32.72 -8.90 17.75
CA GLU A 373 -31.48 -9.66 17.90
C GLU A 373 -30.27 -8.99 18.54
N GLN A 374 -30.23 -7.66 18.58
CA GLN A 374 -29.07 -6.99 19.14
C GLN A 374 -29.54 -6.07 20.26
N ALA A 375 -30.45 -6.58 21.08
CA ALA A 375 -30.99 -5.80 22.18
C ALA A 375 -30.01 -5.74 23.35
N VAL A 376 -30.01 -4.60 24.04
CA VAL A 376 -29.25 -4.40 25.27
C VAL A 376 -30.21 -3.92 26.35
N PHE A 377 -29.80 -4.12 27.61
CA PHE A 377 -30.69 -3.88 28.74
C PHE A 377 -30.05 -2.98 29.78
N SER A 378 -29.25 -2.00 29.35
CA SER A 378 -28.63 -1.07 30.27
C SER A 378 -28.32 0.22 29.54
N ASN A 379 -28.66 1.36 30.15
CA ASN A 379 -28.38 2.68 29.56
C ASN A 379 -27.69 3.55 30.62
N ASP A 380 -26.37 3.33 30.77
CA ASP A 380 -25.41 4.33 31.25
C ASP A 380 -24.00 4.02 30.71
N GLU A 381 -23.76 4.47 29.49
CA GLU A 381 -22.57 4.18 28.70
C GLU A 381 -22.60 5.04 27.45
N LYS A 382 -21.51 4.99 26.69
CA LYS A 382 -21.46 5.57 25.35
C LYS A 382 -20.70 4.60 24.46
N VAL A 383 -21.41 3.98 23.51
CA VAL A 383 -20.84 2.91 22.68
C VAL A 383 -20.88 3.36 21.22
N VAL A 384 -20.23 2.55 20.39
CA VAL A 384 -20.21 2.75 18.94
C VAL A 384 -21.26 1.85 18.33
N HIS A 385 -22.09 2.40 17.44
CA HIS A 385 -23.10 1.59 16.76
C HIS A 385 -22.41 0.72 15.71
N LYS A 386 -22.51 -0.59 15.89
CA LYS A 386 -21.64 -1.53 15.17
C LYS A 386 -22.31 -2.14 13.94
N VAL A 387 -23.46 -2.80 14.12
CA VAL A 387 -24.12 -3.52 13.04
C VAL A 387 -25.39 -2.78 12.69
N ALA A 388 -25.52 -2.39 11.42
CA ALA A 388 -26.66 -1.60 10.98
C ALA A 388 -26.91 -1.82 9.50
N ALA A 389 -28.11 -1.49 9.06
CA ALA A 389 -28.44 -1.46 7.66
C ALA A 389 -27.72 -0.28 6.99
N PRO A 390 -27.54 -0.32 5.67
CA PRO A 390 -26.97 0.84 4.98
C PRO A 390 -27.89 2.06 5.04
N GLY A 391 -27.38 3.12 5.66
CA GLY A 391 -28.15 4.34 5.81
C GLY A 391 -28.86 4.50 7.14
N PHE A 392 -28.56 3.66 8.13
CA PHE A 392 -29.20 3.75 9.43
C PHE A 392 -28.20 3.54 10.55
N ARG A 393 -27.00 4.10 10.40
CA ARG A 393 -25.91 3.92 11.36
C ARG A 393 -25.60 5.24 12.03
N ALA A 394 -25.50 5.21 13.36
CA ALA A 394 -25.27 6.42 14.15
C ALA A 394 -23.84 6.92 13.98
N TRP A 395 -23.59 8.13 14.45
CA TRP A 395 -22.34 8.84 14.22
C TRP A 395 -21.67 9.19 15.53
N ARG A 396 -20.40 8.78 15.66
CA ARG A 396 -19.42 9.40 16.57
C ARG A 396 -19.80 9.22 18.05
N GLU A 397 -20.32 8.03 18.37
CA GLU A 397 -20.58 7.51 19.72
C GLU A 397 -21.71 8.23 20.46
N THR A 398 -22.68 7.48 20.97
CA THR A 398 -23.80 8.08 21.68
C THR A 398 -24.31 7.10 22.73
N LEU A 399 -25.34 7.52 23.46
CA LEU A 399 -25.98 6.68 24.45
C LEU A 399 -26.72 5.53 23.78
N PRO A 400 -26.94 4.42 24.49
CA PRO A 400 -27.72 3.31 23.91
C PRO A 400 -29.20 3.58 23.73
N SER A 401 -29.71 4.76 24.11
CA SER A 401 -31.10 5.09 23.87
C SER A 401 -31.30 6.00 22.66
N GLU A 402 -30.30 6.79 22.29
CA GLU A 402 -30.45 7.72 21.18
C GLU A 402 -30.29 7.05 19.82
N ILE A 403 -29.77 5.83 19.78
CA ILE A 403 -29.67 5.10 18.52
C ILE A 403 -31.04 4.72 18.00
N ASP A 404 -31.97 4.39 18.92
CA ASP A 404 -33.35 4.12 18.54
C ASP A 404 -34.03 5.36 17.96
N TRP A 405 -33.78 6.53 18.55
CA TRP A 405 -34.37 7.76 18.02
C TRP A 405 -33.74 8.16 16.69
N TYR A 406 -32.43 7.93 16.52
CA TYR A 406 -31.77 8.14 15.24
C TYR A 406 -32.30 7.20 14.16
N GLY A 407 -32.68 5.98 14.53
CA GLY A 407 -33.33 5.10 13.59
C GLY A 407 -34.73 5.56 13.21
N ILE A 408 -35.53 5.93 14.23
CA ILE A 408 -36.94 6.28 14.03
C ILE A 408 -37.06 7.58 13.23
N ARG A 409 -36.13 8.53 13.42
CA ARG A 409 -36.15 9.78 12.66
C ARG A 409 -35.97 9.53 11.17
N GLN A 410 -35.05 8.64 10.79
CA GLN A 410 -34.84 8.38 9.38
C GLN A 410 -35.85 7.40 8.79
N ILE A 411 -36.49 6.57 9.62
CA ILE A 411 -37.65 5.81 9.13
C ILE A 411 -38.80 6.76 8.81
N ALA A 412 -39.00 7.79 9.65
CA ALA A 412 -40.03 8.78 9.37
C ALA A 412 -39.68 9.65 8.17
N HIS A 413 -38.39 9.99 8.00
CA HIS A 413 -37.99 10.80 6.85
C HIS A 413 -38.01 10.01 5.55
N TYR A 414 -37.76 8.70 5.61
CA TYR A 414 -37.89 7.86 4.42
C TYR A 414 -39.34 7.76 3.97
N LEU A 415 -40.28 7.77 4.91
CA LEU A 415 -41.70 7.67 4.58
C LEU A 415 -42.24 8.96 3.99
N TYR A 416 -41.54 10.07 4.16
CA TYR A 416 -41.92 11.35 3.56
C TYR A 416 -41.30 11.56 2.19
N MET A 417 -40.06 11.15 1.98
CA MET A 417 -39.37 11.26 0.70
C MET A 417 -38.34 10.14 0.62
N PRO A 418 -38.57 9.11 -0.21
CA PRO A 418 -37.75 7.89 -0.14
C PRO A 418 -36.33 8.05 -0.67
N LEU A 419 -35.49 8.78 0.07
CA LEU A 419 -34.06 8.89 -0.25
C LEU A 419 -33.30 9.06 1.08
N VAL A 420 -32.84 7.95 1.63
CA VAL A 420 -32.05 7.97 2.86
C VAL A 420 -30.78 7.16 2.68
N THR A 421 -30.48 6.80 1.42
CA THR A 421 -29.38 5.88 1.15
C THR A 421 -28.02 6.54 1.38
N THR A 422 -27.90 7.82 1.01
CA THR A 422 -26.63 8.54 1.10
C THR A 422 -26.39 9.15 2.48
N SER A 423 -27.13 8.73 3.50
CA SER A 423 -26.96 9.26 4.85
C SER A 423 -25.71 8.75 5.55
N ASP A 424 -25.03 7.74 4.98
CA ASP A 424 -23.76 7.27 5.50
C ASP A 424 -22.58 8.02 4.91
N LEU A 425 -22.83 9.04 4.09
CA LEU A 425 -21.76 9.80 3.46
C LEU A 425 -21.84 11.26 3.86
N THR A 426 -23.06 11.79 3.99
CA THR A 426 -23.28 13.18 4.36
C THR A 426 -24.05 13.23 5.67
N TYR A 427 -23.52 13.98 6.63
CA TYR A 427 -24.19 14.13 7.92
C TYR A 427 -25.41 15.03 7.79
N ASN A 428 -26.51 14.62 8.45
CA ASN A 428 -27.79 15.32 8.46
C ASN A 428 -28.35 15.53 7.05
N TYR A 429 -28.30 14.46 6.25
CA TYR A 429 -28.74 14.52 4.86
C TYR A 429 -30.26 14.69 4.74
N VAL A 430 -31.02 14.23 5.75
CA VAL A 430 -32.47 14.20 5.64
C VAL A 430 -33.13 15.57 5.70
N SER A 431 -32.37 16.62 6.03
CA SER A 431 -32.91 17.97 5.96
C SER A 431 -33.24 18.38 4.53
N GLN A 432 -32.45 17.90 3.56
CA GLN A 432 -32.75 18.13 2.15
C GLN A 432 -34.08 17.50 1.76
N THR A 433 -34.33 16.28 2.20
CA THR A 433 -35.60 15.63 1.90
C THR A 433 -36.76 16.29 2.62
N ARG A 434 -36.54 16.76 3.85
CA ARG A 434 -37.56 17.52 4.58
C ARG A 434 -37.93 18.81 3.86
N ILE A 435 -36.92 19.52 3.33
CA ILE A 435 -37.18 20.75 2.60
C ILE A 435 -37.90 20.48 1.29
N GLU A 436 -37.43 19.49 0.53
CA GLU A 436 -37.88 19.32 -0.85
C GLU A 436 -39.05 18.35 -1.00
N GLY A 437 -39.51 17.72 0.08
CA GLY A 437 -40.74 16.95 -0.01
C GLY A 437 -41.96 17.84 0.04
N LYS A 438 -41.83 18.98 0.73
CA LYS A 438 -42.93 19.93 0.84
C LYS A 438 -43.25 20.57 -0.51
N LYS A 439 -42.22 20.84 -1.31
CA LYS A 439 -42.44 21.38 -2.65
C LYS A 439 -43.16 20.38 -3.55
N LEU A 440 -42.79 19.10 -3.45
CA LEU A 440 -43.47 18.06 -4.24
C LEU A 440 -44.92 17.90 -3.81
N PHE A 441 -45.18 17.88 -2.49
CA PHE A 441 -46.55 17.71 -2.02
C PHE A 441 -47.41 18.96 -2.22
N GLU A 442 -46.79 20.14 -2.34
CA GLU A 442 -47.55 21.32 -2.74
C GLU A 442 -47.80 21.35 -4.24
N SER A 443 -46.85 20.84 -5.04
CA SER A 443 -47.05 20.82 -6.49
C SER A 443 -48.09 19.79 -6.90
N LEU A 444 -48.17 18.67 -6.18
CA LEU A 444 -49.23 17.69 -6.45
C LEU A 444 -50.59 18.24 -6.03
N GLY A 445 -50.64 19.02 -4.96
CA GLY A 445 -51.88 19.59 -4.49
C GLY A 445 -52.46 18.84 -3.32
N TYR A 446 -52.27 19.38 -2.11
CA TYR A 446 -52.75 18.74 -0.90
C TYR A 446 -53.27 19.81 0.06
N THR A 447 -54.02 19.36 1.06
CA THR A 447 -54.46 20.26 2.11
C THR A 447 -53.27 20.68 2.96
N ARG A 448 -53.36 21.90 3.50
CA ARG A 448 -52.24 22.47 4.25
C ARG A 448 -52.08 21.80 5.60
N GLU A 449 -53.20 21.43 6.24
CA GLU A 449 -53.19 20.95 7.62
C GLU A 449 -52.45 19.63 7.77
N HIS A 450 -52.56 18.74 6.76
CA HIS A 450 -51.79 17.51 6.76
C HIS A 450 -50.30 17.78 6.71
N ILE A 451 -49.89 18.76 5.90
CA ILE A 451 -48.48 19.13 5.78
C ILE A 451 -47.97 19.72 7.08
N ASP A 452 -48.77 20.57 7.74
CA ASP A 452 -48.35 21.14 9.03
C ASP A 452 -48.26 20.07 10.10
N TYR A 453 -49.19 19.10 10.11
CA TYR A 453 -49.14 18.04 11.10
C TYR A 453 -47.93 17.13 10.91
N VAL A 454 -47.63 16.78 9.65
CA VAL A 454 -46.47 15.93 9.35
C VAL A 454 -45.16 16.67 9.68
N GLU A 455 -45.08 17.95 9.34
CA GLU A 455 -43.89 18.72 9.68
C GLU A 455 -43.74 18.95 11.18
N SER A 456 -44.85 19.05 11.92
CA SER A 456 -44.77 19.09 13.38
C SER A 456 -44.25 17.77 13.95
N LEU A 457 -44.68 16.64 13.37
CA LEU A 457 -44.18 15.34 13.82
C LEU A 457 -42.68 15.19 13.52
N LEU A 458 -42.24 15.62 12.35
CA LEU A 458 -40.81 15.58 12.02
C LEU A 458 -40.00 16.53 12.90
N SER A 459 -40.58 17.69 13.26
CA SER A 459 -39.89 18.60 14.19
C SER A 459 -39.78 17.99 15.58
N TYR A 460 -40.83 17.29 16.03
CA TYR A 460 -40.78 16.62 17.32
C TYR A 460 -39.76 15.49 17.32
N LEU A 461 -39.64 14.75 16.21
CA LEU A 461 -38.63 13.71 16.11
C LEU A 461 -37.22 14.29 16.00
N ASP A 462 -37.08 15.46 15.37
CA ASP A 462 -35.77 16.12 15.29
C ASP A 462 -35.36 16.63 16.67
N SER A 463 -36.32 17.06 17.49
CA SER A 463 -36.02 17.63 18.80
C SER A 463 -35.56 16.58 19.83
N LYS A 464 -35.67 15.30 19.54
CA LYS A 464 -35.28 14.25 20.47
C LYS A 464 -34.10 13.44 19.95
N CYS A 465 -33.13 14.12 19.34
CA CYS A 465 -31.87 13.51 18.95
C CYS A 465 -30.80 14.58 19.11
N PRO A 466 -29.62 14.23 19.61
CA PRO A 466 -28.60 15.26 19.86
C PRO A 466 -27.78 15.57 18.63
N GLN A 467 -27.40 16.83 18.49
CA GLN A 467 -26.47 17.24 17.45
C GLN A 467 -25.06 16.84 17.86
N ILE A 468 -24.38 16.11 16.98
CA ILE A 468 -23.08 15.49 17.29
C ILE A 468 -22.03 16.14 16.39
N GLU A 469 -20.92 16.55 16.99
CA GLU A 469 -19.84 17.18 16.24
C GLU A 469 -19.21 16.18 15.26
N ASN A 470 -19.23 16.54 13.98
CA ASN A 470 -18.82 15.65 12.91
C ASN A 470 -17.30 15.69 12.78
N ILE A 471 -16.63 14.67 13.34
CA ILE A 471 -15.20 14.45 13.13
C ILE A 471 -15.06 13.00 12.69
N SER A 472 -15.11 12.77 11.38
CA SER A 472 -14.96 11.41 10.87
C SER A 472 -14.20 11.33 9.55
N ARG A 473 -13.44 12.37 9.18
CA ARG A 473 -12.75 12.62 7.90
C ARG A 473 -13.72 12.91 6.76
N LYS A 474 -15.03 12.84 6.99
CA LYS A 474 -16.04 13.19 6.01
C LYS A 474 -16.71 14.53 6.33
N LYS A 475 -15.97 15.44 6.91
CA LYS A 475 -16.60 16.67 7.31
C LYS A 475 -16.88 17.55 6.16
N VAL A 476 -16.10 17.48 5.11
CA VAL A 476 -16.23 18.43 4.02
C VAL A 476 -17.60 18.35 3.34
N LEU A 477 -18.22 17.18 3.31
CA LEU A 477 -19.50 17.00 2.64
C LEU A 477 -20.63 17.47 3.53
N LYS A 478 -21.28 18.57 3.14
CA LYS A 478 -22.36 19.19 3.89
C LYS A 478 -23.59 19.30 3.01
N PRO A 479 -24.79 19.15 3.59
CA PRO A 479 -26.02 19.30 2.80
C PRO A 479 -26.35 20.77 2.55
N MET A 480 -27.35 20.98 1.71
CA MET A 480 -27.82 22.33 1.41
C MET A 480 -28.56 22.95 2.59
N HIS A 481 -28.63 24.28 2.57
CA HIS A 481 -29.48 25.04 3.47
C HIS A 481 -30.36 26.06 2.75
N GLU A 482 -29.96 26.52 1.56
CA GLU A 482 -30.74 27.45 0.75
C GLU A 482 -30.90 26.89 -0.65
N ILE A 483 -32.14 26.82 -1.12
CA ILE A 483 -32.46 26.34 -2.46
C ILE A 483 -33.14 27.48 -3.21
N ARG A 484 -32.58 27.85 -4.36
CA ARG A 484 -33.09 28.97 -5.14
C ARG A 484 -34.08 28.47 -6.20
N THR A 485 -34.54 29.40 -7.04
CA THR A 485 -35.47 29.11 -8.12
C THR A 485 -34.92 29.70 -9.40
N ILE A 486 -34.87 28.89 -10.46
CA ILE A 486 -34.25 29.30 -11.72
C ILE A 486 -35.26 30.14 -12.50
N GLU A 487 -34.89 31.39 -12.81
CA GLU A 487 -35.73 32.28 -13.58
C GLU A 487 -35.03 32.90 -14.77
N SER A 488 -33.73 32.67 -14.94
CA SER A 488 -32.97 33.26 -16.05
C SER A 488 -31.82 32.34 -16.40
N GLU A 489 -31.09 32.70 -17.46
CA GLU A 489 -29.97 31.88 -17.91
C GLU A 489 -28.75 32.01 -17.00
N GLN A 490 -28.66 33.09 -16.21
CA GLN A 490 -27.51 33.28 -15.33
C GLN A 490 -27.51 32.26 -14.20
N ASP A 491 -28.70 31.84 -13.74
CA ASP A 491 -28.78 30.77 -12.75
C ASP A 491 -28.27 29.45 -13.32
N ILE A 492 -28.57 29.17 -14.60
CA ILE A 492 -28.08 27.98 -15.26
C ILE A 492 -26.56 28.04 -15.41
N GLN A 493 -26.03 29.22 -15.75
CA GLN A 493 -24.58 29.40 -15.83
C GLN A 493 -23.90 29.20 -14.49
N ASP A 494 -24.50 29.72 -13.41
CA ASP A 494 -24.00 29.57 -12.05
C ASP A 494 -24.00 28.10 -11.63
N PHE A 495 -25.09 27.37 -11.95
CA PHE A 495 -25.16 25.95 -11.62
C PHE A 495 -24.12 25.14 -12.40
N ILE A 496 -23.90 25.48 -13.67
CA ILE A 496 -22.90 24.80 -14.48
C ILE A 496 -21.49 25.05 -13.92
N ILE A 497 -21.21 26.29 -13.53
CA ILE A 497 -19.92 26.64 -12.94
C ILE A 497 -19.69 25.90 -11.62
N LYS A 498 -20.74 25.82 -10.79
CA LYS A 498 -20.64 25.09 -9.53
C LYS A 498 -20.44 23.60 -9.76
N LEU A 499 -21.08 23.03 -10.77
CA LEU A 499 -20.93 21.61 -11.06
C LEU A 499 -19.53 21.28 -11.55
N LEU A 500 -18.96 22.11 -12.44
CA LEU A 500 -17.58 21.89 -12.85
C LEU A 500 -16.58 22.13 -11.72
N ARG A 501 -16.89 23.06 -10.81
CA ARG A 501 -16.03 23.25 -9.65
C ARG A 501 -16.07 22.03 -8.72
N GLY A 502 -17.24 21.43 -8.55
CA GLY A 502 -17.34 20.20 -7.78
C GLY A 502 -16.60 19.04 -8.41
N PHE A 503 -16.63 18.98 -9.75
CA PHE A 503 -15.82 17.98 -10.45
C PHE A 503 -14.32 18.22 -10.26
N THR A 504 -13.93 19.50 -10.24
CA THR A 504 -12.52 19.84 -10.00
C THR A 504 -12.07 19.42 -8.60
N LEU A 505 -12.93 19.64 -7.59
CA LEU A 505 -12.61 19.14 -6.25
C LEU A 505 -12.59 17.61 -6.18
N THR A 506 -13.52 16.92 -6.84
CA THR A 506 -13.53 15.47 -6.73
C THR A 506 -12.45 14.79 -7.58
N TYR A 507 -11.81 15.53 -8.48
CA TYR A 507 -10.64 14.97 -9.19
C TYR A 507 -9.44 14.80 -8.24
N GLY A 508 -9.17 15.82 -7.42
CA GLY A 508 -7.95 15.85 -6.63
C GLY A 508 -7.89 14.81 -5.53
N GLN A 509 -9.02 14.55 -4.86
CA GLN A 509 -9.04 13.58 -3.78
C GLN A 509 -8.84 12.16 -4.29
N TRP A 510 -9.28 11.87 -5.51
CA TRP A 510 -8.98 10.58 -6.11
C TRP A 510 -7.54 10.50 -6.60
N ARG A 511 -7.02 11.58 -7.17
CA ARG A 511 -5.65 11.51 -7.70
C ARG A 511 -4.57 11.64 -6.65
N LYS A 512 -4.90 12.08 -5.43
CA LYS A 512 -3.87 12.26 -4.42
C LYS A 512 -3.40 10.94 -3.83
N GLU A 513 -4.30 9.99 -3.60
CA GLU A 513 -3.95 8.76 -2.90
C GLU A 513 -4.11 7.50 -3.76
N PHE A 514 -4.33 7.65 -5.07
CA PHE A 514 -4.39 6.50 -5.97
C PHE A 514 -3.83 6.90 -7.32
N GLN A 515 -3.28 5.92 -8.03
CA GLN A 515 -2.68 6.15 -9.34
C GLN A 515 -3.04 5.10 -10.38
N SER A 516 -3.83 4.07 -10.03
CA SER A 516 -4.16 3.02 -10.99
C SER A 516 -5.14 3.51 -12.06
N ARG A 517 -5.93 4.54 -11.77
CA ARG A 517 -6.83 5.13 -12.75
C ARG A 517 -6.72 6.64 -12.70
N PHE A 518 -7.62 7.34 -13.38
CA PHE A 518 -7.61 8.79 -13.40
C PHE A 518 -8.86 9.43 -12.82
N PHE A 519 -9.98 8.72 -12.77
CA PHE A 519 -11.23 9.22 -12.22
C PHE A 519 -11.90 8.10 -11.43
N PRO A 520 -12.61 8.44 -10.36
CA PRO A 520 -13.38 7.42 -9.64
C PRO A 520 -14.58 6.96 -10.46
N VAL A 521 -15.04 5.74 -10.17
CA VAL A 521 -15.99 5.06 -11.04
C VAL A 521 -16.75 4.05 -10.20
N HIS A 522 -17.99 3.74 -10.61
CA HIS A 522 -18.82 2.73 -9.98
C HIS A 522 -18.18 1.34 -10.11
N TYR A 523 -18.49 0.47 -9.15
CA TYR A 523 -17.74 -0.77 -8.98
C TYR A 523 -18.07 -1.86 -9.99
N TYR A 524 -19.08 -1.67 -10.85
CA TYR A 524 -19.29 -2.63 -11.92
C TYR A 524 -18.19 -2.53 -12.98
N GLY A 525 -17.67 -1.33 -13.19
CA GLY A 525 -16.64 -1.12 -14.20
C GLY A 525 -15.34 -0.65 -13.61
N LEU A 526 -14.93 -1.24 -12.49
CA LEU A 526 -13.68 -0.86 -11.84
C LEU A 526 -12.46 -1.32 -12.62
N ASN A 527 -12.61 -2.27 -13.54
CA ASN A 527 -11.51 -2.78 -14.35
C ASN A 527 -11.72 -2.60 -15.84
N PHE A 528 -12.64 -1.72 -16.25
CA PHE A 528 -12.81 -1.37 -17.66
C PHE A 528 -12.26 0.03 -17.91
N ASN A 529 -11.67 0.22 -19.09
CA ASN A 529 -11.00 1.48 -19.39
C ASN A 529 -11.25 1.94 -20.83
N GLN A 530 -12.27 1.43 -21.50
CA GLN A 530 -12.49 1.73 -22.91
C GLN A 530 -13.97 1.70 -23.24
N GLY A 531 -14.43 2.71 -23.97
CA GLY A 531 -15.77 2.74 -24.53
C GLY A 531 -16.60 3.86 -23.93
N ILE A 532 -17.84 3.95 -24.41
CA ILE A 532 -18.82 4.89 -23.84
C ILE A 532 -19.47 4.12 -22.69
N ALA A 533 -18.79 4.14 -21.55
CA ALA A 533 -19.17 3.35 -20.39
C ALA A 533 -18.46 3.89 -19.16
N PHE A 534 -18.41 3.05 -18.13
CA PHE A 534 -17.54 3.23 -16.99
C PHE A 534 -16.10 3.32 -17.49
N SER A 535 -15.51 4.50 -17.46
CA SER A 535 -14.28 4.80 -18.18
C SER A 535 -13.74 6.15 -17.69
N ASP A 536 -12.77 6.68 -18.43
CA ASP A 536 -12.13 7.95 -18.09
C ASP A 536 -12.05 8.95 -19.24
N LEU A 537 -12.03 8.49 -20.49
CA LEU A 537 -11.91 9.40 -21.62
C LEU A 537 -13.22 10.15 -21.90
N ALA A 538 -14.35 9.47 -21.73
CA ALA A 538 -15.66 10.10 -21.84
C ALA A 538 -15.89 11.15 -20.75
N ILE A 539 -15.20 11.02 -19.61
CA ILE A 539 -15.28 12.03 -18.56
C ILE A 539 -14.73 13.36 -19.05
N LEU A 540 -13.54 13.34 -19.65
CA LEU A 540 -12.96 14.54 -20.20
C LEU A 540 -13.74 15.04 -21.41
N TRP A 541 -14.34 14.14 -22.19
CA TRP A 541 -15.13 14.59 -23.33
C TRP A 541 -16.42 15.31 -22.89
N SER A 542 -17.11 14.76 -21.89
CA SER A 542 -18.28 15.43 -21.34
C SER A 542 -17.92 16.71 -20.62
N TYR A 543 -16.75 16.74 -19.98
CA TYR A 543 -16.25 17.97 -19.34
C TYR A 543 -16.00 19.06 -20.37
N GLN A 544 -15.41 18.71 -21.51
CA GLN A 544 -15.19 19.69 -22.58
C GLN A 544 -16.52 20.15 -23.18
N GLN A 545 -17.45 19.22 -23.40
CA GLN A 545 -18.73 19.56 -24.01
C GLN A 545 -19.59 20.42 -23.10
N LEU A 546 -19.45 20.28 -21.78
CA LEU A 546 -20.16 21.18 -20.88
C LEU A 546 -19.42 22.49 -20.66
N ALA A 547 -18.08 22.47 -20.63
CA ALA A 547 -17.31 23.70 -20.42
C ALA A 547 -17.33 24.62 -21.62
N LYS A 548 -17.60 24.09 -22.81
CA LYS A 548 -17.73 24.98 -23.97
C LYS A 548 -19.03 25.78 -23.96
N LYS A 549 -20.01 25.40 -23.14
CA LYS A 549 -21.27 26.11 -23.05
C LYS A 549 -21.25 27.25 -22.05
N VAL A 550 -20.15 27.44 -21.32
CA VAL A 550 -20.03 28.51 -20.33
C VAL A 550 -18.85 29.39 -20.72
N LYS A 551 -19.03 30.71 -20.58
CA LYS A 551 -18.03 31.66 -21.03
C LYS A 551 -16.96 31.87 -19.97
N ASN A 552 -15.69 31.70 -20.38
CA ASN A 552 -14.49 32.07 -19.63
C ASN A 552 -14.40 31.32 -18.29
N PHE A 553 -14.26 30.01 -18.40
CA PHE A 553 -13.99 29.20 -17.22
C PHE A 553 -12.56 29.45 -16.73
N LYS A 554 -12.32 29.06 -15.47
CA LYS A 554 -11.04 29.35 -14.81
C LYS A 554 -9.86 28.61 -15.44
N PHE A 555 -10.11 27.46 -16.08
CA PHE A 555 -9.16 26.76 -16.97
C PHE A 555 -7.89 26.35 -16.22
N ASP A 556 -8.08 25.55 -15.17
CA ASP A 556 -7.00 25.24 -14.23
C ASP A 556 -5.85 24.42 -14.82
N ASP A 557 -6.09 23.16 -15.16
CA ASP A 557 -5.04 22.22 -15.57
C ASP A 557 -5.51 21.35 -16.72
N TYR A 558 -6.23 21.95 -17.68
CA TYR A 558 -6.97 21.16 -18.66
C TYR A 558 -6.06 20.49 -19.68
N TYR A 559 -5.12 21.26 -20.26
CA TYR A 559 -4.31 20.75 -21.36
C TYR A 559 -3.32 19.66 -20.94
N GLU A 560 -2.75 19.76 -19.73
CA GLU A 560 -1.80 18.75 -19.28
C GLU A 560 -2.48 17.39 -19.11
N ILE A 561 -3.58 17.35 -18.35
CA ILE A 561 -4.29 16.09 -18.10
C ILE A 561 -4.94 15.59 -19.39
N ARG A 562 -5.30 16.49 -20.30
CA ARG A 562 -5.73 16.09 -21.64
C ARG A 562 -4.61 15.38 -22.38
N THR A 563 -3.37 15.87 -22.24
CA THR A 563 -2.23 15.23 -22.90
C THR A 563 -1.96 13.83 -22.34
N GLN A 564 -1.94 13.68 -21.00
CA GLN A 564 -1.70 12.31 -20.51
C GLN A 564 -2.87 11.36 -20.77
N VAL A 565 -4.12 11.83 -20.75
CA VAL A 565 -5.23 10.92 -21.03
C VAL A 565 -5.24 10.52 -22.51
N ILE A 566 -5.02 11.48 -23.42
CA ILE A 566 -5.02 11.14 -24.84
C ILE A 566 -3.76 10.38 -25.24
N ASN A 567 -2.70 10.41 -24.43
CA ASN A 567 -1.56 9.54 -24.71
C ASN A 567 -1.77 8.14 -24.14
N GLU A 568 -2.34 8.05 -22.94
CA GLU A 568 -2.52 6.75 -22.29
C GLU A 568 -3.62 5.96 -22.97
N ALA A 569 -4.60 6.62 -23.58
CA ALA A 569 -5.68 5.92 -24.27
C ALA A 569 -5.17 5.19 -25.52
N VAL A 570 -4.23 5.80 -26.23
CA VAL A 570 -3.69 5.18 -27.44
C VAL A 570 -2.47 4.32 -27.11
N ASN A 571 -1.88 4.47 -25.92
CA ASN A 571 -0.68 3.73 -25.57
C ASN A 571 -0.95 2.24 -25.35
N ASN A 572 -2.12 1.88 -24.83
CA ASN A 572 -2.46 0.48 -24.56
C ASN A 572 -3.66 0.02 -25.40
N PHE A 573 -3.78 0.52 -26.62
CA PHE A 573 -4.99 0.34 -27.42
C PHE A 573 -5.20 -1.12 -27.82
N LYS A 574 -4.13 -1.81 -28.22
CA LYS A 574 -4.22 -3.19 -28.66
C LYS A 574 -4.01 -4.20 -27.55
N LYS A 575 -3.77 -3.75 -26.32
CA LYS A 575 -3.57 -4.65 -25.19
C LYS A 575 -4.90 -5.17 -24.64
N SER A 576 -6.01 -4.52 -24.96
CA SER A 576 -7.32 -5.00 -24.53
C SER A 576 -7.76 -6.18 -25.39
N SER A 577 -8.84 -6.83 -24.97
CA SER A 577 -9.32 -8.04 -25.62
C SER A 577 -10.83 -7.99 -25.79
N LEU A 578 -11.39 -6.79 -25.97
CA LEU A 578 -12.82 -6.63 -26.20
C LEU A 578 -13.04 -5.69 -27.38
N SER A 579 -14.16 -5.91 -28.07
CA SER A 579 -14.51 -5.11 -29.24
C SER A 579 -15.98 -4.75 -29.16
N GLY A 580 -16.29 -3.47 -29.29
CA GLY A 580 -17.66 -3.00 -29.20
C GLY A 580 -17.68 -1.49 -29.14
N LEU A 581 -18.87 -0.93 -29.37
CA LEU A 581 -19.03 0.51 -29.35
C LEU A 581 -18.93 1.05 -27.93
N PHE A 582 -19.62 0.42 -26.99
CA PHE A 582 -19.72 0.97 -25.64
C PHE A 582 -18.67 0.40 -24.69
N ASP A 583 -18.00 -0.69 -25.03
CA ASP A 583 -17.03 -1.28 -24.12
C ASP A 583 -15.74 -1.76 -24.78
N GLY A 584 -15.55 -1.53 -26.08
CA GLY A 584 -14.45 -2.13 -26.81
C GLY A 584 -13.59 -1.08 -27.48
N LYS A 585 -12.84 -1.55 -28.49
CA LYS A 585 -11.80 -0.74 -29.12
C LYS A 585 -12.33 0.27 -30.11
N ILE A 586 -13.56 0.12 -30.61
CA ILE A 586 -14.04 1.05 -31.63
C ILE A 586 -14.63 2.31 -31.00
N GLY A 587 -14.97 2.28 -29.71
CA GLY A 587 -15.49 3.46 -29.04
C GLY A 587 -14.46 4.54 -28.80
N THR A 588 -13.27 4.13 -28.34
CA THR A 588 -12.21 5.09 -28.08
C THR A 588 -11.68 5.72 -29.36
N ILE A 589 -11.82 5.05 -30.51
CA ILE A 589 -11.50 5.66 -31.80
C ILE A 589 -12.45 6.82 -32.08
N TRP A 590 -13.75 6.64 -31.82
CA TRP A 590 -14.71 7.71 -32.04
C TRP A 590 -14.51 8.86 -31.05
N LEU A 591 -14.13 8.55 -29.81
CA LEU A 591 -13.86 9.62 -28.84
C LEU A 591 -12.58 10.40 -29.18
N ILE A 592 -11.56 9.69 -29.67
CA ILE A 592 -10.34 10.36 -30.15
C ILE A 592 -10.66 11.24 -31.35
N TYR A 593 -11.56 10.79 -32.23
CA TYR A 593 -12.06 11.63 -33.30
C TYR A 593 -12.86 12.81 -32.77
N GLU A 594 -13.57 12.63 -31.66
CA GLU A 594 -14.42 13.70 -31.12
C GLU A 594 -13.59 14.80 -30.47
N PHE A 595 -12.44 14.47 -29.89
CA PHE A 595 -11.51 15.52 -29.46
C PHE A 595 -10.93 16.27 -30.65
N GLY A 596 -10.73 15.60 -31.76
CA GLY A 596 -10.01 16.14 -32.89
C GLY A 596 -9.24 15.01 -33.52
N GLU A 597 -7.91 15.19 -33.70
CA GLU A 597 -6.97 14.13 -34.06
C GLU A 597 -7.37 13.43 -35.37
N ILE A 598 -7.56 14.25 -36.41
CA ILE A 598 -8.14 13.76 -37.66
C ILE A 598 -7.21 12.80 -38.36
N ASP A 599 -5.90 13.07 -38.33
CA ASP A 599 -4.94 12.12 -38.87
C ASP A 599 -4.82 10.87 -37.99
N ARG A 600 -4.85 11.04 -36.67
CA ARG A 600 -4.65 9.93 -35.75
C ARG A 600 -5.82 8.95 -35.77
N ALA A 601 -7.04 9.49 -35.83
CA ALA A 601 -8.23 8.64 -35.86
C ALA A 601 -8.29 7.83 -37.15
N VAL A 602 -7.96 8.43 -38.29
CA VAL A 602 -7.95 7.72 -39.57
C VAL A 602 -6.82 6.68 -39.59
N GLU A 603 -5.65 7.03 -39.02
CA GLU A 603 -4.53 6.11 -38.99
C GLU A 603 -4.80 4.88 -38.12
N LEU A 604 -5.48 5.07 -36.99
CA LEU A 604 -5.90 3.93 -36.19
C LEU A 604 -7.04 3.16 -36.87
N PHE A 605 -7.93 3.89 -37.54
CA PHE A 605 -9.15 3.33 -38.10
C PHE A 605 -8.83 2.36 -39.23
N THR A 606 -8.06 2.82 -40.22
CA THR A 606 -7.71 2.00 -41.38
C THR A 606 -6.76 0.86 -41.02
N THR A 607 -6.06 0.96 -39.89
CA THR A 607 -5.17 -0.11 -39.47
C THR A 607 -5.93 -1.21 -38.74
N HIS A 608 -6.87 -0.84 -37.87
CA HIS A 608 -7.43 -1.81 -36.94
C HIS A 608 -8.89 -2.17 -37.17
N PHE A 609 -9.58 -1.53 -38.13
CA PHE A 609 -11.01 -1.78 -38.30
C PHE A 609 -11.29 -3.20 -38.80
N ILE A 610 -10.46 -3.70 -39.71
CA ILE A 610 -10.70 -5.03 -40.27
C ILE A 610 -10.46 -6.11 -39.22
N GLU A 611 -9.42 -5.95 -38.40
CA GLU A 611 -9.11 -6.92 -37.36
C GLU A 611 -10.14 -6.86 -36.24
N ILE A 612 -10.65 -5.66 -35.94
CA ILE A 612 -11.72 -5.53 -34.94
C ILE A 612 -13.01 -6.17 -35.44
N PHE A 613 -13.32 -6.01 -36.73
CA PHE A 613 -14.60 -6.49 -37.23
C PHE A 613 -14.60 -8.01 -37.42
N GLU A 614 -13.45 -8.61 -37.75
CA GLU A 614 -13.45 -10.07 -37.94
C GLU A 614 -13.56 -10.83 -36.62
N ASN A 615 -12.99 -10.31 -35.52
CA ASN A 615 -12.98 -11.12 -34.31
C ASN A 615 -14.17 -10.88 -33.39
N SER A 616 -15.16 -10.10 -33.82
CA SER A 616 -16.34 -9.88 -33.01
C SER A 616 -17.23 -11.12 -32.98
N GLN A 617 -17.95 -11.30 -31.88
CA GLN A 617 -18.80 -12.48 -31.69
C GLN A 617 -20.28 -12.15 -31.62
N ASN A 618 -20.68 -11.25 -30.73
CA ASN A 618 -22.10 -10.96 -30.53
C ASN A 618 -22.60 -10.02 -31.63
N LYS A 619 -23.90 -9.70 -31.59
CA LYS A 619 -24.51 -8.88 -32.62
C LYS A 619 -25.47 -7.85 -32.05
N ASN A 620 -25.13 -7.23 -30.92
CA ASN A 620 -25.91 -6.16 -30.35
C ASN A 620 -25.12 -4.85 -30.36
N LEU A 621 -25.77 -3.78 -29.88
CA LEU A 621 -25.16 -2.46 -29.93
C LEU A 621 -24.09 -2.29 -28.86
N TYR A 622 -24.31 -2.88 -27.68
CA TYR A 622 -23.46 -2.61 -26.53
C TYR A 622 -22.07 -3.22 -26.68
N SER A 623 -22.00 -4.50 -27.04
CA SER A 623 -20.70 -5.17 -27.12
C SER A 623 -20.60 -6.11 -28.32
N GLY A 624 -21.45 -5.96 -29.33
CA GLY A 624 -21.50 -6.93 -30.40
C GLY A 624 -20.92 -6.49 -31.72
N GLN A 625 -21.78 -6.25 -32.71
CA GLN A 625 -21.35 -6.03 -34.08
C GLN A 625 -21.97 -4.78 -34.68
N ALA A 626 -23.13 -4.38 -34.14
CA ALA A 626 -23.86 -3.25 -34.72
C ALA A 626 -23.16 -1.92 -34.46
N GLY A 627 -22.45 -1.80 -33.33
CA GLY A 627 -21.77 -0.55 -33.02
C GLY A 627 -20.60 -0.27 -33.95
N ILE A 628 -19.86 -1.31 -34.32
CA ILE A 628 -18.73 -1.16 -35.24
C ILE A 628 -19.24 -0.75 -36.62
N LEU A 629 -20.36 -1.34 -37.07
CA LEU A 629 -20.98 -0.93 -38.32
C LEU A 629 -21.54 0.49 -38.25
N LEU A 630 -22.04 0.90 -37.07
CA LEU A 630 -22.51 2.28 -36.91
C LEU A 630 -21.36 3.28 -36.98
N VAL A 631 -20.22 2.95 -36.38
CA VAL A 631 -19.02 3.80 -36.47
C VAL A 631 -18.52 3.87 -37.90
N GLY A 632 -18.53 2.74 -38.61
CA GLY A 632 -18.14 2.73 -40.01
C GLY A 632 -19.08 3.52 -40.91
N LEU A 633 -20.39 3.46 -40.62
CA LEU A 633 -21.35 4.24 -41.40
C LEU A 633 -21.20 5.73 -41.11
N TYR A 634 -20.90 6.09 -39.86
CA TYR A 634 -20.62 7.49 -39.53
C TYR A 634 -19.39 8.00 -40.24
N PHE A 635 -18.32 7.19 -40.27
CA PHE A 635 -17.09 7.59 -40.96
C PHE A 635 -17.28 7.65 -42.48
N LEU A 636 -18.15 6.81 -43.03
CA LEU A 636 -18.50 6.90 -44.44
C LEU A 636 -19.36 8.14 -44.74
N SER A 637 -20.27 8.48 -43.82
CA SER A 637 -21.15 9.63 -44.04
C SER A 637 -20.40 10.94 -43.99
N LYS A 638 -19.50 11.11 -43.01
CA LYS A 638 -18.65 12.29 -43.02
C LYS A 638 -17.63 12.21 -44.14
N GLY A 639 -16.94 11.09 -44.25
CA GLY A 639 -16.07 10.80 -45.38
C GLY A 639 -14.61 11.07 -45.09
N GLU A 640 -13.87 10.01 -44.70
CA GLU A 640 -12.43 10.12 -44.48
C GLU A 640 -11.68 8.88 -44.96
N ILE A 641 -12.35 7.98 -45.70
CA ILE A 641 -11.78 6.69 -46.04
C ILE A 641 -11.91 6.46 -47.54
N ASP A 642 -11.26 5.38 -48.00
CA ASP A 642 -11.20 5.02 -49.41
C ASP A 642 -12.51 4.36 -49.86
N ASN A 643 -12.63 4.19 -51.17
CA ASN A 643 -13.88 3.71 -51.77
C ASN A 643 -14.10 2.22 -51.55
N LYS A 644 -13.05 1.40 -51.66
CA LYS A 644 -13.22 -0.04 -51.57
C LYS A 644 -13.49 -0.49 -50.13
N LEU A 645 -12.93 0.22 -49.14
CA LEU A 645 -13.25 -0.07 -47.75
C LEU A 645 -14.72 0.25 -47.45
N GLY A 646 -15.22 1.37 -47.98
CA GLY A 646 -16.63 1.69 -47.85
C GLY A 646 -17.53 0.71 -48.59
N GLU A 647 -17.08 0.21 -49.73
CA GLU A 647 -17.82 -0.82 -50.46
C GLU A 647 -17.90 -2.11 -49.65
N GLU A 648 -16.80 -2.49 -49.00
CA GLU A 648 -16.81 -3.66 -48.12
C GLU A 648 -17.74 -3.46 -46.92
N ILE A 649 -17.75 -2.24 -46.36
CA ILE A 649 -18.62 -1.92 -45.24
C ILE A 649 -20.09 -2.02 -45.66
N LEU A 650 -20.43 -1.47 -46.82
CA LEU A 650 -21.82 -1.54 -47.31
C LEU A 650 -22.23 -2.97 -47.65
N ILE A 651 -21.30 -3.76 -48.22
CA ILE A 651 -21.59 -5.15 -48.55
C ILE A 651 -21.85 -5.98 -47.29
N ARG A 652 -21.01 -5.78 -46.26
CA ARG A 652 -21.21 -6.53 -45.03
C ARG A 652 -22.40 -6.02 -44.22
N LEU A 653 -22.77 -4.75 -44.38
CA LEU A 653 -23.98 -4.25 -43.75
C LEU A 653 -25.22 -4.83 -44.43
N ARG A 654 -25.17 -4.97 -45.76
CA ARG A 654 -26.25 -5.64 -46.48
C ARG A 654 -26.34 -7.12 -46.10
N GLU A 655 -25.18 -7.75 -45.87
CA GLU A 655 -25.15 -9.13 -45.39
C GLU A 655 -25.77 -9.25 -43.99
N TYR A 656 -25.48 -8.30 -43.11
CA TYR A 656 -26.09 -8.28 -41.78
C TYR A 656 -27.60 -8.08 -41.85
N THR A 657 -28.05 -7.19 -42.74
CA THR A 657 -29.49 -6.98 -42.91
C THR A 657 -30.19 -8.23 -43.47
N LEU A 658 -29.55 -8.90 -44.43
CA LEU A 658 -30.12 -10.12 -45.00
C LEU A 658 -30.12 -11.27 -44.00
N ASN A 659 -29.11 -11.34 -43.13
CA ASN A 659 -29.13 -12.33 -42.07
C ASN A 659 -30.17 -12.01 -41.00
N TYR A 660 -30.43 -10.72 -40.77
CA TYR A 660 -31.43 -10.35 -39.76
C TYR A 660 -32.85 -10.61 -40.25
N ILE A 661 -33.13 -10.35 -41.53
CA ILE A 661 -34.51 -10.49 -42.00
C ILE A 661 -34.91 -11.95 -42.19
N GLU A 662 -33.95 -12.89 -42.20
CA GLU A 662 -34.30 -14.29 -42.34
C GLU A 662 -34.80 -14.89 -41.02
N ASN A 663 -34.07 -14.63 -39.94
CA ASN A 663 -34.44 -15.15 -38.62
C ASN A 663 -33.94 -14.18 -37.56
N PRO A 664 -34.85 -13.43 -36.93
CA PRO A 664 -34.41 -12.41 -35.97
C PRO A 664 -34.14 -12.94 -34.56
N GLU A 665 -34.51 -14.18 -34.26
CA GLU A 665 -34.46 -14.68 -32.89
C GLU A 665 -33.11 -15.23 -32.48
N THR A 666 -32.10 -15.19 -33.36
CA THR A 666 -30.83 -15.85 -33.08
C THR A 666 -30.01 -15.07 -32.05
N PHE A 667 -29.97 -13.74 -32.18
CA PHE A 667 -29.08 -12.91 -31.36
C PHE A 667 -29.83 -11.88 -30.52
N CYS A 668 -30.98 -12.25 -29.97
CA CYS A 668 -31.71 -11.41 -29.02
C CYS A 668 -32.49 -12.33 -28.09
N LYS A 669 -33.46 -11.77 -27.37
CA LYS A 669 -34.37 -12.54 -26.53
C LYS A 669 -35.77 -11.97 -26.69
N VAL A 670 -36.55 -12.56 -27.59
CA VAL A 670 -37.95 -12.19 -27.78
C VAL A 670 -38.75 -12.93 -26.71
N GLY A 671 -39.12 -12.21 -25.65
CA GLY A 671 -39.85 -12.81 -24.55
C GLY A 671 -40.20 -11.80 -23.47
N ALA A 672 -40.03 -12.19 -22.22
CA ALA A 672 -40.32 -11.29 -21.09
C ALA A 672 -39.25 -11.30 -20.01
N SER A 673 -38.33 -12.28 -20.00
CA SER A 673 -37.22 -12.47 -19.07
C SER A 673 -37.65 -12.76 -17.64
N ASP A 674 -36.77 -13.42 -16.88
CA ASP A 674 -37.09 -13.82 -15.51
C ASP A 674 -35.99 -13.43 -14.51
N VAL A 675 -34.91 -12.81 -14.97
CA VAL A 675 -33.81 -12.39 -14.11
C VAL A 675 -33.83 -10.87 -13.99
N GLN A 676 -33.73 -10.37 -12.75
CA GLN A 676 -33.74 -8.94 -12.50
C GLN A 676 -32.43 -8.55 -11.82
N SER A 677 -31.70 -7.62 -12.43
CA SER A 677 -30.42 -7.15 -11.93
C SER A 677 -30.06 -5.84 -12.60
N ASN A 678 -29.06 -5.17 -12.04
CA ASN A 678 -28.49 -3.95 -12.61
C ASN A 678 -27.19 -4.22 -13.36
N ASP A 679 -26.85 -5.49 -13.60
CA ASP A 679 -25.62 -5.84 -14.28
C ASP A 679 -25.69 -5.42 -15.75
N PRO A 680 -24.59 -4.87 -16.31
CA PRO A 680 -24.62 -4.46 -17.72
C PRO A 680 -24.65 -5.63 -18.70
N TYR A 681 -23.94 -6.71 -18.42
CA TYR A 681 -23.84 -7.84 -19.34
C TYR A 681 -24.88 -8.92 -19.06
N GLU A 682 -26.01 -8.54 -18.47
CA GLU A 682 -27.05 -9.50 -18.14
C GLU A 682 -28.41 -9.13 -18.73
N ASN A 683 -28.73 -7.85 -18.81
CA ASN A 683 -29.98 -7.43 -19.42
C ASN A 683 -29.90 -7.54 -20.94
N PHE A 684 -30.99 -8.00 -21.56
CA PHE A 684 -31.08 -8.13 -23.00
C PHE A 684 -32.20 -7.30 -23.61
N GLY A 685 -32.84 -6.44 -22.84
CA GLY A 685 -33.95 -5.62 -23.33
C GLY A 685 -33.66 -4.14 -23.14
N GLY A 686 -33.74 -3.38 -24.23
CA GLY A 686 -33.57 -1.94 -24.18
C GLY A 686 -32.87 -1.42 -25.41
N LEU A 687 -32.52 -0.13 -25.37
CA LEU A 687 -31.84 0.50 -26.49
C LEU A 687 -30.40 0.02 -26.61
N LEU A 688 -29.68 -0.03 -25.50
CA LEU A 688 -28.31 -0.53 -25.51
C LEU A 688 -28.26 -2.04 -25.69
N TYR A 689 -29.27 -2.76 -25.20
CA TYR A 689 -29.30 -4.22 -25.23
C TYR A 689 -30.54 -4.64 -26.03
N GLY A 690 -30.38 -4.91 -27.31
CA GLY A 690 -31.48 -5.49 -28.06
C GLY A 690 -31.82 -4.87 -29.40
N HIS A 691 -33.11 -4.89 -29.72
CA HIS A 691 -33.56 -4.62 -31.09
C HIS A 691 -33.53 -3.12 -31.42
N ALA A 692 -33.58 -2.25 -30.41
CA ALA A 692 -33.57 -0.83 -30.69
C ALA A 692 -32.21 -0.35 -31.18
N GLY A 693 -31.13 -0.98 -30.74
CA GLY A 693 -29.83 -0.71 -31.30
C GLY A 693 -29.71 -1.11 -32.76
N VAL A 694 -30.39 -2.20 -33.13
CA VAL A 694 -30.43 -2.60 -34.54
C VAL A 694 -31.29 -1.62 -35.35
N ALA A 695 -32.39 -1.16 -34.78
CA ALA A 695 -33.28 -0.21 -35.44
C ALA A 695 -32.61 1.16 -35.63
N TRP A 696 -31.74 1.56 -34.70
CA TRP A 696 -30.97 2.79 -34.87
C TRP A 696 -30.03 2.69 -36.08
N LEU A 697 -29.37 1.54 -36.23
CA LEU A 697 -28.50 1.31 -37.38
C LEU A 697 -29.29 1.27 -38.68
N PHE A 698 -30.48 0.67 -38.65
CA PHE A 698 -31.35 0.65 -39.84
C PHE A 698 -31.83 2.05 -40.21
N GLY A 699 -32.15 2.88 -39.21
CA GLY A 699 -32.53 4.26 -39.49
C GLY A 699 -31.38 5.07 -40.08
N GLU A 700 -30.16 4.87 -39.57
CA GLU A 700 -29.00 5.56 -40.12
C GLU A 700 -28.68 5.08 -41.53
N ALA A 701 -28.86 3.79 -41.80
CA ALA A 701 -28.64 3.27 -43.15
C ALA A 701 -29.68 3.76 -44.13
N TYR A 702 -30.94 3.90 -43.67
CA TYR A 702 -31.97 4.49 -44.54
C TYR A 702 -31.71 5.96 -44.79
N LYS A 703 -31.21 6.67 -43.77
CA LYS A 703 -30.91 8.10 -43.95
C LYS A 703 -29.67 8.31 -44.81
N LEU A 704 -28.78 7.31 -44.89
CA LEU A 704 -27.58 7.46 -45.68
C LEU A 704 -27.85 7.28 -47.17
N THR A 705 -28.44 6.15 -47.56
CA THR A 705 -28.68 5.84 -48.97
C THR A 705 -30.17 5.80 -49.31
N GLY A 706 -30.95 4.97 -48.63
CA GLY A 706 -32.39 4.97 -48.84
C GLY A 706 -32.99 3.71 -49.44
N GLU A 707 -32.40 2.55 -49.16
CA GLU A 707 -32.99 1.29 -49.59
C GLU A 707 -34.19 0.94 -48.71
N SER A 708 -35.25 0.43 -49.34
CA SER A 708 -36.48 0.10 -48.62
C SER A 708 -36.36 -1.13 -47.73
N ILE A 709 -35.34 -1.97 -47.96
CA ILE A 709 -35.14 -3.14 -47.10
C ILE A 709 -34.72 -2.71 -45.70
N TYR A 710 -34.05 -1.57 -45.57
CA TYR A 710 -33.73 -1.03 -44.25
C TYR A 710 -35.00 -0.60 -43.52
N LYS A 711 -35.95 0.00 -44.24
CA LYS A 711 -37.23 0.37 -43.65
C LYS A 711 -38.02 -0.87 -43.24
N ASN A 712 -38.00 -1.92 -44.07
CA ASN A 712 -38.69 -3.16 -43.72
C ASN A 712 -38.07 -3.83 -42.51
N GLY A 713 -36.74 -3.85 -42.43
CA GLY A 713 -36.06 -4.40 -41.27
C GLY A 713 -36.30 -3.60 -40.00
N LEU A 714 -36.35 -2.27 -40.14
CA LEU A 714 -36.65 -1.40 -38.99
C LEU A 714 -38.06 -1.63 -38.48
N GLU A 715 -39.03 -1.74 -39.40
CA GLU A 715 -40.42 -2.01 -39.00
C GLU A 715 -40.56 -3.39 -38.36
N LEU A 716 -39.84 -4.39 -38.89
CA LEU A 716 -39.85 -5.72 -38.28
C LEU A 716 -39.22 -5.70 -36.89
N ALA A 717 -38.13 -4.95 -36.71
CA ALA A 717 -37.47 -4.86 -35.41
C ALA A 717 -38.35 -4.15 -34.38
N VAL A 718 -39.05 -3.09 -34.80
CA VAL A 718 -39.94 -2.37 -33.88
C VAL A 718 -41.14 -3.25 -33.52
N ASP A 719 -41.71 -3.97 -34.49
CA ASP A 719 -42.82 -4.86 -34.19
C ASP A 719 -42.40 -6.05 -33.35
N LYS A 720 -41.13 -6.46 -33.43
CA LYS A 720 -40.64 -7.53 -32.57
C LYS A 720 -40.38 -7.03 -31.14
N GLU A 721 -39.92 -5.79 -30.99
CA GLU A 721 -39.54 -5.30 -29.67
C GLU A 721 -40.77 -4.94 -28.82
N LEU A 722 -41.86 -4.51 -29.46
CA LEU A 722 -43.09 -4.19 -28.74
C LEU A 722 -43.82 -5.42 -28.21
N VAL A 723 -43.39 -6.63 -28.57
CA VAL A 723 -43.97 -7.85 -28.01
C VAL A 723 -43.67 -7.93 -26.51
N ALA A 724 -42.46 -7.54 -26.11
CA ALA A 724 -42.04 -7.66 -24.72
C ALA A 724 -42.75 -6.66 -23.80
N TYR A 725 -43.33 -5.60 -24.34
CA TYR A 725 -43.94 -4.57 -23.51
C TYR A 725 -45.34 -4.98 -23.06
N LYS A 726 -45.75 -4.43 -21.92
CA LYS A 726 -47.09 -4.68 -21.37
C LYS A 726 -47.76 -3.34 -21.10
N VAL A 727 -49.03 -3.42 -20.69
CA VAL A 727 -49.84 -2.25 -20.35
C VAL A 727 -50.28 -2.38 -18.91
N ASP A 728 -50.00 -1.36 -18.10
CA ASP A 728 -50.38 -1.37 -16.70
C ASP A 728 -51.83 -0.90 -16.55
N SER A 729 -52.25 -0.64 -15.30
CA SER A 729 -53.60 -0.17 -15.04
C SER A 729 -53.81 1.30 -15.42
N ASN A 730 -52.72 2.04 -15.64
CA ASN A 730 -52.79 3.46 -15.95
C ASN A 730 -52.71 3.75 -17.44
N ASN A 731 -52.85 2.71 -18.28
CA ASN A 731 -52.78 2.78 -19.74
C ASN A 731 -51.45 3.38 -20.21
N SER A 732 -50.36 2.67 -19.90
CA SER A 732 -49.02 3.09 -20.25
C SER A 732 -48.20 1.87 -20.65
N LEU A 733 -47.34 2.04 -21.65
CA LEU A 733 -46.51 0.96 -22.15
C LEU A 733 -45.18 0.97 -21.40
N GLN A 734 -44.83 -0.16 -20.78
CA GLN A 734 -43.60 -0.28 -20.02
C GLN A 734 -42.95 -1.62 -20.33
N TYR A 735 -41.62 -1.66 -20.18
CA TYR A 735 -40.88 -2.90 -20.30
C TYR A 735 -41.15 -3.77 -19.08
N SER A 736 -41.16 -5.09 -19.29
CA SER A 736 -41.44 -6.05 -18.24
C SER A 736 -40.20 -6.91 -17.99
N GLN A 737 -39.87 -7.09 -16.72
CA GLN A 737 -38.71 -7.90 -16.33
C GLN A 737 -39.00 -8.46 -14.95
N GLY A 738 -39.30 -9.75 -14.89
CA GLY A 738 -39.70 -10.39 -13.65
C GLY A 738 -41.01 -9.86 -13.10
N HIS A 739 -40.97 -9.35 -11.88
CA HIS A 739 -42.12 -8.67 -11.28
C HIS A 739 -41.98 -7.16 -11.31
N ARG A 740 -41.02 -6.63 -12.07
CA ARG A 740 -40.69 -5.22 -12.07
C ARG A 740 -40.92 -4.62 -13.45
N LEU A 741 -41.30 -3.35 -13.46
CA LEU A 741 -41.45 -2.57 -14.69
C LEU A 741 -40.40 -1.48 -14.71
N LEU A 742 -39.75 -1.30 -15.86
CA LEU A 742 -38.59 -0.43 -16.01
C LEU A 742 -38.82 0.62 -17.09
N PRO A 743 -39.50 1.73 -16.77
CA PRO A 743 -39.46 2.89 -17.68
C PRO A 743 -38.19 3.71 -17.45
N TYR A 744 -37.22 3.57 -18.34
CA TYR A 744 -35.94 4.27 -18.24
C TYR A 744 -35.40 4.50 -19.64
N LEU A 745 -34.24 5.16 -19.71
CA LEU A 745 -33.65 5.49 -21.00
C LEU A 745 -33.01 4.28 -21.66
N ALA A 746 -32.12 3.60 -20.94
CA ALA A 746 -31.39 2.48 -21.52
C ALA A 746 -32.27 1.25 -21.67
N THR A 747 -32.66 0.64 -20.55
CA THR A 747 -33.37 -0.62 -20.54
C THR A 747 -34.87 -0.38 -20.35
N GLY A 748 -35.50 0.26 -21.34
CA GLY A 748 -36.94 0.41 -21.25
C GLY A 748 -37.64 1.36 -22.19
N SER A 749 -38.58 2.14 -21.63
CA SER A 749 -39.59 2.82 -22.43
C SER A 749 -39.07 4.04 -23.17
N ALA A 750 -38.17 4.81 -22.55
CA ALA A 750 -37.73 6.08 -23.14
C ALA A 750 -36.86 5.89 -24.38
N GLY A 751 -36.22 4.73 -24.53
CA GLY A 751 -35.41 4.50 -25.72
C GLY A 751 -36.24 4.44 -26.99
N LEU A 752 -37.38 3.75 -26.95
CA LEU A 752 -38.26 3.71 -28.11
C LEU A 752 -38.96 5.04 -28.34
N LEU A 753 -39.27 5.78 -27.27
CA LEU A 753 -39.86 7.11 -27.43
C LEU A 753 -38.88 8.08 -28.06
N LEU A 754 -37.57 7.90 -27.80
CA LEU A 754 -36.56 8.69 -28.49
C LEU A 754 -36.39 8.23 -29.94
N LEU A 755 -36.42 6.91 -30.16
CA LEU A 755 -36.13 6.35 -31.47
C LEU A 755 -37.22 6.69 -32.48
N ILE A 756 -38.48 6.52 -32.11
CA ILE A 756 -39.58 6.84 -33.03
C ILE A 756 -39.82 8.33 -33.13
N ASN A 757 -39.25 9.14 -32.24
CA ASN A 757 -39.26 10.59 -32.43
C ASN A 757 -38.12 11.03 -33.36
N ARG A 758 -37.02 10.28 -33.39
CA ARG A 758 -35.94 10.60 -34.33
C ARG A 758 -36.33 10.28 -35.76
N ASN A 759 -37.20 9.30 -35.97
CA ASN A 759 -37.57 8.88 -37.32
C ASN A 759 -39.05 9.12 -37.59
N LYS A 760 -39.56 10.29 -37.20
CA LYS A 760 -40.98 10.58 -37.41
C LYS A 760 -41.30 10.83 -38.88
N GLU A 761 -40.32 11.30 -39.67
CA GLU A 761 -40.57 11.54 -41.08
C GLU A 761 -40.59 10.25 -41.89
N ILE A 762 -39.88 9.22 -41.44
CA ILE A 762 -39.81 7.97 -42.20
C ILE A 762 -40.96 7.05 -41.84
N LEU A 763 -41.30 6.97 -40.55
CA LEU A 763 -42.35 6.08 -40.07
C LEU A 763 -43.72 6.59 -40.51
N SER A 764 -44.70 5.70 -40.48
CA SER A 764 -46.05 5.97 -40.95
C SER A 764 -47.03 6.03 -39.78
N SER A 765 -48.31 6.18 -40.12
CA SER A 765 -49.34 6.44 -39.11
C SER A 765 -49.71 5.21 -38.28
N LYS A 766 -49.31 4.01 -38.70
CA LYS A 766 -49.60 2.82 -37.91
C LYS A 766 -48.60 2.60 -36.78
N TYR A 767 -47.56 3.43 -36.69
CA TYR A 767 -46.53 3.27 -35.68
C TYR A 767 -46.45 4.42 -34.69
N LEU A 768 -46.97 5.59 -35.05
CA LEU A 768 -46.88 6.77 -34.21
C LEU A 768 -48.00 6.87 -33.18
N LYS A 769 -48.91 5.90 -33.14
CA LYS A 769 -50.01 5.93 -32.19
C LYS A 769 -49.59 5.50 -30.78
N TYR A 770 -48.38 4.98 -30.61
CA TYR A 770 -47.88 4.58 -29.30
C TYR A 770 -47.19 5.72 -28.56
N LEU A 771 -47.06 6.90 -29.17
CA LEU A 771 -46.36 8.02 -28.54
C LEU A 771 -47.13 8.55 -27.34
N THR A 772 -48.46 8.61 -27.44
CA THR A 772 -49.27 9.08 -26.32
C THR A 772 -49.25 8.08 -25.17
N SER A 773 -49.19 6.79 -25.49
CA SER A 773 -49.10 5.76 -24.45
C SER A 773 -47.73 5.77 -23.79
N LEU A 774 -46.66 5.99 -24.57
CA LEU A 774 -45.32 5.97 -24.00
C LEU A 774 -45.00 7.25 -23.23
N GLU A 775 -45.60 8.38 -23.62
CA GLU A 775 -45.34 9.62 -22.90
C GLU A 775 -46.03 9.63 -21.53
N ARG A 776 -47.08 8.83 -21.36
CA ARG A 776 -47.70 8.70 -20.05
C ARG A 776 -46.92 7.78 -19.12
N ALA A 777 -45.94 7.04 -19.65
CA ALA A 777 -45.09 6.18 -18.84
C ALA A 777 -43.80 6.83 -18.39
N THR A 778 -43.39 7.91 -19.05
CA THR A 778 -42.17 8.64 -18.70
C THR A 778 -42.50 10.02 -18.13
N ASP A 779 -43.58 10.10 -17.37
CA ASP A 779 -44.02 11.33 -16.72
C ASP A 779 -44.15 11.11 -15.22
N VAL A 780 -43.17 10.41 -14.64
CA VAL A 780 -43.16 10.12 -13.22
C VAL A 780 -42.75 11.36 -12.44
N VAL A 781 -42.98 11.36 -11.13
CA VAL A 781 -42.60 12.47 -10.27
C VAL A 781 -41.44 12.15 -9.36
N PHE A 782 -41.07 10.88 -9.22
CA PHE A 782 -39.97 10.50 -8.34
C PHE A 782 -39.41 9.15 -8.78
N CYS A 783 -38.08 9.05 -8.81
CA CYS A 783 -37.40 7.78 -8.99
C CYS A 783 -36.11 7.81 -8.19
N VAL A 784 -35.62 6.63 -7.82
CA VAL A 784 -34.54 6.53 -6.84
C VAL A 784 -33.21 6.92 -7.47
N LEU A 785 -32.86 6.30 -8.60
CA LEU A 785 -31.55 6.51 -9.18
C LEU A 785 -31.49 7.86 -9.91
N PRO A 786 -30.40 8.61 -9.76
CA PRO A 786 -30.26 9.89 -10.45
C PRO A 786 -29.48 9.85 -11.77
N GLY A 787 -29.17 8.66 -12.29
CA GLY A 787 -28.23 8.53 -13.38
C GLY A 787 -28.81 8.87 -14.75
N LEU A 788 -28.06 8.50 -15.77
CA LEU A 788 -28.45 8.73 -17.15
C LEU A 788 -29.01 7.48 -17.83
N PHE A 789 -28.38 6.33 -17.61
CA PHE A 789 -28.88 5.11 -18.26
C PHE A 789 -30.18 4.63 -17.63
N ASN A 790 -30.25 4.63 -16.30
CA ASN A 790 -31.42 4.14 -15.59
C ASN A 790 -31.83 5.09 -14.47
N GLY A 791 -31.86 6.39 -14.79
CA GLY A 791 -32.20 7.38 -13.79
C GLY A 791 -33.16 8.46 -14.26
N PHE A 792 -33.22 9.57 -13.52
CA PHE A 792 -34.14 10.65 -13.87
C PHE A 792 -33.63 11.47 -15.04
N CYS A 793 -32.31 11.64 -15.16
CA CYS A 793 -31.75 12.43 -16.24
C CYS A 793 -32.01 11.80 -17.59
N GLY A 794 -31.98 10.47 -17.67
CA GLY A 794 -32.36 9.78 -18.88
C GLY A 794 -33.83 9.92 -19.23
N LEU A 795 -34.69 9.98 -18.21
CA LEU A 795 -36.10 10.21 -18.46
C LEU A 795 -36.36 11.61 -18.98
N GLU A 796 -35.66 12.61 -18.44
CA GLU A 796 -35.91 13.98 -18.83
C GLU A 796 -35.13 14.42 -20.06
N VAL A 797 -34.09 13.69 -20.48
CA VAL A 797 -33.40 14.06 -21.70
C VAL A 797 -34.16 13.56 -22.93
N ALA A 798 -35.06 12.59 -22.75
CA ALA A 798 -35.79 11.99 -23.85
C ALA A 798 -37.26 12.36 -23.90
N ASN A 799 -37.80 12.91 -22.80
CA ASN A 799 -39.22 13.28 -22.79
C ASN A 799 -39.50 14.45 -23.73
N ASN A 800 -38.61 15.43 -23.75
CA ASN A 800 -38.69 16.56 -24.69
C ASN A 800 -37.31 16.77 -25.30
N ILE A 801 -37.03 16.07 -26.39
CA ILE A 801 -35.73 16.23 -27.03
C ILE A 801 -35.85 16.87 -28.41
N TYR A 802 -36.56 16.25 -29.36
CA TYR A 802 -36.55 16.75 -30.74
C TYR A 802 -37.69 17.75 -30.93
N SER A 803 -38.94 17.26 -30.88
CA SER A 803 -40.18 18.00 -30.65
C SER A 803 -40.55 19.03 -31.72
N ASP A 804 -39.67 19.27 -32.70
CA ASP A 804 -39.78 20.33 -33.72
C ASP A 804 -39.99 21.74 -33.15
N ILE A 805 -39.65 21.96 -31.87
CA ILE A 805 -39.75 23.26 -31.22
C ILE A 805 -38.39 23.56 -30.58
N ASP A 806 -37.96 24.82 -30.66
CA ASP A 806 -36.71 25.26 -30.06
C ASP A 806 -36.86 25.68 -28.60
N ASP A 807 -38.02 25.41 -27.98
CA ASP A 807 -38.26 25.76 -26.59
C ASP A 807 -37.49 24.80 -25.69
N ASN A 808 -36.37 25.27 -25.15
CA ASN A 808 -35.52 24.46 -24.29
C ASN A 808 -35.37 25.02 -22.89
N PHE A 809 -35.93 26.20 -22.59
CA PHE A 809 -35.79 26.77 -21.25
C PHE A 809 -36.63 26.02 -20.23
N SER A 810 -37.82 25.56 -20.63
CA SER A 810 -38.71 24.87 -19.71
C SER A 810 -38.15 23.52 -19.29
N GLY A 811 -37.56 22.78 -20.23
CA GLY A 811 -36.95 21.50 -19.90
C GLY A 811 -35.75 21.63 -18.99
N GLN A 812 -34.88 22.62 -19.25
CA GLN A 812 -33.75 22.89 -18.38
C GLN A 812 -34.21 23.31 -16.99
N LYS A 813 -35.25 24.16 -16.92
CA LYS A 813 -35.76 24.62 -15.63
C LYS A 813 -36.33 23.46 -14.82
N LYS A 814 -37.12 22.59 -15.46
CA LYS A 814 -37.68 21.44 -14.78
C LYS A 814 -36.60 20.47 -14.32
N LEU A 815 -35.60 20.22 -15.19
CA LEU A 815 -34.54 19.26 -14.87
C LEU A 815 -33.69 19.76 -13.70
N ILE A 816 -33.27 21.02 -13.73
CA ILE A 816 -32.42 21.54 -12.67
C ILE A 816 -33.21 21.69 -11.36
N GLU A 817 -34.45 22.18 -11.43
CA GLU A 817 -35.19 22.41 -10.20
C GLU A 817 -35.74 21.12 -9.59
N GLN A 818 -35.76 20.01 -10.34
CA GLN A 818 -36.20 18.76 -9.75
C GLN A 818 -35.04 17.81 -9.45
N LEU A 819 -33.88 18.00 -10.05
CA LEU A 819 -32.73 17.14 -9.80
C LEU A 819 -31.95 17.52 -8.54
N TYR A 820 -32.37 18.59 -7.84
CA TYR A 820 -31.70 19.08 -6.63
C TYR A 820 -31.77 18.11 -5.45
N ARG A 821 -32.60 17.08 -5.50
CA ARG A 821 -32.83 16.21 -4.36
C ARG A 821 -31.79 15.10 -4.21
N TYR A 822 -30.80 15.02 -5.11
CA TYR A 822 -29.84 13.93 -5.11
C TYR A 822 -28.42 14.36 -4.73
N LEU A 823 -28.18 15.66 -4.54
CA LEU A 823 -26.83 16.20 -4.49
C LEU A 823 -26.41 16.55 -3.07
N CYS A 824 -25.11 16.84 -2.93
CA CYS A 824 -24.58 17.35 -1.67
C CYS A 824 -23.72 18.54 -2.14
N VAL A 825 -22.65 18.91 -1.43
CA VAL A 825 -21.73 19.98 -1.89
C VAL A 825 -20.30 19.80 -1.35
N ILE A 826 -19.36 20.71 -1.66
CA ILE A 826 -17.98 20.44 -1.18
C ILE A 826 -17.18 21.71 -0.87
N GLU A 827 -17.45 22.80 -1.55
CA GLU A 827 -16.76 24.07 -1.33
C GLU A 827 -17.01 24.76 -2.59
N GLU A 828 -18.15 25.41 -2.71
CA GLU A 828 -18.47 25.98 -3.95
C GLU A 828 -18.32 24.90 -4.94
N GLY A 829 -18.94 23.74 -4.68
CA GLY A 829 -18.80 22.60 -5.56
C GLY A 829 -20.12 21.89 -5.78
N PHE A 830 -20.06 20.65 -6.25
CA PHE A 830 -21.25 19.86 -6.53
C PHE A 830 -20.86 18.47 -6.96
N VAL A 831 -21.21 17.45 -6.17
CA VAL A 831 -20.92 16.09 -6.60
C VAL A 831 -22.20 15.28 -6.50
N ILE A 832 -22.32 14.25 -7.33
CA ILE A 832 -23.53 13.44 -7.41
C ILE A 832 -23.19 12.01 -6.98
N ALA A 833 -23.93 11.51 -6.00
CA ALA A 833 -23.78 10.11 -5.61
C ALA A 833 -24.39 9.20 -6.68
N GLY A 834 -23.75 8.09 -6.95
CA GLY A 834 -24.21 7.25 -8.04
C GLY A 834 -25.01 6.10 -7.55
N ASP A 835 -25.61 5.37 -8.47
CA ASP A 835 -26.49 4.32 -8.04
C ASP A 835 -25.98 3.66 -6.78
N ASN A 836 -26.82 3.52 -5.76
CA ASN A 836 -26.44 2.92 -4.49
C ASN A 836 -25.64 3.90 -3.72
N GLY A 837 -26.10 5.12 -3.68
CA GLY A 837 -25.34 6.15 -3.01
C GLY A 837 -24.66 5.68 -1.76
N LEU A 838 -23.37 5.88 -1.68
CA LEU A 838 -22.59 5.50 -0.53
C LEU A 838 -21.33 5.68 -1.26
N LYS A 839 -21.29 6.73 -2.02
CA LYS A 839 -20.16 6.94 -2.91
C LYS A 839 -20.30 8.30 -3.55
N ILE A 840 -19.20 8.77 -4.15
CA ILE A 840 -19.22 9.81 -5.18
C ILE A 840 -18.42 9.29 -6.37
N THR A 841 -19.02 9.38 -7.56
CA THR A 841 -18.41 8.83 -8.78
C THR A 841 -18.58 9.81 -9.93
N THR A 842 -17.66 9.70 -10.88
CA THR A 842 -17.73 10.41 -12.16
C THR A 842 -17.69 9.34 -13.25
N ASP A 843 -18.85 9.01 -13.80
CA ASP A 843 -18.98 8.06 -14.89
C ASP A 843 -20.25 8.36 -15.65
N ILE A 844 -20.32 7.85 -16.89
CA ILE A 844 -21.36 8.30 -17.82
C ILE A 844 -22.73 7.71 -17.52
N ALA A 845 -22.82 6.65 -16.73
CA ALA A 845 -24.13 6.07 -16.45
C ALA A 845 -24.82 6.71 -15.26
N SER A 846 -24.10 6.92 -14.15
CA SER A 846 -24.71 7.53 -12.96
C SER A 846 -23.65 8.37 -12.26
N GLY A 847 -23.58 9.65 -12.63
CA GLY A 847 -22.57 10.52 -12.07
C GLY A 847 -22.53 11.85 -12.80
N PHE A 848 -21.34 12.47 -12.74
CA PHE A 848 -21.12 13.79 -13.32
C PHE A 848 -21.28 13.80 -14.85
N ALA A 849 -20.73 12.79 -15.52
CA ALA A 849 -20.76 12.77 -16.98
C ALA A 849 -22.17 12.56 -17.51
N GLY A 850 -22.99 11.78 -16.80
CA GLY A 850 -24.35 11.55 -17.25
C GLY A 850 -25.20 12.80 -17.24
N VAL A 851 -25.13 13.58 -16.16
CA VAL A 851 -25.91 14.82 -16.10
C VAL A 851 -25.29 15.88 -17.00
N ALA A 852 -23.97 15.83 -17.23
CA ALA A 852 -23.34 16.75 -18.17
C ALA A 852 -23.82 16.50 -19.60
N ILE A 853 -23.87 15.22 -20.00
CA ILE A 853 -24.39 14.86 -21.32
C ILE A 853 -25.88 15.17 -21.41
N GLY A 854 -26.60 15.04 -20.28
CA GLY A 854 -28.02 15.40 -20.27
C GLY A 854 -28.27 16.86 -20.55
N LEU A 855 -27.52 17.75 -19.88
CA LEU A 855 -27.63 19.18 -20.14
C LEU A 855 -27.17 19.54 -21.56
N VAL A 856 -26.08 18.92 -22.03
CA VAL A 856 -25.57 19.22 -23.37
C VAL A 856 -26.57 18.77 -24.44
N SER A 857 -27.16 17.59 -24.26
CA SER A 857 -28.13 17.07 -25.22
C SER A 857 -29.46 17.83 -25.17
N ILE A 858 -29.85 18.34 -24.01
CA ILE A 858 -31.04 19.20 -23.94
C ILE A 858 -30.79 20.51 -24.66
N MET A 859 -29.59 21.09 -24.48
CA MET A 859 -29.26 22.36 -25.13
C MET A 859 -29.12 22.21 -26.64
N ASP A 860 -28.38 21.22 -27.11
CA ASP A 860 -27.99 21.13 -28.51
C ASP A 860 -28.89 20.23 -29.35
N ASN A 861 -29.81 19.49 -28.73
CA ASN A 861 -30.83 18.67 -29.40
C ASN A 861 -30.19 17.59 -30.28
N LYS A 862 -29.28 16.82 -29.69
CA LYS A 862 -28.56 15.81 -30.46
C LYS A 862 -28.45 14.43 -29.81
N LEU A 863 -28.49 14.31 -28.48
CA LEU A 863 -28.19 13.08 -27.72
C LEU A 863 -26.80 12.54 -28.10
N THR A 864 -25.79 13.29 -27.69
CA THR A 864 -24.40 13.02 -28.10
C THR A 864 -23.76 11.87 -27.32
N ILE A 865 -24.38 10.68 -27.40
CA ILE A 865 -23.73 9.43 -27.04
C ILE A 865 -23.89 8.36 -28.11
N LEU A 866 -24.81 8.53 -29.06
CA LEU A 866 -24.93 7.65 -30.21
C LEU A 866 -24.63 8.48 -31.46
N PRO A 867 -23.69 8.07 -32.29
CA PRO A 867 -23.44 8.79 -33.55
C PRO A 867 -24.61 8.62 -34.51
N GLN A 868 -24.77 9.62 -35.38
CA GLN A 868 -25.88 9.67 -36.31
C GLN A 868 -25.37 10.22 -37.63
N ILE A 869 -26.33 10.58 -38.50
CA ILE A 869 -26.25 11.07 -39.90
C ILE A 869 -25.40 10.17 -40.84
N PHE B 1 -31.28 -34.52 24.58
CA PHE B 1 -31.42 -35.15 23.29
C PHE B 1 -30.11 -35.80 22.86
N GLN B 2 -30.09 -37.12 22.76
CA GLN B 2 -28.84 -37.81 22.44
C GLN B 2 -28.96 -38.76 21.28
N GLY B 3 -27.84 -39.07 20.64
CA GLY B 3 -27.87 -39.94 19.48
C GLY B 3 -28.48 -39.22 18.31
N MET B 4 -28.73 -37.93 18.49
CA MET B 4 -29.33 -37.15 17.43
C MET B 4 -28.24 -36.88 16.49
N ALA B 5 -27.40 -35.91 16.81
CA ALA B 5 -26.33 -35.51 15.89
C ALA B 5 -26.60 -35.54 14.37
N GLU B 6 -26.62 -36.74 13.84
CA GLU B 6 -26.83 -36.83 12.42
C GLU B 6 -27.98 -35.99 12.03
N GLU B 7 -28.99 -35.93 12.85
CA GLU B 7 -30.18 -35.22 12.40
C GLU B 7 -29.90 -33.80 11.97
N VAL B 8 -29.38 -32.99 12.88
CA VAL B 8 -29.03 -31.64 12.55
C VAL B 8 -28.01 -31.57 11.42
N LEU B 9 -27.03 -32.43 11.56
CA LEU B 9 -25.99 -32.33 10.56
C LEU B 9 -26.67 -32.36 9.21
N ASN B 10 -27.60 -33.27 9.01
CA ASN B 10 -28.29 -33.40 7.75
C ASN B 10 -29.05 -32.15 7.52
N LEU B 11 -30.06 -31.91 8.33
CA LEU B 11 -30.75 -30.63 8.26
C LEU B 11 -29.95 -29.62 7.46
N GLN B 12 -28.66 -29.47 7.75
CA GLN B 12 -27.93 -28.49 6.88
C GLN B 12 -27.95 -28.64 5.33
N LEU B 13 -29.08 -28.88 4.67
CA LEU B 13 -29.26 -29.01 3.22
C LEU B 13 -30.61 -28.41 2.77
N VAL B 14 -31.73 -29.04 3.11
CA VAL B 14 -33.04 -28.55 2.71
C VAL B 14 -32.98 -27.88 1.35
N SER B 15 -33.68 -26.77 1.17
CA SER B 15 -33.74 -26.13 -0.15
C SER B 15 -34.53 -24.85 -0.17
N VAL B 16 -33.88 -23.71 -0.35
CA VAL B 16 -34.58 -22.43 -0.30
C VAL B 16 -35.88 -22.44 -1.09
N GLN B 17 -36.80 -21.57 -0.73
CA GLN B 17 -38.09 -21.53 -1.42
C GLN B 17 -38.18 -20.27 -2.23
N VAL B 18 -38.85 -20.32 -3.38
CA VAL B 18 -38.93 -19.16 -4.27
C VAL B 18 -40.27 -18.42 -4.18
N UNK B 40 -29.98 -6.98 -5.72
CA UNK B 40 -28.61 -7.19 -5.25
C UNK B 40 -28.44 -6.83 -3.79
N UNK B 41 -27.42 -6.02 -3.46
CA UNK B 41 -27.13 -5.63 -2.07
C UNK B 41 -26.43 -6.73 -1.27
N UNK B 42 -25.15 -6.93 -1.55
CA UNK B 42 -24.39 -7.95 -0.84
C UNK B 42 -24.02 -7.47 0.53
N UNK B 43 -22.91 -7.99 1.05
CA UNK B 43 -22.49 -7.62 2.39
C UNK B 43 -23.61 -7.69 3.41
N UNK B 44 -23.92 -8.89 3.90
CA UNK B 44 -24.95 -9.08 4.94
C UNK B 44 -26.16 -8.13 4.96
N UNK B 45 -26.62 -7.71 6.15
CA UNK B 45 -27.83 -6.88 6.26
C UNK B 45 -28.04 -5.95 5.10
N ASN C 4 20.21 8.48 -2.18
CA ASN C 4 20.57 8.22 -0.81
C ASN C 4 19.36 8.35 0.09
N PHE C 5 18.51 7.35 0.12
CA PHE C 5 17.40 7.40 1.03
C PHE C 5 17.33 6.09 1.79
N ASN C 6 17.54 6.11 3.10
CA ASN C 6 17.54 4.90 3.89
C ASN C 6 16.28 4.71 4.66
N LEU C 7 15.85 3.47 4.77
CA LEU C 7 14.71 3.22 5.59
C LEU C 7 15.06 1.97 6.30
N GLU C 8 14.23 1.52 7.21
CA GLU C 8 14.50 0.24 7.83
C GLU C 8 13.22 -0.57 7.98
N HIS C 9 13.27 -1.81 7.52
CA HIS C 9 12.24 -2.83 7.70
C HIS C 9 13.01 -4.15 7.71
N PRO C 10 12.36 -5.31 7.98
CA PRO C 10 13.06 -6.59 7.85
C PRO C 10 13.61 -6.82 6.45
N PHE C 11 14.77 -7.49 6.39
CA PHE C 11 15.57 -7.77 5.20
C PHE C 11 15.87 -6.39 4.61
N PHE C 12 15.40 -6.12 3.39
CA PHE C 12 15.95 -5.22 2.40
C PHE C 12 15.86 -3.76 2.86
N PHE C 13 16.32 -2.84 2.00
CA PHE C 13 15.99 -1.43 2.11
C PHE C 13 14.99 -1.01 1.04
N THR C 14 14.34 0.12 1.34
CA THR C 14 13.39 0.78 0.46
C THR C 14 13.59 2.28 0.67
N ASN C 15 13.25 3.08 -0.33
CA ASN C 15 13.24 4.53 -0.19
C ASN C 15 12.17 5.62 -0.06
N ASN C 16 11.75 5.92 1.18
CA ASN C 16 10.65 6.86 1.41
C ASN C 16 9.30 6.38 0.89
N ASP C 17 8.98 5.13 1.22
CA ASP C 17 7.80 4.38 0.84
C ASP C 17 7.88 3.10 1.65
N TYR C 18 6.71 2.49 1.90
CA TYR C 18 6.51 1.43 2.90
C TYR C 18 7.08 1.91 4.24
N SER C 19 6.40 2.93 4.75
CA SER C 19 6.68 3.46 6.08
C SER C 19 5.38 3.56 6.87
N THR C 20 4.30 3.89 6.16
CA THR C 20 2.93 4.06 6.66
C THR C 20 2.80 5.09 7.77
N ASP C 21 1.60 5.21 8.32
CA ASP C 21 1.33 6.14 9.41
C ASP C 21 0.15 5.61 10.20
N THR C 22 0.41 5.10 11.41
CA THR C 22 -0.64 4.65 12.31
C THR C 22 -0.46 5.32 13.67
N SER C 23 -1.38 6.22 14.00
CA SER C 23 -1.38 6.97 15.25
C SER C 23 -2.76 7.59 15.41
N ILE C 24 -3.03 8.10 16.60
CA ILE C 24 -4.28 8.82 16.84
C ILE C 24 -4.18 10.19 16.17
N LYS C 25 -5.10 10.47 15.25
CA LYS C 25 -5.05 11.72 14.51
C LYS C 25 -5.68 12.84 15.31
N TYR C 26 -5.24 14.07 15.03
CA TYR C 26 -5.56 15.19 15.90
C TYR C 26 -6.96 15.74 15.60
N GLN C 27 -7.25 16.02 14.33
CA GLN C 27 -8.58 16.10 13.70
C GLN C 27 -9.55 17.03 14.46
N ALA C 28 -9.23 18.33 14.40
CA ALA C 28 -10.14 19.34 14.91
C ALA C 28 -11.41 19.42 14.06
N SER C 29 -12.47 19.96 14.67
CA SER C 29 -13.79 19.96 14.04
C SER C 29 -13.87 21.01 12.92
N LEU C 30 -15.02 21.02 12.24
CA LEU C 30 -15.19 21.84 11.05
C LEU C 30 -16.61 22.38 10.98
N PRO C 31 -16.81 23.69 10.94
CA PRO C 31 -18.14 24.25 10.70
C PRO C 31 -18.35 24.56 9.22
N PHE C 32 -19.57 24.97 8.89
CA PHE C 32 -19.91 25.33 7.53
C PHE C 32 -19.37 26.74 7.21
N ASN C 33 -19.39 27.07 5.92
CA ASN C 33 -18.62 28.16 5.28
C ASN C 33 -17.11 28.00 5.49
N TRP C 34 -16.63 26.77 5.49
CA TRP C 34 -15.21 26.52 5.63
C TRP C 34 -14.75 25.43 4.69
N HIS C 35 -13.80 24.61 5.12
CA HIS C 35 -13.24 23.60 4.24
C HIS C 35 -12.09 22.90 4.90
N GLU C 36 -11.25 22.29 4.09
CA GLU C 36 -10.10 21.53 4.61
C GLU C 36 -9.36 20.95 3.44
N VAL C 37 -8.07 20.68 3.55
CA VAL C 37 -7.34 20.21 2.39
C VAL C 37 -5.93 19.75 2.64
N MET C 38 -5.69 18.47 2.89
CA MET C 38 -4.35 18.05 3.23
C MET C 38 -3.40 18.37 2.11
N ASN C 39 -2.46 19.26 2.35
CA ASN C 39 -1.53 19.68 1.29
C ASN C 39 -0.58 18.55 0.92
N ASN C 40 0.29 18.15 1.86
CA ASN C 40 1.17 16.99 1.62
C ASN C 40 1.50 16.26 2.93
N ASP C 41 0.61 15.34 3.31
CA ASP C 41 0.85 14.23 4.25
C ASP C 41 1.14 14.64 5.70
N GLU C 42 1.25 15.94 5.98
CA GLU C 42 1.66 16.39 7.31
C GLU C 42 0.72 17.44 7.88
N TRP C 43 0.26 18.38 7.06
CA TRP C 43 -0.59 19.47 7.51
C TRP C 43 -2.01 19.32 6.96
N VAL C 44 -2.96 19.87 7.70
CA VAL C 44 -4.32 20.08 7.23
C VAL C 44 -4.65 21.57 7.33
N TYR C 45 -5.25 22.11 6.29
CA TYR C 45 -5.43 23.54 6.13
C TYR C 45 -6.91 23.88 6.19
N GLN C 46 -7.32 24.61 7.22
CA GLN C 46 -8.69 25.11 7.32
C GLN C 46 -8.71 26.61 7.05
N TYR C 47 -9.63 27.04 6.20
CA TYR C 47 -9.73 28.44 5.80
C TYR C 47 -11.19 28.75 5.50
N PRO C 48 -11.66 29.94 5.81
CA PRO C 48 -13.04 30.29 5.48
C PRO C 48 -13.19 30.66 4.01
N ILE C 49 -14.28 30.22 3.41
CA ILE C 49 -14.52 30.43 1.99
C ILE C 49 -14.96 31.87 1.74
N GLY C 50 -14.66 32.37 0.55
CA GLY C 50 -15.02 33.72 0.17
C GLY C 50 -14.30 34.81 0.93
N LYS C 51 -13.04 34.59 1.29
CA LYS C 51 -12.25 35.60 1.99
C LYS C 51 -10.85 35.64 1.40
N PHE C 52 -10.41 36.83 1.01
CA PHE C 52 -9.07 37.02 0.49
C PHE C 52 -8.06 37.04 1.63
N VAL C 53 -6.85 36.58 1.33
CA VAL C 53 -5.73 36.64 2.27
C VAL C 53 -4.59 37.39 1.60
N GLU C 54 -3.71 37.92 2.42
CA GLU C 54 -2.53 38.65 1.96
C GLU C 54 -1.34 37.71 1.90
N ARG C 55 -0.21 38.24 1.45
CA ARG C 55 1.04 37.50 1.52
C ARG C 55 2.03 38.26 2.41
N GLN C 56 3.09 37.58 2.83
CA GLN C 56 4.15 38.05 3.76
C GLN C 56 3.46 38.35 5.09
N GLY C 57 3.77 39.47 5.74
CA GLY C 57 3.14 39.78 7.01
C GLY C 57 3.65 38.90 8.14
N TRP C 58 2.82 38.75 9.17
CA TRP C 58 3.20 38.10 10.40
C TRP C 58 2.42 36.79 10.57
N LYS C 59 3.15 35.70 10.78
CA LYS C 59 2.56 34.42 11.13
C LYS C 59 2.51 34.26 12.64
N ILE C 60 1.68 33.34 13.11
CA ILE C 60 1.55 33.03 14.52
C ILE C 60 1.75 31.53 14.69
N HIS C 61 2.83 31.14 15.39
CA HIS C 61 3.05 29.75 15.74
C HIS C 61 2.59 29.50 17.17
N ILE C 62 2.06 28.31 17.42
CA ILE C 62 1.66 27.88 18.76
C ILE C 62 2.26 26.50 18.99
N SER C 63 2.95 26.34 20.12
CA SER C 63 3.60 25.08 20.44
C SER C 63 2.93 24.41 21.64
N SER C 64 3.27 23.15 21.85
CA SER C 64 2.67 22.37 22.93
C SER C 64 3.57 21.20 23.29
N GLU C 65 3.29 20.61 24.46
CA GLU C 65 3.90 19.36 24.88
C GLU C 65 2.98 18.21 24.51
N TYR C 66 3.34 16.99 24.93
CA TYR C 66 2.62 15.80 24.47
C TYR C 66 1.30 15.64 25.21
N ASN C 67 1.33 15.54 26.55
CA ASN C 67 0.16 15.13 27.30
C ASN C 67 -0.91 16.22 27.40
N SER C 68 -0.62 17.45 26.95
CA SER C 68 -1.61 18.52 26.92
C SER C 68 -1.68 19.14 25.52
N SER C 69 -1.71 18.31 24.48
CA SER C 69 -1.77 18.83 23.12
C SER C 69 -3.20 18.88 22.59
N HIS C 70 -4.01 17.87 22.93
CA HIS C 70 -5.39 17.81 22.45
C HIS C 70 -6.24 18.92 23.04
N GLU C 71 -6.08 19.19 24.34
CA GLU C 71 -6.80 20.29 24.98
C GLU C 71 -6.37 21.63 24.44
N LEU C 72 -5.07 21.79 24.13
CA LEU C 72 -4.59 23.05 23.56
C LEU C 72 -5.11 23.24 22.14
N LEU C 73 -5.20 22.17 21.35
CA LEU C 73 -5.78 22.27 20.01
C LEU C 73 -7.26 22.62 20.08
N GLN C 74 -7.98 22.04 21.05
CA GLN C 74 -9.39 22.36 21.21
C GLN C 74 -9.61 23.76 21.76
N ASP C 75 -8.65 24.28 22.52
CA ASP C 75 -8.73 25.62 23.06
C ASP C 75 -8.09 26.67 22.17
N VAL C 76 -7.52 26.27 21.04
CA VAL C 76 -7.23 27.21 19.95
C VAL C 76 -8.34 27.22 18.90
N ALA C 77 -8.89 26.06 18.53
CA ALA C 77 -9.87 25.96 17.45
C ALA C 77 -11.18 26.66 17.79
N LYS C 78 -11.56 26.69 19.07
CA LYS C 78 -12.82 27.33 19.46
C LYS C 78 -12.77 28.84 19.28
N ILE C 79 -11.69 29.48 19.73
CA ILE C 79 -11.50 30.90 19.49
C ILE C 79 -11.25 31.19 18.01
N CYS C 80 -10.51 30.32 17.32
CA CYS C 80 -10.18 30.59 15.93
C CYS C 80 -11.37 30.39 15.00
N HIS C 81 -12.37 29.62 15.43
CA HIS C 81 -13.61 29.52 14.67
C HIS C 81 -14.48 30.76 14.83
N GLU C 82 -14.40 31.43 15.97
CA GLU C 82 -14.92 32.79 16.07
C GLU C 82 -14.12 33.69 15.15
N MET C 83 -14.82 34.64 14.52
CA MET C 83 -14.41 35.46 13.36
C MET C 83 -13.86 34.87 12.05
N ARG C 84 -12.73 35.34 11.54
CA ARG C 84 -12.17 34.71 10.34
C ARG C 84 -10.64 34.78 10.35
N ILE C 85 -10.02 33.69 10.80
CA ILE C 85 -8.57 33.48 10.69
C ILE C 85 -8.31 32.08 10.18
N PRO C 86 -7.62 31.90 9.05
CA PRO C 86 -7.20 30.56 8.61
C PRO C 86 -6.09 30.03 9.52
N PHE C 87 -6.04 28.71 9.68
CA PHE C 87 -5.03 28.07 10.51
C PHE C 87 -4.72 26.68 9.99
N LYS C 88 -3.55 26.16 10.37
CA LYS C 88 -3.13 24.83 9.98
C LYS C 88 -2.33 24.20 11.11
N HIS C 89 -2.52 22.90 11.32
CA HIS C 89 -1.86 22.19 12.41
C HIS C 89 -1.35 20.84 11.92
N LEU C 90 -0.59 20.17 12.77
CA LEU C 90 -0.06 18.85 12.46
C LEU C 90 -1.17 17.81 12.47
N SER C 91 -0.91 16.68 11.79
CA SER C 91 -1.94 15.67 11.56
C SER C 91 -1.84 14.49 12.52
N THR C 92 -0.69 13.83 12.57
CA THR C 92 -0.54 12.59 13.33
C THR C 92 0.46 12.78 14.47
N GLU C 93 0.36 11.88 15.45
CA GLU C 93 1.29 11.92 16.58
C GLU C 93 2.70 11.53 16.18
N ASP C 94 2.84 10.74 15.09
CA ASP C 94 4.17 10.36 14.63
C ASP C 94 4.94 11.56 14.09
N LYS C 95 4.25 12.48 13.40
CA LYS C 95 4.90 13.70 12.96
C LYS C 95 5.16 14.65 14.13
N PHE C 96 4.39 14.53 15.20
CA PHE C 96 4.68 15.30 16.41
C PHE C 96 5.93 14.77 17.12
N ILE C 97 6.09 13.44 17.13
CA ILE C 97 7.30 12.83 17.67
C ILE C 97 8.51 13.20 16.81
N MET C 98 8.34 13.18 15.48
CA MET C 98 9.43 13.50 14.57
C MET C 98 9.80 14.98 14.64
N ARG C 99 8.82 15.86 14.82
CA ARG C 99 9.13 17.29 14.86
C ARG C 99 9.83 17.68 16.16
N ASN C 100 9.43 17.06 17.27
CA ASN C 100 10.07 17.28 18.56
C ASN C 100 10.85 16.00 18.90
N GLY C 101 12.08 15.91 18.39
CA GLY C 101 12.86 14.69 18.52
C GLY C 101 14.31 14.99 18.81
N LYS C 102 15.12 13.95 18.84
CA LYS C 102 16.52 14.09 19.24
C LYS C 102 17.42 14.40 18.04
N LEU C 103 17.32 13.62 16.97
CA LEU C 103 18.24 13.70 15.85
C LEU C 103 17.76 14.62 14.74
N VAL C 104 16.58 15.24 14.91
CA VAL C 104 16.01 16.06 13.86
C VAL C 104 16.62 17.47 13.93
N SER C 105 16.74 18.12 12.76
CA SER C 105 17.39 19.41 12.63
C SER C 105 16.68 20.49 13.44
N ARG C 106 17.47 21.43 13.97
CA ARG C 106 17.03 22.40 14.96
C ARG C 106 16.27 23.58 14.36
N GLY C 107 16.34 23.77 13.04
CA GLY C 107 15.61 24.87 12.44
C GLY C 107 14.10 24.64 12.40
N PHE C 108 13.68 23.38 12.38
CA PHE C 108 12.27 23.01 12.38
C PHE C 108 12.00 22.30 13.70
N SER C 109 11.30 22.97 14.61
CA SER C 109 11.05 22.39 15.92
C SER C 109 9.80 23.03 16.53
N GLY C 110 8.91 22.19 17.06
CA GLY C 110 7.80 22.67 17.86
C GLY C 110 6.69 23.34 17.10
N LYS C 111 6.66 23.26 15.78
CA LYS C 111 5.57 23.83 15.00
C LYS C 111 4.38 22.88 15.07
N PHE C 112 3.47 23.17 16.00
CA PHE C 112 2.30 22.33 16.24
C PHE C 112 1.00 22.93 15.73
N ILE C 113 0.77 24.22 15.96
CA ILE C 113 -0.31 24.96 15.34
C ILE C 113 0.28 26.18 14.66
N THR C 114 0.07 26.30 13.35
CA THR C 114 0.48 27.47 12.59
C THR C 114 -0.76 28.28 12.26
N CYS C 115 -0.81 29.51 12.75
CA CYS C 115 -1.99 30.35 12.64
C CYS C 115 -1.70 31.51 11.69
N TYR C 116 -2.70 31.90 10.91
CA TYR C 116 -2.54 32.89 9.84
C TYR C 116 -3.51 34.06 10.00
N PRO C 117 -3.25 34.98 10.92
CA PRO C 117 -4.13 36.15 11.05
C PRO C 117 -3.85 37.18 9.96
N ASN C 118 -4.85 38.03 9.73
CA ASN C 118 -4.69 39.15 8.83
C ASN C 118 -4.18 40.38 9.59
N GLN C 119 -3.91 41.46 8.86
CA GLN C 119 -3.20 42.60 9.41
C GLN C 119 -4.06 43.48 10.32
N ASN C 120 -5.35 43.62 10.01
CA ASN C 120 -6.16 44.68 10.61
C ASN C 120 -6.59 44.38 12.05
N GLU C 121 -6.58 43.12 12.47
CA GLU C 121 -7.09 42.76 13.79
C GLU C 121 -6.13 41.79 14.49
N LEU C 122 -4.82 41.98 14.27
CA LEU C 122 -3.83 41.09 14.87
C LEU C 122 -3.69 41.35 16.37
N GLU C 123 -3.80 42.62 16.80
CA GLU C 123 -3.75 42.94 18.21
C GLU C 123 -4.92 42.32 18.97
N SER C 124 -6.10 42.31 18.35
CA SER C 124 -7.28 41.70 18.96
C SER C 124 -7.12 40.20 19.12
N VAL C 125 -6.54 39.52 18.12
CA VAL C 125 -6.44 38.07 18.24
C VAL C 125 -5.33 37.67 19.20
N LEU C 126 -4.25 38.47 19.30
CA LEU C 126 -3.28 38.25 20.40
C LEU C 126 -3.90 38.48 21.77
N GLN C 127 -4.68 39.56 21.94
CA GLN C 127 -5.29 39.85 23.24
C GLN C 127 -6.31 38.78 23.62
N ARG C 128 -7.07 38.29 22.66
CA ARG C 128 -8.04 37.23 22.94
C ARG C 128 -7.36 35.89 23.20
N LEU C 129 -6.29 35.58 22.44
CA LEU C 129 -5.63 34.29 22.57
C LEU C 129 -4.80 34.18 23.83
N GLU C 130 -4.30 35.30 24.36
CA GLU C 130 -3.49 35.25 25.57
C GLU C 130 -4.33 34.90 26.79
N SER C 131 -5.63 35.24 26.78
CA SER C 131 -6.48 34.96 27.94
C SER C 131 -6.81 33.48 28.08
N ALA C 132 -7.17 32.81 26.98
CA ALA C 132 -7.52 31.40 27.04
C ALA C 132 -6.30 30.50 27.20
N LEU C 133 -5.14 30.94 26.72
CA LEU C 133 -3.89 30.23 26.89
C LEU C 133 -3.22 30.69 28.18
N LYS C 134 -1.90 30.45 28.29
CA LYS C 134 -0.95 30.80 29.36
C LYS C 134 -1.05 29.87 30.57
N GLN C 135 -2.04 28.98 30.60
CA GLN C 135 -2.04 27.88 31.56
C GLN C 135 -1.30 26.67 31.04
N TYR C 136 -0.81 26.71 29.80
CA TYR C 136 0.00 25.66 29.21
C TYR C 136 1.42 26.14 28.99
N ASN C 137 2.28 25.24 28.51
CA ASN C 137 3.68 25.54 28.28
C ASN C 137 4.26 24.63 27.20
N GLY C 138 5.41 25.03 26.66
CA GLY C 138 6.04 24.31 25.58
C GLY C 138 7.49 24.67 25.39
N PRO C 139 8.12 24.12 24.34
CA PRO C 139 9.52 24.42 24.06
C PRO C 139 9.72 25.86 23.63
N TYR C 140 10.96 26.35 23.79
CA TYR C 140 11.24 27.75 23.52
C TYR C 140 11.26 28.05 22.03
N ILE C 141 11.78 27.10 21.22
CA ILE C 141 11.87 27.11 19.75
C ILE C 141 12.78 28.23 19.24
N LEU C 142 13.82 27.86 18.51
CA LEU C 142 14.70 28.86 17.94
C LEU C 142 14.05 29.56 16.75
N SER C 143 14.63 30.69 16.37
CA SER C 143 14.21 31.56 15.26
C SER C 143 12.82 32.15 15.43
N ASP C 144 12.29 32.17 16.66
CA ASP C 144 11.00 32.77 16.98
C ASP C 144 11.15 33.66 18.22
N LYS C 145 10.07 34.35 18.57
CA LYS C 145 10.04 35.26 19.71
C LYS C 145 8.80 35.04 20.55
N ARG C 146 8.99 34.86 21.85
CA ARG C 146 7.89 34.69 22.79
C ARG C 146 7.21 36.03 23.06
N TRP C 147 5.89 36.01 23.17
CA TRP C 147 5.15 37.28 23.23
C TRP C 147 5.13 37.90 24.63
N ASP C 148 4.35 37.32 25.55
CA ASP C 148 4.41 37.80 26.93
C ASP C 148 4.73 36.67 27.91
N GLU C 149 3.80 35.73 28.03
CA GLU C 149 4.00 34.48 28.77
C GLU C 149 3.04 33.46 28.16
N ALA C 150 3.50 32.76 27.12
CA ALA C 150 2.66 31.91 26.28
C ALA C 150 3.52 31.14 25.29
N PRO C 151 2.99 30.10 24.65
CA PRO C 151 3.61 29.58 23.43
C PRO C 151 3.20 30.33 22.17
N ILE C 152 2.54 31.48 22.28
CA ILE C 152 2.08 32.22 21.11
C ILE C 152 3.26 33.00 20.54
N TYR C 153 3.58 32.75 19.28
CA TYR C 153 4.89 33.06 18.72
C TYR C 153 4.73 33.93 17.48
N LEU C 154 5.80 34.63 17.10
CA LEU C 154 5.78 35.50 15.93
C LEU C 154 7.01 35.29 15.07
N ARG C 155 6.83 35.36 13.75
CA ARG C 155 7.92 35.32 12.79
C ARG C 155 7.39 35.88 11.47
N TYR C 156 8.16 36.79 10.86
CA TYR C 156 7.81 37.31 9.55
C TYR C 156 7.96 36.22 8.50
N GLY C 157 6.91 35.98 7.72
CA GLY C 157 6.93 34.95 6.71
C GLY C 157 5.68 34.99 5.88
N VAL C 158 5.70 34.22 4.78
CA VAL C 158 4.62 34.28 3.80
C VAL C 158 3.46 33.39 4.23
N PHE C 159 2.29 33.65 3.65
CA PHE C 159 1.09 32.84 3.90
C PHE C 159 0.89 31.78 2.82
N ARG C 160 0.78 32.21 1.57
CA ARG C 160 0.34 31.38 0.46
C ARG C 160 1.25 31.64 -0.74
N PRO C 161 1.32 30.71 -1.69
CA PRO C 161 2.08 30.97 -2.92
C PRO C 161 1.43 32.05 -3.78
N SER C 162 2.15 32.40 -4.85
CA SER C 162 1.84 33.59 -5.62
C SER C 162 0.59 33.39 -6.47
N ARG C 163 -0.34 34.34 -6.36
CA ARG C 163 -1.47 34.42 -7.27
C ARG C 163 -1.06 35.24 -8.50
N ASP C 164 -1.53 34.82 -9.67
CA ASP C 164 -1.04 35.38 -10.93
C ASP C 164 -1.52 36.82 -11.16
N ASP C 165 -2.56 37.25 -10.47
CA ASP C 165 -2.97 38.65 -10.55
C ASP C 165 -1.93 39.57 -9.91
N GLU C 166 -1.28 39.11 -8.85
CA GLU C 166 -0.15 39.83 -8.27
C GLU C 166 1.12 39.52 -9.05
N LYS C 167 2.24 40.10 -8.60
CA LYS C 167 3.52 39.81 -9.22
C LYS C 167 3.98 38.39 -8.84
N LYS C 168 4.73 37.78 -9.76
CA LYS C 168 5.23 36.42 -9.58
C LYS C 168 6.68 36.50 -9.08
N VAL C 169 6.89 36.15 -7.81
CA VAL C 169 8.18 36.28 -7.17
C VAL C 169 8.62 35.01 -6.46
N ALA C 170 7.81 33.93 -6.57
CA ALA C 170 8.04 32.59 -6.01
C ALA C 170 8.09 32.59 -4.48
N ILE C 171 8.46 31.43 -3.92
CA ILE C 171 8.31 31.22 -2.48
C ILE C 171 9.40 31.94 -1.70
N ASP C 172 10.65 31.80 -2.14
CA ASP C 172 11.80 32.19 -1.33
C ASP C 172 12.02 33.70 -1.23
N GLU C 173 11.30 34.51 -2.01
CA GLU C 173 11.47 35.96 -2.00
C GLU C 173 10.30 36.61 -1.29
N LEU C 174 10.58 37.68 -0.54
CA LEU C 174 9.61 38.32 0.34
C LEU C 174 9.50 39.81 -0.03
N ILE C 175 8.46 40.14 -0.81
CA ILE C 175 8.11 41.44 -1.41
C ILE C 175 9.17 42.38 -1.97
N VAL C 176 10.23 41.82 -2.56
CA VAL C 176 11.38 42.58 -3.01
C VAL C 176 11.41 42.51 -4.53
N GLY C 177 11.56 43.66 -5.17
CA GLY C 177 11.54 43.74 -6.62
C GLY C 177 12.87 44.09 -7.25
N ASP C 178 13.63 44.98 -6.61
CA ASP C 178 14.92 45.37 -7.15
C ASP C 178 15.99 44.31 -6.93
N GLU C 179 15.93 43.61 -5.79
CA GLU C 179 16.88 42.55 -5.48
C GLU C 179 16.12 41.27 -5.12
N VAL C 180 16.83 40.27 -4.60
CA VAL C 180 16.21 39.06 -4.08
C VAL C 180 16.66 38.87 -2.63
N VAL C 181 15.70 38.54 -1.77
CA VAL C 181 15.96 38.30 -0.35
C VAL C 181 15.48 36.89 -0.05
N LYS C 182 16.43 35.98 0.21
CA LYS C 182 16.12 34.59 0.52
C LYS C 182 16.27 34.38 2.02
N ASP C 183 15.17 34.05 2.68
CA ASP C 183 15.19 33.86 4.13
C ASP C 183 15.87 32.55 4.49
N GLU C 184 16.62 32.57 5.59
CA GLU C 184 17.32 31.39 6.09
C GLU C 184 16.93 31.17 7.54
N ARG C 185 16.57 29.94 7.87
CA ARG C 185 16.15 29.58 9.22
C ARG C 185 17.37 29.11 10.01
N LEU C 186 17.74 29.88 11.03
CA LEU C 186 18.92 29.64 11.83
C LEU C 186 18.60 29.94 13.29
N PRO C 187 19.37 29.39 14.23
CA PRO C 187 19.25 29.81 15.63
C PRO C 187 19.72 31.24 15.84
N VAL C 188 19.43 31.75 17.06
CA VAL C 188 19.78 33.06 17.62
C VAL C 188 18.97 34.21 16.98
N PHE C 189 18.53 34.02 15.73
CA PHE C 189 17.64 34.82 14.87
C PHE C 189 17.05 36.13 14.35
N LYS C 190 17.95 36.99 13.85
CA LYS C 190 17.59 38.28 13.29
C LYS C 190 16.45 38.71 12.37
N ILE C 191 15.84 39.85 12.68
CA ILE C 191 14.87 40.47 11.78
C ILE C 191 15.66 40.99 10.58
N PRO C 192 15.30 40.61 9.35
CA PRO C 192 16.15 40.97 8.19
C PRO C 192 16.01 42.42 7.76
N LYS C 193 16.65 42.75 6.64
CA LYS C 193 16.70 44.12 6.14
C LYS C 193 15.32 44.61 5.73
N GLY C 194 15.08 45.91 5.95
CA GLY C 194 13.76 46.45 5.73
C GLY C 194 12.82 46.05 6.85
N ILE C 195 11.54 45.88 6.49
CA ILE C 195 10.41 45.41 7.30
C ILE C 195 10.03 46.43 8.37
N VAL C 196 8.76 46.82 8.40
CA VAL C 196 8.29 47.91 9.24
C VAL C 196 7.37 47.33 10.32
N PRO C 197 7.82 47.25 11.56
CA PRO C 197 6.90 47.01 12.68
C PRO C 197 6.05 48.24 12.93
N PRO C 198 4.71 48.14 12.72
CA PRO C 198 3.89 49.36 12.61
C PRO C 198 3.78 50.24 13.86
N ASP C 199 3.24 49.73 14.96
CA ASP C 199 3.17 50.54 16.18
C ASP C 199 3.55 49.83 17.47
N PHE C 200 3.15 48.57 17.64
CA PHE C 200 3.19 47.96 18.97
C PHE C 200 4.39 47.04 19.17
N LEU C 201 5.04 46.59 18.10
CA LEU C 201 6.16 45.66 18.22
C LEU C 201 7.41 46.35 18.77
N ASN C 202 7.51 47.67 18.67
CA ASN C 202 8.70 48.37 19.12
C ASN C 202 8.82 48.38 20.64
N LYS C 203 7.70 48.44 21.35
CA LYS C 203 7.76 48.36 22.81
C LYS C 203 8.06 46.94 23.28
N TRP C 204 7.53 45.95 22.57
CA TRP C 204 7.68 44.55 23.00
C TRP C 204 9.08 44.01 22.68
N LEU C 205 9.66 44.41 21.55
CA LEU C 205 10.99 43.92 21.19
C LEU C 205 12.08 44.60 22.00
N ASP C 206 11.93 45.88 22.29
CA ASP C 206 12.93 46.61 23.07
C ASP C 206 12.84 46.27 24.55
N GLY C 213 27.08 38.63 34.44
CA GLY C 213 26.56 38.15 35.71
C GLY C 213 27.32 36.98 36.27
N ASP C 214 26.70 36.26 37.21
CA ASP C 214 27.32 35.09 37.84
C ASP C 214 27.15 33.89 36.92
N PHE C 215 28.09 33.74 35.99
CA PHE C 215 28.05 32.67 35.00
C PHE C 215 29.25 31.77 35.25
N PRO C 216 29.08 30.64 35.94
CA PRO C 216 30.22 30.00 36.62
C PRO C 216 31.18 29.24 35.72
N PHE C 217 30.93 29.14 34.41
CA PHE C 217 31.74 28.33 33.53
C PHE C 217 32.02 29.07 32.22
N ILE C 218 33.23 28.84 31.69
CA ILE C 218 33.69 29.47 30.46
C ILE C 218 33.82 28.38 29.41
N ILE C 219 33.17 28.58 28.26
CA ILE C 219 33.11 27.57 27.21
C ILE C 219 34.15 27.89 26.15
N ASP C 220 34.90 26.87 25.73
CA ASP C 220 35.89 27.02 24.67
C ASP C 220 35.30 26.63 23.31
N ASN C 221 34.82 25.41 23.18
CA ASN C 221 34.25 24.93 21.92
C ASN C 221 33.23 23.84 22.21
N ALA C 222 32.40 23.56 21.20
CA ALA C 222 31.37 22.54 21.29
C ALA C 222 31.77 21.33 20.44
N ILE C 223 31.42 20.13 20.93
CA ILE C 223 31.74 18.91 20.20
C ILE C 223 30.53 18.33 19.47
N ARG C 224 29.31 18.75 19.81
CA ARG C 224 28.11 18.31 19.11
C ARG C 224 27.00 19.33 19.33
N PHE C 225 26.22 19.56 18.28
CA PHE C 225 24.96 20.29 18.39
C PHE C 225 23.81 19.34 18.09
N SER C 226 22.71 19.49 18.84
CA SER C 226 21.55 18.65 18.66
C SER C 226 20.31 19.44 19.08
N ASN C 227 19.14 18.83 18.89
CA ASN C 227 17.89 19.46 19.30
C ASN C 227 17.75 19.54 20.81
N SER C 228 18.38 18.64 21.55
CA SER C 228 18.38 18.74 23.00
C SER C 228 19.27 19.89 23.48
N GLY C 229 20.27 20.27 22.68
CA GLY C 229 21.12 21.40 23.01
C GLY C 229 22.59 21.15 22.74
N GLY C 230 23.05 19.93 22.95
CA GLY C 230 24.41 19.55 22.63
C GLY C 230 25.27 19.33 23.87
N ILE C 231 26.51 18.95 23.60
CA ILE C 231 27.50 18.65 24.63
C ILE C 231 28.65 19.64 24.48
N TYR C 232 29.01 20.31 25.56
CA TYR C 232 30.02 21.35 25.54
C TYR C 232 31.30 20.90 26.23
N ASN C 233 32.43 21.38 25.72
CA ASN C 233 33.73 21.23 26.35
C ASN C 233 34.12 22.60 26.91
N ALA C 234 34.19 22.69 28.24
CA ALA C 234 34.31 23.98 28.89
C ALA C 234 35.29 23.86 30.05
N ARG C 235 35.33 24.90 30.90
CA ARG C 235 36.16 24.91 32.09
C ARG C 235 35.44 25.70 33.18
N LEU C 236 35.82 25.44 34.42
CA LEU C 236 35.23 26.15 35.55
C LEU C 236 35.92 27.50 35.74
N LYS C 237 35.35 28.31 36.63
CA LYS C 237 35.88 29.63 36.94
C LYS C 237 36.72 29.66 38.21
N GLU C 238 36.45 28.77 39.16
CA GLU C 238 37.24 28.73 40.39
C GLU C 238 38.64 28.20 40.13
N ASP C 239 38.76 27.12 39.34
CA ASP C 239 40.04 26.56 38.99
C ASP C 239 40.15 26.42 37.47
N GLY C 240 41.23 25.79 37.01
CA GLY C 240 41.37 25.53 35.58
C GLY C 240 40.48 24.38 35.15
N LYS C 241 40.73 23.20 35.73
CA LYS C 241 39.92 21.99 35.58
C LYS C 241 39.78 21.47 34.16
N LYS C 242 39.00 20.39 34.01
CA LYS C 242 38.69 19.81 32.71
C LYS C 242 37.35 19.10 32.84
N ILE C 243 36.29 19.72 32.32
CA ILE C 243 34.94 19.22 32.53
C ILE C 243 34.30 18.89 31.19
N ILE C 244 33.38 17.94 31.22
CA ILE C 244 32.51 17.63 30.09
C ILE C 244 31.11 18.08 30.48
N LEU C 245 30.60 19.09 29.79
CA LEU C 245 29.35 19.73 30.16
C LEU C 245 28.19 19.09 29.41
N LYS C 246 26.99 19.24 29.96
CA LYS C 246 25.77 18.75 29.33
C LYS C 246 24.81 19.91 29.18
N GLU C 247 23.74 19.67 28.42
CA GLU C 247 22.71 20.68 28.19
C GLU C 247 21.39 19.99 27.96
N ALA C 248 20.31 20.75 28.16
CA ALA C 248 18.96 20.24 27.95
C ALA C 248 18.05 21.41 27.63
N ARG C 249 16.86 21.09 27.14
CA ARG C 249 15.82 22.06 26.84
C ARG C 249 14.52 21.60 27.49
N PRO C 250 13.66 22.52 27.92
CA PRO C 250 12.39 22.11 28.54
C PRO C 250 11.43 21.56 27.49
N TYR C 251 10.87 20.38 27.79
CA TYR C 251 9.90 19.67 26.96
C TYR C 251 10.44 19.40 25.55
N THR C 252 11.72 19.08 25.46
CA THR C 252 12.38 18.82 24.19
C THR C 252 13.34 17.65 24.37
N GLY C 253 13.38 16.76 23.39
CA GLY C 253 14.10 15.51 23.49
C GLY C 253 13.20 14.31 23.61
N LEU C 254 12.01 14.37 23.02
CA LEU C 254 11.00 13.35 23.23
C LEU C 254 11.20 12.15 22.31
N GLY C 255 11.31 10.97 22.93
CA GLY C 255 11.39 9.73 22.19
C GLY C 255 10.00 9.21 21.84
N PHE C 256 9.97 7.95 21.39
CA PHE C 256 8.70 7.34 21.02
C PHE C 256 7.88 6.97 22.25
N ASP C 257 8.52 6.80 23.39
CA ASP C 257 7.84 6.81 24.68
C ASP C 257 7.92 8.22 25.27
N GLY C 258 7.13 8.46 26.30
CA GLY C 258 7.11 9.80 26.86
C GLY C 258 8.20 10.01 27.88
N THR C 259 9.34 10.51 27.41
CA THR C 259 10.50 10.87 28.25
C THR C 259 11.12 12.12 27.65
N TYR C 260 11.59 13.01 28.52
CA TYR C 260 12.29 14.22 28.08
C TYR C 260 13.72 14.21 28.59
N SER C 261 14.49 15.20 28.15
CA SER C 261 15.91 15.26 28.47
C SER C 261 16.15 15.57 29.94
N SER C 262 15.22 16.29 30.57
CA SER C 262 15.35 16.62 31.99
C SER C 262 15.21 15.40 32.88
N GLU C 263 14.47 14.38 32.44
CA GLU C 263 14.41 13.14 33.20
C GLU C 263 15.70 12.34 33.06
N LYS C 264 16.25 12.28 31.84
CA LYS C 264 17.47 11.53 31.59
C LYS C 264 18.69 12.16 32.26
N LEU C 265 18.76 13.49 32.31
CA LEU C 265 19.84 14.14 33.03
C LEU C 265 19.79 13.86 34.54
N ALA C 266 18.58 13.85 35.11
CA ALA C 266 18.43 13.51 36.52
C ALA C 266 18.79 12.05 36.80
N SER C 267 18.42 11.15 35.88
CA SER C 267 18.81 9.75 36.01
C SER C 267 20.33 9.57 35.91
N GLU C 268 20.97 10.34 35.01
CA GLU C 268 22.43 10.34 34.91
C GLU C 268 23.08 10.84 36.19
N CYS C 269 22.53 11.91 36.77
CA CYS C 269 23.08 12.46 38.01
C CYS C 269 22.93 11.48 39.18
N LYS C 270 21.78 10.79 39.25
CA LYS C 270 21.59 9.79 40.30
C LYS C 270 22.53 8.60 40.12
N ALA C 271 22.68 8.13 38.88
CA ALA C 271 23.54 6.97 38.61
C ALA C 271 25.02 7.30 38.77
N LEU C 272 25.42 8.56 38.61
CA LEU C 272 26.81 8.93 38.85
C LEU C 272 27.07 9.36 40.28
N LYS C 273 26.03 9.71 41.04
CA LYS C 273 26.23 10.01 42.46
C LYS C 273 26.14 8.77 43.32
N ILE C 274 25.47 7.70 42.85
CA ILE C 274 25.48 6.44 43.58
C ILE C 274 26.88 5.82 43.53
N LEU C 275 27.56 5.91 42.39
CA LEU C 275 28.89 5.34 42.20
C LEU C 275 29.99 6.38 42.31
N ASN C 276 29.87 7.31 43.27
CA ASN C 276 30.83 8.40 43.39
C ASN C 276 32.17 7.91 43.95
N GLU C 277 32.18 6.78 44.66
CA GLU C 277 33.39 6.30 45.31
C GLU C 277 34.26 5.44 44.38
N TRP C 278 33.94 5.37 43.09
CA TRP C 278 34.59 4.44 42.19
C TRP C 278 35.51 5.17 41.21
N SER C 279 36.65 4.56 40.93
CA SER C 279 37.67 5.18 40.09
C SER C 279 37.46 4.97 38.60
N GLU C 280 36.42 4.22 38.21
CA GLU C 280 36.11 4.00 36.80
C GLU C 280 34.71 4.51 36.47
N ALA C 281 34.26 5.55 37.18
CA ALA C 281 33.01 6.23 36.94
C ALA C 281 33.28 7.71 37.16
N PRO C 282 32.67 8.60 36.37
CA PRO C 282 32.95 10.03 36.51
C PRO C 282 32.37 10.60 37.81
N LYS C 283 32.87 11.78 38.16
CA LYS C 283 32.46 12.49 39.37
C LYS C 283 31.72 13.75 38.98
N ILE C 284 30.58 14.00 39.62
CA ILE C 284 29.77 15.17 39.33
C ILE C 284 30.42 16.38 40.01
N TYR C 285 30.81 17.37 39.21
CA TYR C 285 31.35 18.60 39.76
C TYR C 285 30.30 19.68 39.95
N TRP C 286 29.27 19.70 39.11
CA TRP C 286 28.25 20.74 39.19
C TRP C 286 26.95 20.24 38.58
N HIS C 287 25.86 20.36 39.34
CA HIS C 287 24.52 20.13 38.83
C HIS C 287 23.66 21.31 39.26
N GLY C 288 22.94 21.90 38.31
CA GLY C 288 22.11 23.04 38.64
C GLY C 288 21.12 23.35 37.53
N LYS C 289 20.48 24.50 37.66
CA LYS C 289 19.48 24.97 36.71
C LYS C 289 19.64 26.47 36.56
N ILE C 290 19.79 26.95 35.32
CA ILE C 290 20.11 28.34 35.10
C ILE C 290 18.87 29.21 34.84
N TRP C 291 18.07 28.91 33.83
CA TRP C 291 16.75 29.51 33.72
C TRP C 291 15.73 28.39 33.72
N GLU C 292 15.80 27.59 32.64
CA GLU C 292 15.07 26.34 32.48
C GLU C 292 15.94 25.26 31.86
N HIS C 293 17.01 25.63 31.16
CA HIS C 293 17.91 24.67 30.56
C HIS C 293 18.72 23.98 31.65
N THR C 294 18.57 22.67 31.78
CA THR C 294 19.30 21.92 32.78
C THR C 294 20.75 21.78 32.35
N PHE C 295 21.66 22.23 33.21
CA PHE C 295 23.09 22.20 32.95
C PHE C 295 23.75 21.24 33.93
N LEU C 296 24.63 20.39 33.41
CA LEU C 296 25.29 19.38 34.21
C LEU C 296 26.71 19.21 33.71
N GLY C 297 27.65 19.10 34.64
CA GLY C 297 29.05 19.00 34.28
C GLY C 297 29.78 17.87 34.98
N ILE C 298 30.33 16.95 34.19
CA ILE C 298 31.09 15.82 34.71
C ILE C 298 32.54 15.97 34.28
N GLU C 299 33.41 15.22 34.95
CA GLU C 299 34.84 15.34 34.71
C GLU C 299 35.22 14.72 33.37
N HIS C 300 36.36 15.15 32.84
CA HIS C 300 36.87 14.70 31.55
C HIS C 300 37.71 13.47 31.82
N MET C 301 37.20 12.30 31.44
CA MET C 301 37.97 11.06 31.56
C MET C 301 38.81 10.85 30.32
N LYS C 302 40.13 10.74 30.51
CA LYS C 302 41.04 10.52 29.41
C LYS C 302 40.97 9.06 28.95
N GLY C 303 41.51 8.81 27.77
CA GLY C 303 41.60 7.47 27.23
C GLY C 303 41.25 7.45 25.77
N VAL C 304 41.07 6.25 25.24
CA VAL C 304 40.72 6.03 23.84
C VAL C 304 39.60 4.99 23.79
N PRO C 305 38.59 5.17 22.94
CA PRO C 305 37.57 4.13 22.78
C PRO C 305 38.13 2.90 22.08
N LEU C 306 37.41 1.79 22.24
CA LEU C 306 37.89 0.51 21.73
C LEU C 306 37.79 0.40 20.21
N ASN C 307 37.00 1.26 19.56
CA ASN C 307 36.88 1.24 18.11
C ASN C 307 38.19 1.59 17.42
N ARG C 308 39.03 2.40 18.07
CA ARG C 308 40.37 2.65 17.55
C ARG C 308 41.40 1.70 18.16
N TRP C 309 41.16 1.22 19.38
CA TRP C 309 42.10 0.30 20.04
C TRP C 309 42.16 -1.04 19.32
N VAL C 310 41.02 -1.54 18.84
CA VAL C 310 40.99 -2.80 18.12
C VAL C 310 41.74 -2.67 16.80
N THR C 311 41.48 -1.59 16.05
CA THR C 311 42.19 -1.39 14.79
C THR C 311 43.66 -1.03 14.98
N ASN C 312 44.05 -0.59 16.18
CA ASN C 312 45.45 -0.34 16.47
C ASN C 312 46.15 -1.53 17.13
N ASN C 313 45.43 -2.58 17.52
CA ASN C 313 46.05 -3.69 18.23
C ASN C 313 45.69 -5.08 17.72
N PHE C 314 44.73 -5.21 16.81
CA PHE C 314 44.46 -6.51 16.21
C PHE C 314 45.60 -6.90 15.27
N PRO C 315 45.96 -8.18 15.18
CA PRO C 315 46.94 -8.58 14.16
C PRO C 315 46.32 -8.51 12.78
N LEU C 316 46.67 -7.47 12.03
CA LEU C 316 46.07 -7.19 10.74
C LEU C 316 46.91 -7.70 9.58
N TYR C 317 48.22 -7.50 9.64
CA TYR C 317 49.13 -8.07 8.66
C TYR C 317 49.83 -9.29 9.27
N GLU C 318 50.77 -9.86 8.52
CA GLU C 318 51.38 -11.12 8.94
C GLU C 318 52.37 -10.90 10.09
N VAL C 319 53.20 -9.86 10.00
CA VAL C 319 53.97 -9.38 11.14
C VAL C 319 53.65 -7.91 11.47
N VAL C 320 52.74 -7.72 12.41
CA VAL C 320 52.50 -6.41 13.00
C VAL C 320 52.70 -6.50 14.51
N ASP C 321 52.27 -7.60 15.11
CA ASP C 321 52.33 -7.81 16.57
C ASP C 321 53.39 -8.86 16.86
N LYS C 322 54.62 -8.41 17.08
CA LYS C 322 55.69 -9.32 17.50
C LYS C 322 55.51 -9.68 18.97
N THR C 323 56.12 -10.82 19.34
CA THR C 323 56.10 -11.41 20.68
C THR C 323 54.69 -11.70 21.19
N LYS C 324 53.74 -11.90 20.28
CA LYS C 324 52.38 -12.39 20.53
C LYS C 324 51.86 -11.39 21.55
N ASP C 325 51.24 -11.81 22.66
CA ASP C 325 50.82 -10.98 23.79
C ASP C 325 49.46 -10.30 23.57
N TYR C 326 48.84 -10.47 22.41
CA TYR C 326 47.55 -9.80 22.15
C TYR C 326 46.42 -10.46 22.94
N LEU C 327 46.38 -11.79 22.97
CA LEU C 327 45.32 -12.49 23.70
C LEU C 327 45.46 -12.32 25.21
N LEU C 328 46.69 -12.18 25.70
CA LEU C 328 46.91 -11.87 27.11
C LEU C 328 46.38 -10.49 27.47
N ARG C 329 46.51 -9.54 26.55
CA ARG C 329 45.94 -8.20 26.78
C ARG C 329 44.41 -8.24 26.68
N VAL C 330 43.87 -9.08 25.81
CA VAL C 330 42.42 -9.20 25.67
C VAL C 330 41.80 -9.84 26.92
N SER C 331 42.50 -10.82 27.49
CA SER C 331 41.97 -11.57 28.63
C SER C 331 41.81 -10.70 29.87
N LYS C 332 42.75 -9.79 30.11
CA LYS C 332 42.66 -8.88 31.26
C LYS C 332 41.48 -7.93 31.12
N ILE C 333 41.25 -7.40 29.92
CA ILE C 333 40.13 -6.49 29.70
C ILE C 333 38.80 -7.21 29.83
N VAL C 334 38.72 -8.45 29.32
CA VAL C 334 37.42 -9.11 29.36
C VAL C 334 37.14 -9.65 30.76
N GLU C 335 38.17 -9.90 31.59
CA GLU C 335 37.85 -10.25 32.97
C GLU C 335 37.55 -9.01 33.81
N LYS C 336 38.19 -7.87 33.50
CA LYS C 336 37.89 -6.63 34.22
C LYS C 336 36.46 -6.18 33.96
N LEU C 337 35.97 -6.36 32.72
CA LEU C 337 34.58 -6.02 32.41
C LEU C 337 33.61 -6.87 33.22
N ILE C 338 33.89 -8.17 33.34
CA ILE C 338 33.02 -9.09 34.07
C ILE C 338 33.01 -8.75 35.56
N ASP C 339 34.19 -8.52 36.15
CA ASP C 339 34.21 -8.27 37.59
C ASP C 339 33.63 -6.90 37.93
N LEU C 340 33.87 -5.89 37.06
CA LEU C 340 33.28 -4.57 37.29
C LEU C 340 31.76 -4.60 37.18
N THR C 341 31.24 -5.29 36.15
CA THR C 341 29.78 -5.35 35.96
C THR C 341 29.12 -6.16 37.07
N ASN C 342 29.73 -7.27 37.48
CA ASN C 342 29.21 -8.02 38.61
C ASN C 342 29.36 -7.28 39.93
N LYS C 343 30.28 -6.31 40.01
CA LYS C 343 30.41 -5.52 41.23
C LYS C 343 29.36 -4.42 41.32
N PHE C 344 29.12 -3.67 40.24
CA PHE C 344 28.17 -2.57 40.42
C PHE C 344 26.71 -3.00 40.28
N HIS C 345 26.44 -4.26 39.96
CA HIS C 345 25.06 -4.73 39.92
C HIS C 345 24.49 -5.00 41.31
N SER C 346 25.33 -5.06 42.34
CA SER C 346 24.83 -5.23 43.71
C SER C 346 24.24 -3.94 44.27
N GLU C 347 24.54 -2.80 43.66
CA GLU C 347 24.00 -1.51 44.09
C GLU C 347 22.75 -1.12 43.30
N ASN C 348 22.23 -2.03 42.47
CA ASN C 348 20.98 -1.86 41.72
C ASN C 348 21.04 -0.67 40.77
N VAL C 349 22.13 -0.56 40.03
CA VAL C 349 22.27 0.42 38.96
C VAL C 349 22.66 -0.32 37.68
N TYR C 350 22.04 0.08 36.56
CA TYR C 350 22.25 -0.57 35.27
C TYR C 350 22.53 0.50 34.22
N HIS C 351 23.15 0.07 33.11
CA HIS C 351 23.57 0.99 32.07
C HIS C 351 22.67 0.94 30.83
N GLN C 352 22.29 -0.27 30.39
CA GLN C 352 21.38 -0.56 29.28
C GLN C 352 21.87 -0.06 27.92
N ASP C 353 23.13 0.36 27.81
CA ASP C 353 23.71 0.78 26.53
C ASP C 353 25.22 0.63 26.66
N LEU C 354 25.76 -0.45 26.08
CA LEU C 354 27.16 -0.81 26.35
C LEU C 354 27.89 -1.15 25.05
N HIS C 355 27.81 -0.27 24.07
CA HIS C 355 28.48 -0.48 22.80
C HIS C 355 29.94 -0.01 22.88
N LEU C 356 30.61 0.09 21.73
CA LEU C 356 32.04 0.37 21.72
C LEU C 356 32.37 1.81 22.07
N GLY C 357 31.42 2.72 21.96
CA GLY C 357 31.68 4.12 22.22
C GLY C 357 31.70 4.53 23.68
N ASN C 358 31.50 3.59 24.59
CA ASN C 358 31.43 3.89 26.02
C ASN C 358 32.63 3.37 26.80
N ILE C 359 33.17 2.21 26.44
CA ILE C 359 34.33 1.67 27.16
C ILE C 359 35.58 2.37 26.67
N LEU C 360 36.33 2.97 27.61
CA LEU C 360 37.54 3.72 27.29
C LEU C 360 38.73 3.06 27.98
N VAL C 361 39.80 2.84 27.22
CA VAL C 361 41.05 2.30 27.75
C VAL C 361 42.01 3.47 27.92
N LYS C 362 42.50 3.67 29.14
CA LYS C 362 43.31 4.85 29.44
C LYS C 362 44.69 4.53 30.01
N ASP C 363 44.82 3.55 30.89
CA ASP C 363 46.08 3.31 31.62
C ASP C 363 46.43 1.83 31.55
N GLU C 364 47.10 1.44 30.47
CA GLU C 364 47.63 0.08 30.24
C GLU C 364 46.52 -0.98 30.37
N ASP C 365 45.53 -0.85 29.47
CA ASP C 365 44.35 -1.70 29.40
C ASP C 365 43.56 -1.68 30.72
N GLU C 366 43.09 -0.47 31.06
CA GLU C 366 42.22 -0.26 32.21
C GLU C 366 40.96 0.46 31.71
N ILE C 367 39.80 -0.05 32.09
CA ILE C 367 38.55 0.38 31.49
C ILE C 367 37.88 1.44 32.36
N SER C 368 36.98 2.21 31.74
CA SER C 368 36.21 3.24 32.45
C SER C 368 34.93 3.47 31.65
N ILE C 369 33.81 3.01 32.20
CA ILE C 369 32.53 3.08 31.49
C ILE C 369 31.93 4.48 31.68
N ILE C 370 31.57 5.12 30.57
CA ILE C 370 31.00 6.47 30.58
C ILE C 370 29.59 6.43 29.98
N ASP C 371 28.96 7.61 29.89
CA ASP C 371 27.68 7.86 29.20
C ASP C 371 26.55 7.04 29.83
N TRP C 372 26.24 7.40 31.08
CA TRP C 372 25.17 6.74 31.85
C TRP C 372 23.84 7.49 31.69
N GLU C 373 23.38 7.59 30.44
CA GLU C 373 22.13 8.30 30.15
C GLU C 373 20.90 7.42 30.25
N GLN C 374 21.04 6.10 30.31
CA GLN C 374 19.91 5.19 30.19
C GLN C 374 19.80 4.31 31.43
N ALA C 375 20.00 4.89 32.60
CA ALA C 375 19.97 4.12 33.85
C ALA C 375 18.55 3.76 34.24
N VAL C 376 18.39 2.54 34.74
CA VAL C 376 17.12 2.03 35.25
C VAL C 376 17.41 1.37 36.59
N PHE C 377 16.65 1.74 37.63
CA PHE C 377 16.90 1.27 38.99
C PHE C 377 15.89 0.23 39.44
N SER C 378 15.20 -0.42 38.51
CA SER C 378 14.26 -1.49 38.82
C SER C 378 14.62 -2.72 38.01
N ASN C 379 14.48 -3.90 38.62
CA ASN C 379 14.90 -5.14 38.00
C ASN C 379 13.82 -6.21 38.21
N ASP C 380 12.56 -5.83 37.97
CA ASP C 380 11.49 -6.81 38.06
C ASP C 380 10.40 -6.64 36.99
N GLU C 381 10.64 -5.85 35.94
CA GLU C 381 9.74 -5.81 34.80
C GLU C 381 10.54 -6.06 33.53
N LYS C 382 10.07 -7.00 32.71
CA LYS C 382 10.70 -7.28 31.44
C LYS C 382 10.34 -6.18 30.44
N VAL C 383 11.36 -5.53 29.89
CA VAL C 383 11.17 -4.39 28.99
C VAL C 383 11.84 -4.69 27.66
N VAL C 384 11.42 -3.94 26.65
CA VAL C 384 12.00 -4.02 25.31
C VAL C 384 13.17 -3.05 25.25
N HIS C 385 14.28 -3.49 24.67
CA HIS C 385 15.41 -2.59 24.43
C HIS C 385 15.04 -1.60 23.35
N LYS C 386 14.92 -0.32 23.73
CA LYS C 386 14.38 0.70 22.86
C LYS C 386 15.42 1.42 22.02
N VAL C 387 16.50 1.91 22.64
CA VAL C 387 17.54 2.65 21.94
C VAL C 387 18.87 1.93 22.15
N ALA C 388 19.62 1.76 21.06
CA ALA C 388 20.91 1.07 21.09
C ALA C 388 21.69 1.46 19.85
N ALA C 389 22.97 1.13 19.86
CA ALA C 389 23.81 1.24 18.69
C ALA C 389 23.48 0.12 17.70
N PRO C 390 23.86 0.27 16.42
CA PRO C 390 23.70 -0.85 15.47
C PRO C 390 24.45 -2.10 15.86
N GLY C 391 23.70 -3.16 16.17
CA GLY C 391 24.28 -4.44 16.51
C GLY C 391 23.99 -4.91 17.93
N PHE C 392 24.10 -4.01 18.89
CA PHE C 392 23.97 -4.36 20.31
C PHE C 392 22.55 -4.07 20.82
N ARG C 393 21.58 -4.72 20.20
CA ARG C 393 20.18 -4.60 20.60
C ARG C 393 19.66 -5.97 21.02
N ALA C 394 19.04 -6.03 22.20
CA ALA C 394 18.50 -7.27 22.72
C ALA C 394 17.23 -7.67 21.98
N TRP C 395 16.80 -8.90 22.20
CA TRP C 395 15.69 -9.48 21.45
C TRP C 395 14.57 -9.87 22.41
N ARG C 396 13.39 -9.28 22.21
CA ARG C 396 12.10 -9.77 22.71
C ARG C 396 12.03 -9.86 24.24
N GLU C 397 12.04 -8.67 24.86
CA GLU C 397 11.49 -8.45 26.21
C GLU C 397 12.24 -9.25 27.29
N THR C 398 13.51 -8.90 27.47
CA THR C 398 14.33 -9.51 28.50
C THR C 398 14.26 -8.68 29.78
N LEU C 399 14.77 -9.28 30.86
CA LEU C 399 14.92 -8.55 32.12
C LEU C 399 16.03 -7.51 31.98
N PRO C 400 15.96 -6.40 32.73
CA PRO C 400 16.99 -5.36 32.61
C PRO C 400 18.36 -5.78 33.12
N SER C 401 18.47 -6.86 33.89
CA SER C 401 19.78 -7.32 34.33
C SER C 401 20.56 -7.95 33.19
N GLU C 402 19.88 -8.69 32.31
CA GLU C 402 20.55 -9.46 31.27
C GLU C 402 20.90 -8.63 30.03
N ILE C 403 20.40 -7.40 29.92
CA ILE C 403 20.71 -6.56 28.76
C ILE C 403 22.18 -6.16 28.78
N ASP C 404 22.71 -5.85 29.98
CA ASP C 404 24.13 -5.54 30.11
C ASP C 404 25.01 -6.74 29.76
N TRP C 405 24.60 -7.94 30.17
CA TRP C 405 25.35 -9.15 29.84
C TRP C 405 25.27 -9.47 28.36
N TYR C 406 24.12 -9.19 27.72
CA TYR C 406 24.02 -9.36 26.27
C TYR C 406 24.91 -8.38 25.53
N GLY C 407 25.07 -7.16 26.08
CA GLY C 407 26.03 -6.23 25.51
C GLY C 407 27.46 -6.70 25.67
N ILE C 408 27.81 -7.19 26.86
CA ILE C 408 29.18 -7.60 27.17
C ILE C 408 29.58 -8.84 26.37
N ARG C 409 28.62 -9.75 26.13
CA ARG C 409 28.89 -10.94 25.31
C ARG C 409 29.29 -10.58 23.88
N GLN C 410 28.57 -9.64 23.27
CA GLN C 410 28.92 -9.25 21.92
C GLN C 410 30.14 -8.32 21.88
N ILE C 411 30.40 -7.59 22.96
CA ILE C 411 31.67 -6.85 23.08
C ILE C 411 32.85 -7.83 23.08
N ALA C 412 32.74 -8.90 23.86
CA ALA C 412 33.82 -9.89 23.94
C ALA C 412 33.96 -10.67 22.64
N HIS C 413 32.84 -10.94 21.95
CA HIS C 413 32.95 -11.58 20.64
C HIS C 413 33.54 -10.64 19.59
N TYR C 414 33.28 -9.33 19.72
CA TYR C 414 33.91 -8.35 18.84
C TYR C 414 35.40 -8.25 19.08
N LEU C 415 35.83 -8.42 20.33
CA LEU C 415 37.26 -8.41 20.65
C LEU C 415 37.99 -9.64 20.12
N TYR C 416 37.27 -10.73 19.82
CA TYR C 416 37.91 -11.96 19.37
C TYR C 416 38.13 -11.94 17.87
N MET C 417 37.16 -11.44 17.11
CA MET C 417 37.27 -11.13 15.69
C MET C 417 36.27 -10.04 15.35
N PRO C 418 36.72 -8.89 14.86
CA PRO C 418 35.83 -7.72 14.77
C PRO C 418 34.81 -7.75 13.63
N LEU C 419 33.75 -8.55 13.80
CA LEU C 419 32.58 -8.53 12.92
C LEU C 419 31.35 -8.79 13.79
N VAL C 420 30.64 -7.72 14.17
CA VAL C 420 29.49 -7.85 15.05
C VAL C 420 28.32 -7.06 14.47
N THR C 421 28.60 -6.28 13.41
CA THR C 421 27.65 -5.28 12.93
C THR C 421 26.43 -5.87 12.23
N THR C 422 26.46 -7.16 11.88
CA THR C 422 25.33 -7.80 11.22
C THR C 422 24.49 -8.65 12.17
N SER C 423 24.67 -8.48 13.48
CA SER C 423 23.95 -9.27 14.47
C SER C 423 22.52 -8.79 14.70
N ASP C 424 22.10 -7.70 14.06
CA ASP C 424 20.73 -7.24 14.12
C ASP C 424 19.85 -7.88 13.05
N LEU C 425 20.41 -8.73 12.20
CA LEU C 425 19.66 -9.44 11.18
C LEU C 425 19.60 -10.93 11.43
N THR C 426 20.71 -11.56 11.79
CA THR C 426 20.77 -12.98 12.11
C THR C 426 20.96 -13.12 13.61
N TYR C 427 20.03 -13.81 14.26
CA TYR C 427 20.12 -14.02 15.70
C TYR C 427 21.21 -15.03 16.01
N ASN C 428 21.99 -14.72 17.06
CA ASN C 428 23.16 -15.50 17.49
C ASN C 428 24.15 -15.70 16.34
N TYR C 429 24.44 -14.60 15.64
CA TYR C 429 25.42 -14.61 14.55
C TYR C 429 26.83 -14.91 15.05
N VAL C 430 27.13 -14.55 16.30
CA VAL C 430 28.49 -14.56 16.80
C VAL C 430 29.07 -15.96 17.01
N SER C 431 28.27 -17.02 16.85
CA SER C 431 28.80 -18.38 16.86
C SER C 431 29.74 -18.62 15.68
N GLN C 432 29.42 -18.05 14.51
CA GLN C 432 30.32 -18.14 13.35
C GLN C 432 31.66 -17.47 13.64
N THR C 433 31.60 -16.28 14.25
CA THR C 433 32.80 -15.54 14.63
C THR C 433 33.64 -16.30 15.65
N ARG C 434 32.98 -16.90 16.64
CA ARG C 434 33.68 -17.67 17.66
C ARG C 434 34.29 -18.94 17.08
N ILE C 435 33.64 -19.54 16.08
CA ILE C 435 34.20 -20.72 15.42
C ILE C 435 35.43 -20.36 14.61
N GLU C 436 35.34 -19.29 13.80
CA GLU C 436 36.45 -18.96 12.91
C GLU C 436 37.61 -18.24 13.58
N GLY C 437 37.40 -17.67 14.77
CA GLY C 437 38.50 -17.03 15.47
C GLY C 437 39.57 -18.02 15.93
N LYS C 438 39.14 -19.21 16.36
CA LYS C 438 40.08 -20.25 16.75
C LYS C 438 40.91 -20.72 15.56
N LYS C 439 40.27 -20.88 14.39
CA LYS C 439 40.99 -21.25 13.18
C LYS C 439 41.97 -20.18 12.74
N LEU C 440 41.58 -18.90 12.82
CA LEU C 440 42.49 -17.83 12.43
C LEU C 440 43.68 -17.72 13.37
N PHE C 441 43.44 -17.81 14.69
CA PHE C 441 44.55 -17.71 15.63
C PHE C 441 45.40 -18.99 15.68
N GLU C 442 44.87 -20.12 15.20
CA GLU C 442 45.73 -21.28 14.99
C GLU C 442 46.55 -21.12 13.72
N SER C 443 46.00 -20.43 12.70
CA SER C 443 46.78 -20.15 11.50
C SER C 443 47.94 -19.18 11.78
N LEU C 444 47.70 -18.17 12.61
CA LEU C 444 48.78 -17.24 12.96
C LEU C 444 49.80 -17.86 13.90
N GLY C 445 49.43 -18.88 14.66
CA GLY C 445 50.40 -19.58 15.50
C GLY C 445 50.62 -18.96 16.86
N TYR C 446 49.55 -18.81 17.64
CA TYR C 446 49.64 -18.37 19.03
C TYR C 446 49.68 -19.57 19.96
N THR C 447 49.85 -19.29 21.25
CA THR C 447 49.90 -20.34 22.25
C THR C 447 48.52 -20.94 22.46
N ARG C 448 48.51 -22.25 22.75
CA ARG C 448 47.25 -22.98 22.91
C ARG C 448 46.53 -22.60 24.20
N GLU C 449 47.29 -22.32 25.26
CA GLU C 449 46.69 -22.04 26.57
C GLU C 449 45.94 -20.72 26.59
N HIS C 450 46.43 -19.71 25.86
CA HIS C 450 45.71 -18.43 25.77
C HIS C 450 44.40 -18.59 25.02
N ILE C 451 44.41 -19.41 23.95
CA ILE C 451 43.21 -19.68 23.18
C ILE C 451 42.18 -20.44 24.03
N ASP C 452 42.66 -21.41 24.82
CA ASP C 452 41.75 -22.15 25.71
C ASP C 452 41.22 -21.26 26.83
N TYR C 453 42.04 -20.35 27.34
CA TYR C 453 41.59 -19.43 28.38
C TYR C 453 40.53 -18.47 27.88
N VAL C 454 40.75 -17.89 26.69
CA VAL C 454 39.75 -16.97 26.14
C VAL C 454 38.51 -17.75 25.70
N GLU C 455 38.66 -19.02 25.33
CA GLU C 455 37.50 -19.85 25.03
C GLU C 455 36.68 -20.12 26.30
N SER C 456 37.36 -20.30 27.43
CA SER C 456 36.65 -20.47 28.70
C SER C 456 35.91 -19.20 29.11
N LEU C 457 36.52 -18.03 28.91
CA LEU C 457 35.84 -16.77 29.23
C LEU C 457 34.63 -16.53 28.33
N LEU C 458 34.76 -16.80 27.02
CA LEU C 458 33.62 -16.65 26.13
C LEU C 458 32.54 -17.70 26.39
N SER C 459 32.92 -18.90 26.84
CA SER C 459 31.92 -19.88 27.26
C SER C 459 31.19 -19.45 28.52
N TYR C 460 31.90 -18.79 29.45
CA TYR C 460 31.27 -18.25 30.65
C TYR C 460 30.27 -17.14 30.30
N LEU C 461 30.65 -16.26 29.37
CA LEU C 461 29.72 -15.21 28.93
C LEU C 461 28.55 -15.78 28.13
N ASP C 462 28.75 -16.89 27.43
CA ASP C 462 27.63 -17.59 26.82
C ASP C 462 26.72 -18.19 27.87
N SER C 463 27.29 -18.66 28.98
CA SER C 463 26.49 -19.24 30.06
C SER C 463 25.69 -18.19 30.81
N LYS C 464 26.23 -16.96 30.94
CA LYS C 464 25.51 -15.91 31.66
C LYS C 464 24.30 -15.41 30.87
N CYS C 465 24.45 -15.17 29.56
CA CYS C 465 23.34 -14.69 28.76
C CYS C 465 22.37 -15.83 28.48
N PRO C 466 21.07 -15.62 28.67
CA PRO C 466 20.10 -16.68 28.44
C PRO C 466 19.76 -16.82 26.95
N GLN C 467 19.04 -17.89 26.65
CA GLN C 467 18.64 -18.21 25.28
C GLN C 467 17.21 -17.76 25.05
N ILE C 468 16.98 -17.13 23.90
CA ILE C 468 15.68 -16.56 23.55
C ILE C 468 15.22 -17.23 22.27
N GLU C 469 13.97 -17.71 22.26
CA GLU C 469 13.39 -18.24 21.04
C GLU C 469 13.18 -17.12 20.02
N ASN C 470 13.43 -17.44 18.75
CA ASN C 470 13.42 -16.44 17.69
C ASN C 470 12.01 -16.32 17.12
N ILE C 471 11.35 -15.21 17.41
CA ILE C 471 10.00 -14.94 16.92
C ILE C 471 9.99 -13.57 16.26
N SER C 472 10.00 -13.59 14.93
CA SER C 472 10.05 -12.43 14.04
C SER C 472 9.91 -12.93 12.61
N ARG C 473 10.23 -12.07 11.67
CA ARG C 473 10.20 -12.53 10.33
C ARG C 473 11.62 -12.61 9.95
N LYS C 474 12.50 -12.49 10.93
CA LYS C 474 13.90 -12.69 10.62
C LYS C 474 14.21 -14.11 11.00
N LYS C 475 13.19 -14.95 11.04
CA LYS C 475 13.45 -16.29 11.52
C LYS C 475 13.73 -17.21 10.42
N VAL C 476 14.00 -16.71 9.24
CA VAL C 476 14.40 -17.60 8.22
C VAL C 476 15.91 -17.61 8.21
N LEU C 477 16.61 -16.53 8.58
CA LEU C 477 18.06 -16.46 8.46
C LEU C 477 18.71 -17.04 9.71
N LYS C 478 19.53 -18.07 9.52
CA LYS C 478 20.21 -18.81 10.57
C LYS C 478 21.72 -18.78 10.33
N PRO C 479 22.54 -18.87 11.38
CA PRO C 479 23.99 -18.89 11.19
C PRO C 479 24.49 -20.27 10.80
N MET C 480 25.75 -20.32 10.38
CA MET C 480 26.42 -21.59 10.16
C MET C 480 26.71 -22.28 11.48
N HIS C 481 26.84 -23.60 11.40
CA HIS C 481 27.31 -24.40 12.54
C HIS C 481 28.37 -25.41 12.15
N GLU C 482 28.63 -25.65 10.86
CA GLU C 482 29.69 -26.52 10.41
C GLU C 482 30.47 -25.83 9.30
N ILE C 483 31.78 -26.09 9.26
CA ILE C 483 32.67 -25.60 8.22
C ILE C 483 33.42 -26.79 7.64
N ARG C 484 33.40 -26.92 6.31
CA ARG C 484 34.06 -28.02 5.63
C ARG C 484 35.21 -27.48 4.78
N THR C 485 36.36 -28.15 4.87
CA THR C 485 37.53 -27.75 4.10
C THR C 485 37.37 -28.15 2.65
N ILE C 486 37.63 -27.21 1.75
CA ILE C 486 37.54 -27.45 0.32
C ILE C 486 38.76 -28.24 -0.12
N GLU C 487 38.54 -29.38 -0.79
CA GLU C 487 39.62 -30.26 -1.18
C GLU C 487 39.58 -30.71 -2.64
N SER C 488 38.43 -30.57 -3.32
CA SER C 488 38.31 -31.03 -4.69
C SER C 488 37.33 -30.13 -5.43
N GLU C 489 37.04 -30.50 -6.67
CA GLU C 489 36.13 -29.72 -7.51
C GLU C 489 34.67 -29.90 -7.11
N GLN C 490 34.33 -30.99 -6.43
CA GLN C 490 32.95 -31.26 -6.07
C GLN C 490 32.45 -30.28 -5.01
N ASP C 491 33.33 -29.87 -4.09
CA ASP C 491 32.96 -28.89 -3.07
C ASP C 491 32.64 -27.53 -3.70
N ILE C 492 33.43 -27.12 -4.69
CA ILE C 492 33.16 -25.86 -5.40
C ILE C 492 31.89 -25.98 -6.23
N GLN C 493 31.69 -27.14 -6.87
CA GLN C 493 30.48 -27.36 -7.65
C GLN C 493 29.22 -27.45 -6.78
N ASP C 494 29.36 -27.77 -5.51
CA ASP C 494 28.23 -27.71 -4.59
C ASP C 494 28.01 -26.29 -4.04
N PHE C 495 29.11 -25.57 -3.78
CA PHE C 495 29.00 -24.20 -3.28
C PHE C 495 28.36 -23.28 -4.32
N ILE C 496 28.66 -23.50 -5.60
CA ILE C 496 28.05 -22.69 -6.66
C ILE C 496 26.54 -22.91 -6.74
N ILE C 497 26.10 -24.19 -6.64
CA ILE C 497 24.68 -24.50 -6.67
C ILE C 497 23.98 -23.92 -5.45
N LYS C 498 24.64 -23.95 -4.29
CA LYS C 498 24.09 -23.33 -3.08
C LYS C 498 23.95 -21.82 -3.23
N LEU C 499 24.95 -21.16 -3.83
CA LEU C 499 24.89 -19.71 -4.00
C LEU C 499 23.81 -19.31 -5.00
N LEU C 500 23.65 -20.06 -6.09
CA LEU C 500 22.57 -19.81 -7.03
C LEU C 500 21.20 -20.02 -6.41
N ARG C 501 21.05 -21.06 -5.57
CA ARG C 501 19.78 -21.29 -4.90
C ARG C 501 19.46 -20.17 -3.91
N GLY C 502 20.47 -19.68 -3.20
CA GLY C 502 20.27 -18.54 -2.32
C GLY C 502 19.87 -17.27 -3.06
N PHE C 503 20.44 -17.07 -4.25
CA PHE C 503 20.05 -15.93 -5.07
C PHE C 503 18.60 -16.06 -5.56
N THR C 504 18.16 -17.28 -5.90
CA THR C 504 16.77 -17.46 -6.31
C THR C 504 15.81 -17.21 -5.16
N LEU C 505 16.14 -17.67 -3.94
CA LEU C 505 15.30 -17.39 -2.79
C LEU C 505 15.25 -15.90 -2.44
N THR C 506 16.39 -15.20 -2.51
CA THR C 506 16.35 -13.78 -2.18
C THR C 506 15.78 -12.93 -3.31
N TYR C 507 15.66 -13.46 -4.53
CA TYR C 507 14.85 -12.79 -5.53
C TYR C 507 13.36 -13.03 -5.30
N GLY C 508 13.01 -14.26 -4.89
CA GLY C 508 11.62 -14.59 -4.66
C GLY C 508 11.03 -13.85 -3.47
N GLN C 509 11.85 -13.58 -2.45
CA GLN C 509 11.37 -12.81 -1.31
C GLN C 509 11.18 -11.33 -1.66
N TRP C 510 11.95 -10.81 -2.62
CA TRP C 510 11.82 -9.42 -3.02
C TRP C 510 10.68 -9.21 -4.01
N ARG C 511 10.40 -10.21 -4.86
CA ARG C 511 9.42 -10.03 -5.92
C ARG C 511 7.98 -9.95 -5.40
N LYS C 512 7.71 -10.53 -4.23
CA LYS C 512 6.33 -10.65 -3.76
C LYS C 512 5.76 -9.30 -3.33
N GLU C 513 6.49 -8.53 -2.52
CA GLU C 513 5.95 -7.33 -1.91
C GLU C 513 6.46 -6.04 -2.55
N PHE C 514 7.19 -6.13 -3.66
CA PHE C 514 7.66 -4.94 -4.34
C PHE C 514 7.70 -5.20 -5.84
N GLN C 515 7.37 -4.18 -6.63
CA GLN C 515 7.31 -4.32 -8.08
C GLN C 515 7.99 -3.18 -8.83
N SER C 516 8.58 -2.20 -8.14
CA SER C 516 9.22 -1.08 -8.83
C SER C 516 10.52 -1.53 -9.50
N ARG C 517 11.28 -2.38 -8.83
CA ARG C 517 12.52 -2.92 -9.36
C ARG C 517 12.43 -4.44 -9.45
N PHE C 518 13.56 -5.06 -9.78
CA PHE C 518 13.63 -6.51 -9.88
C PHE C 518 14.55 -7.16 -8.84
N PHE C 519 15.62 -6.47 -8.42
CA PHE C 519 16.58 -7.03 -7.48
C PHE C 519 16.88 -5.99 -6.41
N PRO C 520 17.11 -6.42 -5.16
CA PRO C 520 17.46 -5.45 -4.11
C PRO C 520 18.90 -4.97 -4.26
N VAL C 521 19.09 -3.68 -4.07
CA VAL C 521 20.38 -3.00 -4.27
C VAL C 521 20.69 -2.21 -3.01
N HIS C 522 21.99 -2.18 -2.65
CA HIS C 522 22.53 -1.29 -1.63
C HIS C 522 22.09 0.15 -1.88
N TYR C 523 21.89 0.90 -0.79
CA TYR C 523 21.14 2.17 -0.84
C TYR C 523 21.86 3.30 -1.56
N TYR C 524 23.15 3.14 -1.88
CA TYR C 524 23.83 4.13 -2.71
C TYR C 524 23.26 4.13 -4.12
N GLY C 525 22.94 2.95 -4.65
CA GLY C 525 22.45 2.86 -6.01
C GLY C 525 21.02 2.36 -6.11
N LEU C 526 20.18 2.69 -5.11
CA LEU C 526 18.78 2.34 -5.19
C LEU C 526 18.04 3.19 -6.23
N ASN C 527 18.51 4.42 -6.45
CA ASN C 527 17.91 5.28 -7.46
C ASN C 527 18.33 4.86 -8.87
N PHE C 528 19.57 4.43 -9.04
CA PHE C 528 20.07 4.10 -10.36
C PHE C 528 19.49 2.77 -10.85
N ASN C 529 19.25 2.70 -12.17
CA ASN C 529 18.70 1.50 -12.80
C ASN C 529 19.37 1.18 -14.12
N GLN C 530 20.53 1.77 -14.40
CA GLN C 530 21.22 1.56 -15.66
C GLN C 530 22.72 1.54 -15.42
N GLY C 531 23.42 0.73 -16.21
CA GLY C 531 24.87 0.68 -16.11
C GLY C 531 25.41 -0.70 -15.78
N ILE C 532 26.44 -0.73 -14.93
CA ILE C 532 27.04 -1.99 -14.47
C ILE C 532 26.91 -2.13 -12.95
N ALA C 533 27.29 -1.09 -12.19
CA ALA C 533 27.44 -1.12 -10.74
C ALA C 533 26.16 -1.45 -9.98
N PHE C 534 25.13 -0.62 -10.12
CA PHE C 534 23.86 -0.85 -9.43
C PHE C 534 22.73 -1.08 -10.42
N SER C 535 23.01 -1.83 -11.47
CA SER C 535 22.10 -1.99 -12.59
C SER C 535 21.03 -3.04 -12.27
N ASP C 536 20.22 -3.35 -13.27
CA ASP C 536 19.21 -4.41 -13.20
C ASP C 536 19.47 -5.56 -14.15
N LEU C 537 20.36 -5.38 -15.13
CA LEU C 537 20.68 -6.41 -16.11
C LEU C 537 22.01 -7.10 -15.84
N ALA C 538 22.91 -6.45 -15.11
CA ALA C 538 24.21 -7.06 -14.81
C ALA C 538 24.09 -8.23 -13.84
N ILE C 539 23.11 -8.19 -12.95
CA ILE C 539 22.91 -9.28 -12.00
C ILE C 539 22.46 -10.55 -12.72
N LEU C 540 21.55 -10.40 -13.69
CA LEU C 540 21.13 -11.55 -14.48
C LEU C 540 22.24 -12.04 -15.41
N TRP C 541 23.12 -11.14 -15.85
CA TRP C 541 24.27 -11.56 -16.65
C TRP C 541 25.25 -12.36 -15.80
N SER C 542 25.45 -11.94 -14.54
CA SER C 542 26.29 -12.71 -13.62
C SER C 542 25.64 -14.05 -13.30
N TYR C 543 24.31 -14.07 -13.19
CA TYR C 543 23.55 -15.31 -13.03
C TYR C 543 23.81 -16.28 -14.17
N GLN C 544 23.71 -15.79 -15.42
CA GLN C 544 23.96 -16.64 -16.58
C GLN C 544 25.41 -17.09 -16.65
N GLN C 545 26.35 -16.19 -16.34
CA GLN C 545 27.77 -16.51 -16.45
C GLN C 545 28.20 -17.54 -15.41
N LEU C 546 27.65 -17.47 -14.20
CA LEU C 546 28.01 -18.48 -13.21
C LEU C 546 27.21 -19.77 -13.41
N ALA C 547 26.00 -19.69 -13.95
CA ALA C 547 25.23 -20.89 -14.25
C ALA C 547 25.81 -21.67 -15.42
N LYS C 548 26.49 -21.00 -16.36
CA LYS C 548 27.15 -21.71 -17.45
C LYS C 548 28.36 -22.52 -16.99
N LYS C 549 28.93 -22.19 -15.83
CA LYS C 549 30.10 -22.88 -15.33
C LYS C 549 29.78 -24.12 -14.51
N VAL C 550 28.50 -24.38 -14.25
CA VAL C 550 28.09 -25.57 -13.51
C VAL C 550 27.31 -26.47 -14.46
N LYS C 551 27.48 -27.78 -14.28
CA LYS C 551 26.91 -28.75 -15.20
C LYS C 551 25.44 -28.99 -14.91
N ASN C 552 24.63 -28.96 -15.98
CA ASN C 552 23.18 -29.27 -16.04
C ASN C 552 22.38 -28.66 -14.89
N PHE C 553 22.56 -27.35 -14.69
CA PHE C 553 21.77 -26.65 -13.69
C PHE C 553 20.34 -26.48 -14.16
N LYS C 554 19.39 -26.64 -13.23
CA LYS C 554 17.98 -26.51 -13.56
C LYS C 554 17.59 -25.05 -13.58
N PHE C 555 17.13 -24.57 -14.73
CA PHE C 555 16.66 -23.21 -14.87
C PHE C 555 15.31 -23.05 -14.18
N ASP C 556 15.15 -21.98 -13.42
CA ASP C 556 13.86 -21.75 -12.74
C ASP C 556 12.86 -21.04 -13.66
N ASP C 557 13.16 -19.80 -14.06
CA ASP C 557 12.26 -19.05 -14.93
C ASP C 557 12.99 -18.14 -15.91
N TYR C 558 14.32 -18.17 -15.97
CA TYR C 558 15.06 -17.03 -16.50
C TYR C 558 15.08 -16.97 -18.02
N TYR C 559 14.51 -17.96 -18.73
CA TYR C 559 14.24 -17.79 -20.15
C TYR C 559 13.21 -16.69 -20.38
N GLU C 560 12.18 -16.63 -19.52
CA GLU C 560 11.22 -15.54 -19.57
C GLU C 560 11.80 -14.25 -19.01
N ILE C 561 12.57 -14.36 -17.92
CA ILE C 561 13.11 -13.18 -17.25
C ILE C 561 14.16 -12.50 -18.12
N ARG C 562 14.85 -13.25 -18.98
CA ARG C 562 15.83 -12.67 -19.89
C ARG C 562 15.19 -11.68 -20.86
N THR C 563 14.15 -12.11 -21.57
CA THR C 563 13.49 -11.21 -22.50
C THR C 563 12.66 -10.15 -21.77
N GLN C 564 12.20 -10.46 -20.54
CA GLN C 564 11.52 -9.45 -19.72
C GLN C 564 12.44 -8.29 -19.37
N VAL C 565 13.62 -8.59 -18.84
CA VAL C 565 14.56 -7.55 -18.44
C VAL C 565 15.13 -6.83 -19.66
N ILE C 566 15.39 -7.56 -20.75
CA ILE C 566 15.91 -6.94 -21.97
C ILE C 566 14.86 -6.00 -22.59
N ASN C 567 13.59 -6.42 -22.64
CA ASN C 567 12.55 -5.57 -23.20
C ASN C 567 12.28 -4.36 -22.31
N GLU C 568 12.32 -4.54 -20.99
CA GLU C 568 12.13 -3.41 -20.08
C GLU C 568 13.31 -2.43 -20.17
N ALA C 569 14.51 -2.94 -20.41
CA ALA C 569 15.68 -2.07 -20.54
C ALA C 569 15.65 -1.30 -21.86
N VAL C 570 15.25 -1.94 -22.95
CA VAL C 570 15.25 -1.23 -24.23
C VAL C 570 14.05 -0.29 -24.34
N ASN C 571 12.95 -0.57 -23.62
CA ASN C 571 11.82 0.34 -23.61
C ASN C 571 12.14 1.63 -22.85
N ASN C 572 12.94 1.53 -21.80
CA ASN C 572 13.37 2.68 -21.02
C ASN C 572 14.84 3.03 -21.26
N PHE C 573 15.36 2.72 -22.45
CA PHE C 573 16.76 3.02 -22.74
C PHE C 573 17.00 4.51 -22.87
N LYS C 574 16.08 5.22 -23.54
CA LYS C 574 16.21 6.66 -23.76
C LYS C 574 15.37 7.48 -22.79
N LYS C 575 14.74 6.85 -21.81
CA LYS C 575 13.91 7.57 -20.83
C LYS C 575 14.71 7.94 -19.60
N SER C 576 15.86 8.58 -19.83
CA SER C 576 16.76 9.04 -18.76
C SER C 576 17.70 10.07 -19.36
N SER C 577 18.49 10.70 -18.50
CA SER C 577 19.54 11.63 -18.92
C SER C 577 20.83 11.22 -18.21
N LEU C 578 21.52 10.25 -18.79
CA LEU C 578 22.78 9.75 -18.24
C LEU C 578 23.65 9.24 -19.38
N SER C 579 24.95 9.17 -19.10
CA SER C 579 25.90 8.56 -20.02
C SER C 579 27.08 8.05 -19.20
N GLY C 580 27.73 7.02 -19.72
CA GLY C 580 28.86 6.41 -19.05
C GLY C 580 28.80 4.90 -19.08
N LEU C 581 29.94 4.29 -18.74
CA LEU C 581 30.06 2.84 -18.77
C LEU C 581 29.34 2.19 -17.59
N PHE C 582 29.46 2.75 -16.40
CA PHE C 582 28.99 2.08 -15.20
C PHE C 582 27.65 2.60 -14.67
N ASP C 583 27.22 3.80 -15.05
CA ASP C 583 25.91 4.29 -14.62
C ASP C 583 25.21 5.07 -15.73
N GLY C 584 25.46 4.70 -16.99
CA GLY C 584 24.94 5.49 -18.09
C GLY C 584 24.21 4.70 -19.17
N LYS C 585 24.41 5.10 -20.42
CA LYS C 585 23.66 4.55 -21.54
C LYS C 585 24.46 3.59 -22.42
N ILE C 586 25.79 3.63 -22.36
CA ILE C 586 26.57 2.72 -23.18
C ILE C 586 26.80 1.40 -22.46
N GLY C 587 26.66 1.39 -21.14
CA GLY C 587 26.86 0.16 -20.38
C GLY C 587 25.78 -0.86 -20.65
N THR C 588 24.54 -0.42 -20.82
CA THR C 588 23.48 -1.35 -21.19
C THR C 588 23.62 -1.82 -22.63
N ILE C 589 24.25 -1.02 -23.50
CA ILE C 589 24.50 -1.46 -24.87
C ILE C 589 25.56 -2.58 -24.89
N TRP C 590 26.66 -2.36 -24.15
CA TRP C 590 27.70 -3.38 -24.00
C TRP C 590 27.17 -4.64 -23.33
N LEU C 591 26.29 -4.47 -22.35
CA LEU C 591 25.77 -5.60 -21.60
C LEU C 591 24.72 -6.36 -22.39
N ILE C 592 23.94 -5.68 -23.24
CA ILE C 592 23.03 -6.36 -24.15
C ILE C 592 23.81 -7.13 -25.21
N TYR C 593 24.92 -6.54 -25.72
CA TYR C 593 25.74 -7.23 -26.70
C TYR C 593 26.40 -8.48 -26.13
N GLU C 594 26.88 -8.40 -24.88
CA GLU C 594 27.49 -9.58 -24.28
C GLU C 594 26.47 -10.52 -23.67
N PHE C 595 25.20 -10.10 -23.55
CA PHE C 595 24.18 -10.96 -22.97
C PHE C 595 23.79 -12.08 -23.94
N GLY C 596 23.90 -11.86 -25.24
CA GLY C 596 23.55 -12.89 -26.19
C GLY C 596 22.87 -12.38 -27.45
N GLU C 597 22.28 -11.19 -27.40
CA GLU C 597 21.64 -10.61 -28.58
C GLU C 597 22.64 -9.69 -29.27
N ILE C 598 22.99 -10.02 -30.51
CA ILE C 598 24.09 -9.34 -31.19
C ILE C 598 23.59 -8.11 -31.94
N ASP C 599 22.69 -8.30 -32.91
CA ASP C 599 22.38 -7.28 -33.91
C ASP C 599 21.61 -6.09 -33.37
N ARG C 600 20.76 -6.29 -32.35
CA ARG C 600 20.01 -5.19 -31.76
C ARG C 600 20.94 -4.19 -31.07
N ALA C 601 21.94 -4.69 -30.35
CA ALA C 601 22.93 -3.82 -29.70
C ALA C 601 23.76 -3.07 -30.73
N VAL C 602 24.10 -3.73 -31.85
CA VAL C 602 24.84 -3.07 -32.92
C VAL C 602 24.00 -1.95 -33.55
N GLU C 603 22.70 -2.21 -33.75
CA GLU C 603 21.81 -1.21 -34.32
C GLU C 603 21.65 -0.01 -33.39
N LEU C 604 21.47 -0.25 -32.09
CA LEU C 604 21.33 0.85 -31.14
C LEU C 604 22.63 1.64 -30.99
N PHE C 605 23.78 0.93 -31.02
CA PHE C 605 25.08 1.58 -30.96
C PHE C 605 25.32 2.47 -32.17
N THR C 606 25.02 1.96 -33.36
CA THR C 606 25.15 2.72 -34.61
C THR C 606 24.21 3.92 -34.62
N THR C 607 23.01 3.77 -34.05
CA THR C 607 22.08 4.89 -33.99
C THR C 607 22.56 5.97 -33.02
N HIS C 608 23.07 5.59 -31.85
CA HIS C 608 23.15 6.53 -30.74
C HIS C 608 24.56 6.89 -30.26
N PHE C 609 25.63 6.33 -30.83
CA PHE C 609 26.98 6.58 -30.27
C PHE C 609 27.41 8.03 -30.45
N ILE C 610 27.27 8.57 -31.66
CA ILE C 610 27.70 9.94 -31.90
C ILE C 610 26.72 10.94 -31.30
N GLU C 611 25.50 10.52 -30.95
CA GLU C 611 24.61 11.37 -30.16
C GLU C 611 25.04 11.41 -28.70
N ILE C 612 25.42 10.27 -28.13
CA ILE C 612 25.82 10.21 -26.73
C ILE C 612 27.16 10.89 -26.49
N PHE C 613 28.05 10.87 -27.50
CA PHE C 613 29.45 11.25 -27.32
C PHE C 613 29.64 12.70 -26.87
N GLU C 614 28.97 13.65 -27.52
CA GLU C 614 29.27 15.06 -27.27
C GLU C 614 28.57 15.62 -26.04
N ASN C 615 27.61 14.90 -25.45
CA ASN C 615 26.85 15.45 -24.33
C ASN C 615 27.60 15.36 -23.01
N SER C 616 28.44 14.35 -22.82
CA SER C 616 29.07 14.13 -21.53
C SER C 616 30.21 15.12 -21.30
N GLN C 617 30.60 15.25 -20.03
CA GLN C 617 31.63 16.20 -19.61
C GLN C 617 32.81 15.56 -18.89
N ASN C 618 32.55 14.56 -18.04
CA ASN C 618 33.64 13.89 -17.34
C ASN C 618 34.38 12.95 -18.29
N LYS C 619 35.53 12.44 -17.83
CA LYS C 619 36.43 11.66 -18.69
C LYS C 619 36.93 10.39 -18.02
N ASN C 620 36.25 9.89 -16.98
CA ASN C 620 36.66 8.65 -16.33
C ASN C 620 35.79 7.49 -16.80
N LEU C 621 36.17 6.26 -16.41
CA LEU C 621 35.41 5.08 -16.85
C LEU C 621 34.11 4.90 -16.10
N TYR C 622 33.90 5.57 -14.97
CA TYR C 622 32.65 5.38 -14.25
C TYR C 622 31.50 6.07 -14.96
N SER C 623 31.68 7.30 -15.40
CA SER C 623 30.59 8.04 -16.03
C SER C 623 30.97 8.86 -17.26
N GLY C 624 32.23 8.87 -17.69
CA GLY C 624 32.70 9.83 -18.66
C GLY C 624 33.00 9.25 -20.02
N GLN C 625 33.87 9.95 -20.76
CA GLN C 625 34.14 9.66 -22.16
C GLN C 625 35.07 8.46 -22.35
N ALA C 626 35.84 8.09 -21.33
CA ALA C 626 36.81 7.01 -21.49
C ALA C 626 36.13 5.66 -21.65
N GLY C 627 35.03 5.44 -20.92
CA GLY C 627 34.24 4.24 -21.15
C GLY C 627 33.57 4.23 -22.50
N ILE C 628 33.17 5.41 -23.00
CA ILE C 628 32.60 5.55 -24.34
C ILE C 628 33.60 5.09 -25.38
N LEU C 629 34.84 5.57 -25.28
CA LEU C 629 35.92 5.13 -26.16
C LEU C 629 36.25 3.65 -26.01
N LEU C 630 36.22 3.14 -24.77
CA LEU C 630 36.61 1.75 -24.51
C LEU C 630 35.61 0.78 -25.15
N VAL C 631 34.31 1.06 -25.01
CA VAL C 631 33.29 0.29 -25.72
C VAL C 631 33.42 0.50 -27.23
N GLY C 632 33.81 1.71 -27.65
CA GLY C 632 33.97 2.00 -29.07
C GLY C 632 35.05 1.17 -29.75
N LEU C 633 36.21 1.00 -29.09
CA LEU C 633 37.20 0.16 -29.76
C LEU C 633 37.06 -1.30 -29.36
N TYR C 634 36.22 -1.64 -28.37
CA TYR C 634 35.86 -3.04 -28.20
C TYR C 634 34.98 -3.52 -29.34
N PHE C 635 34.07 -2.66 -29.81
CA PHE C 635 33.18 -3.04 -30.90
C PHE C 635 33.90 -3.12 -32.24
N LEU C 636 35.10 -2.53 -32.36
CA LEU C 636 35.84 -2.63 -33.61
C LEU C 636 36.48 -4.00 -33.79
N SER C 637 36.77 -4.69 -32.68
CA SER C 637 37.42 -5.99 -32.76
C SER C 637 36.47 -7.07 -33.30
N LYS C 638 35.19 -6.99 -32.93
CA LYS C 638 34.23 -7.98 -33.40
C LYS C 638 33.85 -7.76 -34.85
N GLY C 639 33.97 -6.53 -35.34
CA GLY C 639 33.84 -6.25 -36.76
C GLY C 639 32.47 -5.88 -37.26
N GLU C 640 31.49 -5.64 -36.39
CA GLU C 640 30.17 -5.24 -36.84
C GLU C 640 30.10 -3.78 -37.25
N ILE C 641 31.10 -2.98 -36.91
CA ILE C 641 31.13 -1.56 -37.24
C ILE C 641 31.65 -1.39 -38.66
N ASP C 642 30.99 -0.55 -39.45
CA ASP C 642 31.39 -0.29 -40.82
C ASP C 642 32.64 0.62 -40.85
N ASN C 643 33.09 0.93 -42.06
CA ASN C 643 34.37 1.62 -42.25
C ASN C 643 34.29 3.08 -41.82
N LYS C 644 33.24 3.79 -42.24
CA LYS C 644 33.13 5.22 -41.93
C LYS C 644 32.85 5.45 -40.46
N LEU C 645 31.98 4.62 -39.86
CA LEU C 645 31.72 4.73 -38.43
C LEU C 645 32.94 4.33 -37.61
N GLY C 646 33.72 3.35 -38.08
CA GLY C 646 34.95 3.00 -37.40
C GLY C 646 35.99 4.11 -37.45
N GLU C 647 36.10 4.77 -38.60
CA GLU C 647 36.97 5.95 -38.70
C GLU C 647 36.49 7.08 -37.81
N GLU C 648 35.17 7.27 -37.72
CA GLU C 648 34.62 8.28 -36.82
C GLU C 648 34.89 7.95 -35.35
N ILE C 649 34.86 6.68 -34.98
CA ILE C 649 35.20 6.27 -33.62
C ILE C 649 36.68 6.52 -33.34
N LEU C 650 37.54 6.14 -34.28
CA LEU C 650 38.99 6.22 -34.07
C LEU C 650 39.50 7.67 -34.08
N ILE C 651 38.88 8.55 -34.88
CA ILE C 651 39.35 9.93 -34.98
C ILE C 651 39.04 10.71 -33.70
N ARG C 652 38.06 10.26 -32.92
CA ARG C 652 37.81 10.90 -31.63
C ARG C 652 38.88 10.51 -30.61
N LEU C 653 39.26 9.23 -30.57
CA LEU C 653 40.26 8.78 -29.61
C LEU C 653 41.65 9.31 -29.97
N ARG C 654 41.91 9.53 -31.27
CA ARG C 654 43.17 10.14 -31.70
C ARG C 654 43.33 11.55 -31.13
N GLU C 655 42.25 12.33 -31.12
CA GLU C 655 42.31 13.65 -30.49
C GLU C 655 42.27 13.57 -28.97
N TYR C 656 41.59 12.55 -28.42
CA TYR C 656 41.48 12.41 -26.97
C TYR C 656 42.84 12.14 -26.33
N THR C 657 43.63 11.25 -26.94
CA THR C 657 44.94 10.92 -26.37
C THR C 657 45.89 12.12 -26.40
N LEU C 658 45.90 12.85 -27.52
CA LEU C 658 46.73 14.06 -27.61
C LEU C 658 46.24 15.16 -26.68
N ASN C 659 44.93 15.24 -26.46
CA ASN C 659 44.39 16.19 -25.49
C ASN C 659 44.80 15.85 -24.07
N TYR C 660 44.89 14.55 -23.74
CA TYR C 660 45.39 14.16 -22.43
C TYR C 660 46.88 14.45 -22.31
N ILE C 661 47.64 14.25 -23.39
CA ILE C 661 49.07 14.56 -23.39
C ILE C 661 49.32 16.06 -23.23
N GLU C 662 48.42 16.89 -23.77
CA GLU C 662 48.56 18.35 -23.67
C GLU C 662 48.50 18.85 -22.22
N ASN C 663 47.59 18.31 -21.42
CA ASN C 663 47.48 18.71 -20.02
C ASN C 663 46.88 17.54 -19.24
N PRO C 664 47.69 16.85 -18.42
CA PRO C 664 47.15 15.69 -17.69
C PRO C 664 46.42 16.07 -16.41
N GLU C 665 46.76 17.20 -15.78
CA GLU C 665 46.20 17.54 -14.48
C GLU C 665 44.74 17.98 -14.57
N THR C 666 44.29 18.43 -15.74
CA THR C 666 42.91 18.91 -15.88
C THR C 666 41.91 17.76 -15.81
N PHE C 667 42.27 16.60 -16.35
CA PHE C 667 41.29 15.52 -16.50
C PHE C 667 40.99 14.84 -15.17
N CYS C 668 42.00 14.64 -14.33
CA CYS C 668 41.84 13.96 -13.06
C CYS C 668 42.59 14.69 -11.97
N LYS C 669 42.10 14.57 -10.73
CA LYS C 669 42.72 15.23 -9.60
C LYS C 669 44.04 14.56 -9.23
N VAL C 670 45.08 15.37 -9.09
CA VAL C 670 46.40 14.90 -8.66
C VAL C 670 46.59 15.33 -7.21
N GLY C 671 46.76 14.37 -6.32
CA GLY C 671 46.90 14.65 -4.91
C GLY C 671 46.50 13.44 -4.08
N ALA C 672 46.00 13.72 -2.88
CA ALA C 672 45.62 12.67 -1.94
C ALA C 672 44.26 12.87 -1.31
N SER C 673 43.49 13.88 -1.75
CA SER C 673 42.13 14.22 -1.31
C SER C 673 42.02 14.60 0.16
N ASP C 674 40.83 15.04 0.58
CA ASP C 674 40.64 15.52 1.94
C ASP C 674 39.30 15.10 2.52
N VAL C 675 38.70 14.02 2.00
CA VAL C 675 37.42 13.55 2.47
C VAL C 675 37.58 12.14 3.02
N GLN C 676 36.75 11.79 4.01
CA GLN C 676 36.75 10.47 4.63
C GLN C 676 35.32 9.96 4.55
N SER C 677 34.99 9.32 3.42
CA SER C 677 33.66 8.77 3.20
C SER C 677 33.74 7.69 2.14
N ASN C 678 32.98 6.62 2.33
CA ASN C 678 32.87 5.55 1.33
C ASN C 678 31.73 5.90 0.36
N ASP C 679 31.94 7.00 -0.36
CA ASP C 679 30.97 7.56 -1.28
C ASP C 679 31.43 7.34 -2.72
N PRO C 680 30.50 7.09 -3.65
CA PRO C 680 30.93 6.93 -5.05
C PRO C 680 31.42 8.22 -5.68
N TYR C 681 30.65 9.29 -5.61
CA TYR C 681 31.01 10.50 -6.33
C TYR C 681 32.01 11.37 -5.58
N GLU C 682 32.33 11.03 -4.34
CA GLU C 682 33.33 11.76 -3.58
C GLU C 682 34.69 11.06 -3.56
N ASN C 683 34.87 10.02 -4.36
CA ASN C 683 36.16 9.33 -4.49
C ASN C 683 36.85 9.82 -5.75
N PHE C 684 38.19 9.95 -5.68
CA PHE C 684 38.94 10.61 -6.73
C PHE C 684 39.99 9.73 -7.40
N GLY C 685 40.64 8.83 -6.66
CA GLY C 685 41.75 8.06 -7.19
C GLY C 685 41.47 6.57 -7.20
N GLY C 686 41.86 5.92 -8.28
CA GLY C 686 41.69 4.48 -8.39
C GLY C 686 41.51 4.07 -9.84
N LEU C 687 41.29 2.76 -10.03
CA LEU C 687 41.10 2.23 -11.37
C LEU C 687 39.75 2.65 -11.94
N LEU C 688 38.69 2.51 -11.14
CA LEU C 688 37.37 2.93 -11.60
C LEU C 688 37.23 4.44 -11.51
N TYR C 689 37.40 4.99 -10.31
CA TYR C 689 37.18 6.41 -10.07
C TYR C 689 38.50 7.14 -10.30
N GLY C 690 38.65 7.77 -11.45
CA GLY C 690 39.80 8.63 -11.64
C GLY C 690 40.79 8.29 -12.73
N HIS C 691 42.05 8.08 -12.34
CA HIS C 691 43.16 8.28 -13.25
C HIS C 691 43.78 7.00 -13.79
N ALA C 692 43.68 5.87 -13.07
CA ALA C 692 44.28 4.63 -13.55
C ALA C 692 43.53 4.03 -14.72
N GLY C 693 42.23 4.32 -14.84
CA GLY C 693 41.47 3.86 -15.97
C GLY C 693 41.88 4.47 -17.29
N VAL C 694 42.45 5.68 -17.26
CA VAL C 694 43.03 6.26 -18.46
C VAL C 694 44.22 5.43 -18.93
N ALA C 695 45.04 4.96 -17.98
CA ALA C 695 46.12 4.04 -18.30
C ALA C 695 45.59 2.69 -18.78
N TRP C 696 44.46 2.24 -18.25
CA TRP C 696 43.82 1.02 -18.75
C TRP C 696 43.37 1.19 -20.20
N LEU C 697 42.79 2.35 -20.53
CA LEU C 697 42.38 2.63 -21.90
C LEU C 697 43.58 2.73 -22.82
N PHE C 698 44.68 3.29 -22.34
CA PHE C 698 45.91 3.36 -23.14
C PHE C 698 46.52 1.99 -23.35
N GLY C 699 46.44 1.10 -22.36
CA GLY C 699 46.86 -0.27 -22.55
C GLY C 699 45.99 -1.03 -23.53
N GLU C 700 44.68 -0.76 -23.52
CA GLU C 700 43.79 -1.38 -24.50
C GLU C 700 44.02 -0.84 -25.91
N ALA C 701 44.27 0.46 -26.06
CA ALA C 701 44.43 1.07 -27.38
C ALA C 701 45.69 0.65 -28.10
N TYR C 702 46.75 0.28 -27.36
CA TYR C 702 48.00 -0.11 -27.98
C TYR C 702 47.92 -1.47 -28.67
N LYS C 703 46.98 -2.33 -28.24
CA LYS C 703 46.98 -3.72 -28.69
C LYS C 703 46.52 -3.86 -30.13
N LEU C 704 45.64 -2.98 -30.61
CA LEU C 704 45.15 -3.08 -31.98
C LEU C 704 45.80 -2.08 -32.93
N THR C 705 46.23 -0.92 -32.44
CA THR C 705 46.84 0.08 -33.31
C THR C 705 48.36 -0.06 -33.34
N GLY C 706 49.01 0.06 -32.18
CA GLY C 706 50.46 -0.11 -32.09
C GLY C 706 51.26 1.17 -32.06
N GLU C 707 50.61 2.33 -32.00
CA GLU C 707 51.33 3.60 -31.94
C GLU C 707 51.91 3.82 -30.55
N SER C 708 53.12 4.39 -30.52
CA SER C 708 53.80 4.68 -29.25
C SER C 708 53.26 5.91 -28.56
N ILE C 709 52.45 6.72 -29.25
CA ILE C 709 51.83 7.89 -28.63
C ILE C 709 50.85 7.46 -27.55
N TYR C 710 50.17 6.33 -27.77
CA TYR C 710 49.32 5.75 -26.73
C TYR C 710 50.13 5.26 -25.55
N LYS C 711 51.33 4.74 -25.80
CA LYS C 711 52.15 4.15 -24.74
C LYS C 711 52.76 5.24 -23.85
N ASN C 712 53.24 6.33 -24.47
CA ASN C 712 53.87 7.41 -23.70
C ASN C 712 52.88 8.09 -22.76
N GLY C 713 51.61 8.18 -23.18
CA GLY C 713 50.57 8.64 -22.26
C GLY C 713 50.38 7.72 -21.08
N LEU C 714 50.54 6.40 -21.28
CA LEU C 714 50.43 5.45 -20.18
C LEU C 714 51.59 5.60 -19.20
N GLU C 715 52.82 5.75 -19.72
CA GLU C 715 53.93 5.98 -18.79
C GLU C 715 53.87 7.35 -18.13
N LEU C 716 53.19 8.32 -18.74
CA LEU C 716 52.94 9.59 -18.05
C LEU C 716 51.89 9.39 -16.95
N ALA C 717 50.83 8.63 -17.24
CA ALA C 717 49.70 8.51 -16.32
C ALA C 717 50.06 7.70 -15.08
N VAL C 718 50.86 6.64 -15.25
CA VAL C 718 51.28 5.83 -14.10
C VAL C 718 52.17 6.64 -13.16
N ASP C 719 53.11 7.40 -13.73
CA ASP C 719 53.99 8.25 -12.93
C ASP C 719 53.22 9.39 -12.27
N LYS C 720 52.16 9.89 -12.91
CA LYS C 720 51.33 10.89 -12.25
C LYS C 720 50.49 10.30 -11.14
N GLU C 721 50.06 9.03 -11.27
CA GLU C 721 49.25 8.44 -10.22
C GLU C 721 50.08 8.06 -9.00
N LEU C 722 51.30 7.54 -9.21
CA LEU C 722 52.09 7.01 -8.09
C LEU C 722 52.61 8.07 -7.12
N VAL C 723 52.30 9.35 -7.30
CA VAL C 723 52.66 10.36 -6.30
C VAL C 723 51.70 10.38 -5.11
N ALA C 724 50.60 9.62 -5.18
CA ALA C 724 49.59 9.68 -4.12
C ALA C 724 49.88 8.73 -2.96
N TYR C 725 50.63 7.67 -3.21
CA TYR C 725 50.81 6.64 -2.18
C TYR C 725 51.89 7.05 -1.19
N LYS C 726 51.85 6.40 -0.02
CA LYS C 726 52.80 6.62 1.05
C LYS C 726 53.34 5.28 1.54
N VAL C 727 54.65 5.24 1.78
CA VAL C 727 55.29 4.01 2.26
C VAL C 727 55.04 3.88 3.76
N ASP C 728 54.51 2.73 4.16
CA ASP C 728 54.20 2.43 5.55
C ASP C 728 55.37 1.64 6.14
N SER C 729 55.35 1.43 7.47
CA SER C 729 56.40 0.71 8.16
C SER C 729 56.47 -0.77 7.77
N ASN C 730 55.41 -1.32 7.18
CA ASN C 730 55.42 -2.67 6.65
C ASN C 730 55.96 -2.73 5.22
N ASN C 731 56.44 -1.60 4.69
CA ASN C 731 56.96 -1.43 3.32
C ASN C 731 55.91 -1.83 2.29
N SER C 732 54.77 -1.13 2.33
CA SER C 732 53.67 -1.36 1.44
C SER C 732 53.15 -0.03 0.91
N LEU C 733 52.71 -0.03 -0.35
CA LEU C 733 52.15 1.16 -0.99
C LEU C 733 50.64 1.07 -0.96
N GLN C 734 50.00 1.99 -0.24
CA GLN C 734 48.56 2.03 -0.09
C GLN C 734 48.04 3.41 -0.45
N TYR C 735 46.77 3.47 -0.83
CA TYR C 735 46.12 4.76 -1.04
C TYR C 735 45.94 5.48 0.29
N SER C 736 45.95 6.80 0.24
CA SER C 736 45.90 7.61 1.47
C SER C 736 44.95 8.79 1.24
N GLN C 737 43.71 8.63 1.69
CA GLN C 737 42.76 9.73 1.78
C GLN C 737 42.41 9.95 3.24
N GLY C 738 42.44 11.21 3.68
CA GLY C 738 42.28 11.53 5.08
C GLY C 738 43.43 11.01 5.92
N HIS C 739 43.15 9.98 6.73
CA HIS C 739 44.19 9.31 7.50
C HIS C 739 43.98 7.80 7.48
N ARG C 740 43.23 7.30 6.50
CA ARG C 740 42.94 5.88 6.36
C ARG C 740 43.74 5.33 5.19
N LEU C 741 44.33 4.15 5.36
CA LEU C 741 45.03 3.48 4.27
C LEU C 741 44.11 2.42 3.67
N LEU C 742 43.95 2.46 2.34
CA LEU C 742 42.96 1.65 1.64
C LEU C 742 43.60 0.80 0.57
N PRO C 743 44.01 -0.43 0.89
CA PRO C 743 44.30 -1.40 -0.17
C PRO C 743 43.04 -2.11 -0.63
N TYR C 744 42.55 -1.79 -1.82
CA TYR C 744 41.32 -2.38 -2.35
C TYR C 744 41.42 -2.43 -3.87
N LEU C 745 40.41 -3.04 -4.50
CA LEU C 745 40.40 -3.11 -5.96
C LEU C 745 40.09 -1.75 -6.58
N ALA C 746 39.05 -1.07 -6.09
CA ALA C 746 38.61 0.14 -6.77
C ALA C 746 39.49 1.33 -6.42
N THR C 747 39.43 1.79 -5.17
CA THR C 747 40.25 2.91 -4.72
C THR C 747 41.44 2.40 -3.91
N GLY C 748 42.33 1.68 -4.57
CA GLY C 748 43.44 1.11 -3.85
C GLY C 748 44.54 0.55 -4.73
N SER C 749 45.41 -0.23 -4.09
CA SER C 749 46.63 -0.73 -4.71
C SER C 749 46.39 -1.93 -5.63
N ALA C 750 45.31 -2.68 -5.41
CA ALA C 750 45.04 -3.87 -6.22
C ALA C 750 44.73 -3.52 -7.67
N GLY C 751 44.12 -2.35 -7.89
CA GLY C 751 43.87 -1.90 -9.26
C GLY C 751 45.15 -1.61 -10.02
N LEU C 752 46.10 -0.94 -9.38
CA LEU C 752 47.39 -0.69 -10.00
C LEU C 752 48.19 -1.98 -10.16
N LEU C 753 48.06 -2.92 -9.20
CA LEU C 753 48.74 -4.20 -9.31
C LEU C 753 48.24 -4.98 -10.52
N LEU C 754 46.92 -5.00 -10.74
CA LEU C 754 46.36 -5.71 -11.88
C LEU C 754 46.63 -4.97 -13.18
N LEU C 755 46.71 -3.63 -13.13
CA LEU C 755 47.06 -2.85 -14.32
C LEU C 755 48.49 -3.12 -14.76
N ILE C 756 49.41 -3.21 -13.80
CA ILE C 756 50.81 -3.54 -14.14
C ILE C 756 50.92 -4.99 -14.60
N ASN C 757 50.17 -5.90 -13.97
CA ASN C 757 50.19 -7.30 -14.39
C ASN C 757 49.54 -7.53 -15.75
N ARG C 758 48.66 -6.63 -16.19
CA ARG C 758 48.07 -6.75 -17.52
C ARG C 758 49.10 -6.45 -18.61
N ASN C 759 49.89 -5.40 -18.42
CA ASN C 759 50.83 -4.91 -19.43
C ASN C 759 52.27 -5.15 -19.02
N LYS C 760 52.55 -6.32 -18.43
CA LYS C 760 53.91 -6.61 -17.98
C LYS C 760 54.85 -6.91 -19.15
N GLU C 761 54.31 -7.34 -20.30
CA GLU C 761 55.14 -7.63 -21.45
C GLU C 761 55.40 -6.40 -22.31
N ILE C 762 54.66 -5.31 -22.09
CA ILE C 762 54.85 -4.11 -22.89
C ILE C 762 55.71 -3.10 -22.13
N LEU C 763 55.52 -3.00 -20.82
CA LEU C 763 56.17 -2.00 -19.98
C LEU C 763 57.66 -2.33 -19.82
N SER C 764 58.41 -1.33 -19.37
CA SER C 764 59.84 -1.43 -19.21
C SER C 764 60.19 -1.93 -17.80
N SER C 765 61.49 -2.06 -17.53
CA SER C 765 61.96 -2.59 -16.25
C SER C 765 61.91 -1.58 -15.12
N LYS C 766 61.69 -0.30 -15.41
CA LYS C 766 61.60 0.70 -14.35
C LYS C 766 60.21 0.81 -13.75
N TYR C 767 59.24 0.06 -14.26
CA TYR C 767 57.90 0.03 -13.68
C TYR C 767 57.55 -1.30 -13.02
N LEU C 768 58.32 -2.35 -13.30
CA LEU C 768 58.03 -3.68 -12.75
C LEU C 768 58.63 -3.89 -11.37
N LYS C 769 59.30 -2.89 -10.80
CA LYS C 769 59.89 -3.01 -9.47
C LYS C 769 58.86 -2.88 -8.36
N TYR C 770 57.63 -2.49 -8.67
CA TYR C 770 56.59 -2.29 -7.68
C TYR C 770 55.78 -3.56 -7.41
N LEU C 771 56.08 -4.66 -8.10
CA LEU C 771 55.34 -5.91 -7.90
C LEU C 771 55.63 -6.51 -6.53
N THR C 772 56.87 -6.35 -6.05
CA THR C 772 57.20 -6.83 -4.71
C THR C 772 56.70 -5.90 -3.61
N SER C 773 56.25 -4.69 -3.97
CA SER C 773 55.77 -3.76 -2.96
C SER C 773 54.25 -3.78 -2.87
N LEU C 774 53.56 -3.88 -4.00
CA LEU C 774 52.10 -3.90 -3.97
C LEU C 774 51.54 -5.23 -3.46
N GLU C 775 52.28 -6.32 -3.65
CA GLU C 775 51.82 -7.63 -3.20
C GLU C 775 51.96 -7.80 -1.68
N ARG C 776 52.69 -6.93 -1.00
CA ARG C 776 52.73 -6.93 0.45
C ARG C 776 51.62 -6.08 1.06
N ALA C 777 50.80 -5.43 0.23
CA ALA C 777 49.65 -4.67 0.70
C ALA C 777 48.34 -5.36 0.45
N THR C 778 48.29 -6.36 -0.44
CA THR C 778 47.10 -7.14 -0.70
C THR C 778 47.18 -8.51 -0.04
N ASP C 779 48.11 -8.69 0.88
CA ASP C 779 48.27 -9.90 1.66
C ASP C 779 47.63 -9.73 3.04
N VAL C 780 46.53 -8.98 3.09
CA VAL C 780 45.89 -8.67 4.36
C VAL C 780 45.16 -9.90 4.89
N VAL C 781 45.15 -10.02 6.22
CA VAL C 781 44.55 -11.17 6.89
C VAL C 781 43.06 -10.94 7.08
N PHE C 782 42.68 -9.72 7.45
CA PHE C 782 41.30 -9.40 7.74
C PHE C 782 40.90 -8.07 7.12
N CYS C 783 39.71 -8.03 6.54
CA CYS C 783 39.07 -6.78 6.14
C CYS C 783 37.58 -6.90 6.40
N VAL C 784 36.95 -5.76 6.66
CA VAL C 784 35.57 -5.76 7.16
C VAL C 784 34.58 -6.11 6.06
N LEU C 785 34.77 -5.58 4.86
CA LEU C 785 33.70 -5.72 3.87
C LEU C 785 33.95 -6.92 2.96
N PRO C 786 32.89 -7.59 2.50
CA PRO C 786 33.06 -8.74 1.59
C PRO C 786 32.88 -8.44 0.11
N GLY C 787 32.70 -7.19 -0.30
CA GLY C 787 32.32 -6.88 -1.66
C GLY C 787 33.47 -7.01 -2.66
N LEU C 788 33.19 -6.56 -3.89
CA LEU C 788 34.20 -6.61 -4.94
C LEU C 788 35.02 -5.32 -4.98
N PHE C 789 34.35 -4.17 -5.03
CA PHE C 789 35.06 -2.90 -5.23
C PHE C 789 35.87 -2.51 -4.01
N ASN C 790 35.33 -2.70 -2.81
CA ASN C 790 36.00 -2.30 -1.58
C ASN C 790 35.89 -3.41 -0.54
N GLY C 791 36.18 -4.64 -0.94
CA GLY C 791 36.06 -5.77 -0.05
C GLY C 791 37.13 -6.83 -0.25
N PHE C 792 36.84 -8.03 0.25
CA PHE C 792 37.81 -9.12 0.25
C PHE C 792 37.95 -9.77 -1.13
N CYS C 793 36.84 -9.88 -1.85
CA CYS C 793 36.85 -10.57 -3.14
C CYS C 793 37.69 -9.83 -4.17
N GLY C 794 37.68 -8.49 -4.12
CA GLY C 794 38.57 -7.72 -4.97
C GLY C 794 40.03 -7.92 -4.64
N LEU C 795 40.35 -8.10 -3.35
CA LEU C 795 41.71 -8.39 -2.96
C LEU C 795 42.16 -9.79 -3.35
N GLU C 796 41.22 -10.74 -3.43
CA GLU C 796 41.59 -12.10 -3.81
C GLU C 796 41.43 -12.39 -5.29
N VAL C 797 40.87 -11.46 -6.08
CA VAL C 797 40.82 -11.66 -7.52
C VAL C 797 41.99 -10.97 -8.22
N ALA C 798 42.54 -9.91 -7.63
CA ALA C 798 43.66 -9.21 -8.23
C ALA C 798 45.01 -9.78 -7.81
N ASN C 799 45.03 -10.69 -6.84
CA ASN C 799 46.29 -11.29 -6.41
C ASN C 799 46.81 -12.29 -7.43
N ASN C 800 45.92 -13.14 -7.96
CA ASN C 800 46.29 -14.16 -8.95
C ASN C 800 45.25 -14.19 -10.07
N ILE C 801 45.43 -13.34 -11.07
CA ILE C 801 44.59 -13.42 -12.26
C ILE C 801 45.40 -13.49 -13.55
N TYR C 802 46.39 -12.60 -13.71
CA TYR C 802 47.12 -12.48 -14.97
C TYR C 802 48.51 -13.10 -14.88
N SER C 803 48.68 -14.11 -14.05
CA SER C 803 49.96 -14.81 -13.96
C SER C 803 50.20 -15.65 -15.20
N ASP C 804 51.49 -15.90 -15.48
CA ASP C 804 51.85 -16.73 -16.63
C ASP C 804 51.47 -18.19 -16.42
N ILE C 805 51.55 -18.68 -15.19
CA ILE C 805 51.11 -20.05 -14.91
C ILE C 805 49.59 -20.12 -14.93
N ASP C 806 49.07 -21.34 -15.07
CA ASP C 806 47.65 -21.56 -15.26
C ASP C 806 47.04 -22.46 -14.18
N ASP C 807 47.65 -22.52 -13.01
CA ASP C 807 47.03 -23.23 -11.89
C ASP C 807 46.11 -22.28 -11.13
N ASN C 808 44.85 -22.69 -10.97
CA ASN C 808 43.84 -21.83 -10.39
C ASN C 808 43.15 -22.40 -9.17
N PHE C 809 43.56 -23.59 -8.70
CA PHE C 809 42.85 -24.23 -7.60
C PHE C 809 43.11 -23.53 -6.26
N SER C 810 44.30 -22.95 -6.08
CA SER C 810 44.57 -22.19 -4.87
C SER C 810 43.75 -20.90 -4.83
N GLY C 811 43.57 -20.27 -5.98
CA GLY C 811 42.72 -19.08 -6.05
C GLY C 811 41.26 -19.39 -5.78
N GLN C 812 40.80 -20.57 -6.16
CA GLN C 812 39.49 -21.05 -5.72
C GLN C 812 39.47 -21.27 -4.21
N LYS C 813 40.47 -21.98 -3.68
CA LYS C 813 40.40 -22.49 -2.31
C LYS C 813 40.50 -21.37 -1.29
N LYS C 814 41.41 -20.41 -1.50
CA LYS C 814 41.55 -19.30 -0.57
C LYS C 814 40.31 -18.41 -0.55
N LEU C 815 39.75 -18.13 -1.74
CA LEU C 815 38.60 -17.26 -1.84
C LEU C 815 37.35 -17.91 -1.28
N ILE C 816 37.17 -19.22 -1.49
CA ILE C 816 36.00 -19.90 -0.93
C ILE C 816 36.16 -20.06 0.58
N GLU C 817 37.35 -20.43 1.05
CA GLU C 817 37.54 -20.75 2.46
C GLU C 817 37.51 -19.51 3.34
N GLN C 818 38.12 -18.42 2.89
CA GLN C 818 38.13 -17.24 3.75
C GLN C 818 36.85 -16.42 3.66
N LEU C 819 36.01 -16.65 2.65
CA LEU C 819 34.70 -15.99 2.57
C LEU C 819 33.64 -16.95 3.07
N TYR C 820 33.67 -17.14 4.39
CA TYR C 820 32.65 -17.91 5.10
C TYR C 820 32.09 -17.18 6.32
N ARG C 821 32.80 -16.21 6.86
CA ARG C 821 32.35 -15.46 8.03
C ARG C 821 31.36 -14.36 7.68
N TYR C 822 31.15 -14.08 6.40
CA TYR C 822 30.21 -13.05 5.96
C TYR C 822 28.87 -13.63 5.49
N LEU C 823 28.69 -14.94 5.58
CA LEU C 823 27.53 -15.60 4.98
C LEU C 823 26.42 -15.84 5.99
N CYS C 824 25.19 -15.77 5.50
CA CYS C 824 24.00 -16.16 6.25
C CYS C 824 23.33 -17.31 5.53
N VAL C 825 22.71 -18.26 6.18
CA VAL C 825 22.11 -19.34 5.47
C VAL C 825 20.64 -19.13 5.41
N ILE C 826 19.89 -19.53 4.38
CA ILE C 826 18.44 -19.29 4.28
C ILE C 826 17.61 -20.57 4.12
N GLU C 827 18.16 -21.59 3.50
CA GLU C 827 17.48 -22.87 3.28
C GLU C 827 18.24 -23.42 2.17
N GLU C 828 19.34 -24.07 2.45
CA GLU C 828 20.15 -24.52 1.39
C GLU C 828 20.38 -23.33 0.54
N GLY C 829 20.82 -22.24 1.13
CA GLY C 829 21.10 -21.04 0.38
C GLY C 829 22.36 -20.41 0.88
N PHE C 830 22.61 -19.18 0.53
CA PHE C 830 23.77 -18.50 1.02
C PHE C 830 23.59 -17.12 0.50
N VAL C 831 23.02 -16.24 1.26
CA VAL C 831 22.74 -14.86 0.89
C VAL C 831 23.73 -13.97 1.62
N ILE C 832 24.32 -13.02 0.90
CA ILE C 832 25.47 -12.25 1.38
C ILE C 832 25.01 -10.86 1.77
N ALA C 833 25.29 -10.48 3.01
CA ALA C 833 25.04 -9.11 3.45
C ALA C 833 26.08 -8.18 2.85
N GLY C 834 25.64 -6.98 2.48
CA GLY C 834 26.52 -5.99 1.91
C GLY C 834 27.31 -5.25 2.97
N ASP C 835 27.98 -4.18 2.53
CA ASP C 835 28.67 -3.30 3.46
C ASP C 835 27.67 -2.58 4.36
N ASN C 836 28.05 -2.41 5.64
CA ASN C 836 27.16 -2.03 6.74
C ASN C 836 25.97 -2.98 6.78
N GLY C 837 26.28 -4.23 7.09
CA GLY C 837 25.38 -5.34 6.83
C GLY C 837 24.23 -5.33 7.83
N LEU C 838 23.23 -4.48 7.60
CA LEU C 838 21.87 -4.62 8.12
C LEU C 838 20.92 -4.99 6.99
N LYS C 839 21.40 -5.79 6.03
CA LYS C 839 20.79 -5.94 4.73
C LYS C 839 21.05 -7.32 4.19
N ILE C 840 20.38 -7.63 3.08
CA ILE C 840 20.85 -8.60 2.10
C ILE C 840 20.79 -7.92 0.74
N THR C 841 21.88 -8.00 -0.02
CA THR C 841 22.01 -7.25 -1.26
C THR C 841 22.48 -8.15 -2.39
N THR C 842 21.97 -7.88 -3.60
CA THR C 842 22.35 -8.60 -4.81
C THR C 842 22.70 -7.59 -5.89
N ASP C 843 23.96 -7.17 -5.92
CA ASP C 843 24.49 -6.31 -6.98
C ASP C 843 25.98 -6.56 -7.08
N ILE C 844 26.58 -6.06 -8.17
CA ILE C 844 27.99 -6.37 -8.44
C ILE C 844 28.93 -5.56 -7.55
N ALA C 845 28.44 -4.51 -6.89
CA ALA C 845 29.28 -3.71 -6.01
C ALA C 845 29.57 -4.43 -4.70
N SER C 846 28.51 -4.88 -4.00
CA SER C 846 28.68 -5.62 -2.76
C SER C 846 27.48 -6.55 -2.63
N GLY C 847 27.66 -7.81 -3.03
CA GLY C 847 26.56 -8.76 -2.97
C GLY C 847 26.88 -10.06 -3.68
N PHE C 848 25.82 -10.71 -4.16
CA PHE C 848 25.96 -12.01 -4.82
C PHE C 848 26.69 -11.89 -6.15
N ALA C 849 26.38 -10.86 -6.93
CA ALA C 849 26.94 -10.73 -8.28
C ALA C 849 28.44 -10.47 -8.24
N GLY C 850 28.91 -9.74 -7.22
CA GLY C 850 30.34 -9.52 -7.08
C GLY C 850 31.11 -10.80 -6.80
N VAL C 851 30.56 -11.67 -5.95
CA VAL C 851 31.20 -12.95 -5.67
C VAL C 851 31.13 -13.86 -6.89
N ALA C 852 30.04 -13.77 -7.66
CA ALA C 852 29.92 -14.56 -8.90
C ALA C 852 30.97 -14.14 -9.92
N ILE C 853 31.16 -12.84 -10.13
CA ILE C 853 32.22 -12.33 -11.01
C ILE C 853 33.60 -12.68 -10.46
N GLY C 854 33.77 -12.68 -9.13
CA GLY C 854 35.04 -13.07 -8.56
C GLY C 854 35.40 -14.52 -8.84
N LEU C 855 34.44 -15.42 -8.69
CA LEU C 855 34.68 -16.84 -8.98
C LEU C 855 34.92 -17.07 -10.47
N VAL C 856 34.17 -16.37 -11.33
CA VAL C 856 34.38 -16.48 -12.77
C VAL C 856 35.76 -15.96 -13.17
N SER C 857 36.17 -14.83 -12.60
CA SER C 857 37.44 -14.22 -12.96
C SER C 857 38.65 -14.94 -12.34
N ILE C 858 38.46 -15.72 -11.28
CA ILE C 858 39.49 -16.69 -10.91
C ILE C 858 39.52 -17.82 -11.92
N MET C 859 38.35 -18.32 -12.33
CA MET C 859 38.33 -19.43 -13.28
C MET C 859 38.70 -18.97 -14.68
N ASP C 860 37.89 -18.11 -15.28
CA ASP C 860 38.24 -17.53 -16.57
C ASP C 860 39.28 -16.43 -16.37
N ASN C 861 40.35 -16.47 -17.14
CA ASN C 861 41.49 -15.56 -16.96
C ASN C 861 41.25 -14.20 -17.61
N LYS C 862 40.15 -13.53 -17.26
CA LYS C 862 39.78 -12.36 -18.05
C LYS C 862 39.47 -11.11 -17.24
N LEU C 863 38.81 -11.24 -16.08
CA LEU C 863 38.07 -10.17 -15.40
C LEU C 863 37.05 -9.64 -16.40
N THR C 864 36.00 -10.42 -16.64
CA THR C 864 35.09 -10.24 -17.76
C THR C 864 34.13 -9.05 -17.61
N ILE C 865 34.29 -8.17 -16.63
CA ILE C 865 33.47 -6.97 -16.54
C ILE C 865 34.18 -5.74 -17.11
N LEU C 866 35.23 -5.94 -17.88
CA LEU C 866 35.86 -4.85 -18.60
C LEU C 866 36.06 -5.25 -20.05
N PRO C 867 35.89 -4.32 -20.99
CA PRO C 867 36.09 -4.65 -22.41
C PRO C 867 37.55 -4.92 -22.72
N GLN C 868 37.82 -6.07 -23.32
CA GLN C 868 39.16 -6.52 -23.64
C GLN C 868 39.24 -6.94 -25.11
N ILE C 869 40.46 -7.10 -25.59
CA ILE C 869 40.70 -7.59 -26.94
C ILE C 869 41.67 -8.76 -26.86
#